data_5C09
#
_entry.id   5C09
#
_cell.length_a   43.830
_cell.length_b   100.070
_cell.length_c   122.440
_cell.angle_alpha   96.910
_cell.angle_beta   98.310
_cell.angle_gamma   96.520
#
_symmetry.space_group_name_H-M   'P 1'
#
loop_
_entity.id
_entity.type
_entity.pdbx_description
1 polymer 'HLA class I histocompatibility antigen, A-2 alpha chain'
2 polymer Beta-2-microglobulin
3 polymer 'Marker peptide'
4 polymer '1E6 TCR Alpha Chain'
5 polymer '1E6 TCR Beta Chain'
6 non-polymer 'SULFATE ION'
7 water water
#
loop_
_entity_poly.entity_id
_entity_poly.type
_entity_poly.pdbx_seq_one_letter_code
_entity_poly.pdbx_strand_id
1 'polypeptide(L)'
;GSHSMRYFFTSVSRPGRGEPRFIAVGYVDDTQFVRFDSDAASQRMEPRAPWIEQEGPEYWDGETRKVKAHSQTHRVDLGT
LRGYYNQSEAGSHTVQRMYGCDVGSDWRFLRGYHQYAYDGKDYIALKEDLRSWTAADMAAQTTKHKWEAAHVAEQLRAYL
EGTCVEWLRRYLENGKETLQRTDAPKTHMTHHAVSDHEATLRCWALSFYPAEITLTWQRDGEDQTQDTELVETRPAGDGT
FQKWAAVVVPSGQEQRYTCHVQHEGLPKPLTLRWEP
;
A,F
2 'polypeptide(L)'
;MIQRTPKIQVYSRHPAENGKSNFLNCYVSGFHPSDIEVDLLKNGERIEKVEHSDLSFSKDWSFYLLYYTEFTPTEKDEYA
CRVNHVTLSQPKIVKWDRDM
;
B,G
3 'polypeptide(L)' YLGGPDFPTI C,H
4 'polypeptide(L)'
;EVEQDPGPLSVPEGAIVSLNCTYSNSAFQYFMWYRQYSRKGPELLMYTYSSGNKEDGRFTAQVDKSSKYISLFIRDSQPS
DSATYLCAMRGDSSYKLIFGSGTRLLVRPDIQNPDPAVYQLRDSKSSDKSVCLFTDFDSQTNVSQSKDSDVYITDKCVLD
MRSMDFKSNSAVAWSNKSDFACANAFNNSIIPEDTFFPSP
;
D,I
5 'polypeptide(L)'
;DAGVIQSPRHEVTEMGQQVTLRCKPISGHDYLFWYRQTMMRGLELLIYFNNNVPIDDSGMPEDRFSAKMPNASFSTLKIQ
PSEPRDSAVYFCASSLWEKLAKNIQYFGAGTRLSVLEDLKNVFPPEVAVFEPSEAEISHTQKATLVCLATGFYPDHVELS
WWVNGKEVHSGVCTDPQPLKEQPALNDSRYALSSRLRVSATFWQDPRNHFRCQVQFYGLSENDEWTQDRAKPVTQIVSAE
AWGRAD
;
E,J
#
# COMPACT_ATOMS: atom_id res chain seq x y z
N GLY A 1 34.36 14.65 -35.69
CA GLY A 1 35.32 14.66 -34.55
C GLY A 1 34.73 13.97 -33.33
N SER A 2 34.48 14.76 -32.28
CA SER A 2 34.11 14.25 -30.99
C SER A 2 32.61 13.91 -30.92
N HIS A 3 32.25 13.02 -30.00
CA HIS A 3 30.89 12.51 -29.91
C HIS A 3 30.41 12.38 -28.47
N SER A 4 29.12 12.15 -28.31
CA SER A 4 28.41 12.11 -27.04
C SER A 4 27.38 11.07 -27.05
N MET A 5 27.15 10.47 -25.90
CA MET A 5 25.92 9.78 -25.62
C MET A 5 25.37 10.32 -24.28
N ARG A 6 24.12 10.79 -24.30
CA ARG A 6 23.52 11.39 -23.13
C ARG A 6 22.09 10.90 -22.90
N TYR A 7 21.77 10.73 -21.62
CA TYR A 7 20.41 10.40 -21.23
C TYR A 7 19.84 11.52 -20.42
N PHE A 8 18.62 11.89 -20.73
CA PHE A 8 17.91 12.94 -19.98
C PHE A 8 16.69 12.35 -19.24
N PHE A 9 16.58 12.57 -17.94
CA PHE A 9 15.37 12.07 -17.20
C PHE A 9 14.60 13.21 -16.56
N THR A 10 13.28 13.24 -16.75
CA THR A 10 12.47 14.22 -16.10
C THR A 10 11.33 13.53 -15.36
N SER A 11 11.14 13.94 -14.14
CA SER A 11 10.08 13.33 -13.38
C SER A 11 9.29 14.43 -12.68
N VAL A 12 7.97 14.46 -12.89
CA VAL A 12 7.10 15.58 -12.39
C VAL A 12 6.04 15.06 -11.44
N SER A 13 5.96 15.59 -10.22
CA SER A 13 4.96 15.12 -9.28
C SER A 13 3.62 15.71 -9.63
N ARG A 14 2.56 14.92 -9.40
CA ARG A 14 1.19 15.34 -9.69
C ARG A 14 0.28 15.01 -8.50
N PRO A 15 0.37 15.81 -7.45
CA PRO A 15 -0.54 15.52 -6.34
C PRO A 15 -1.98 15.40 -6.82
N GLY A 16 -2.69 14.37 -6.38
CA GLY A 16 -4.05 14.13 -6.85
C GLY A 16 -4.12 13.13 -7.98
N ARG A 17 -2.98 12.83 -8.59
CA ARG A 17 -2.85 11.76 -9.60
C ARG A 17 -2.15 10.54 -8.94
N GLY A 18 -2.32 9.33 -9.47
CA GLY A 18 -1.57 8.12 -8.97
C GLY A 18 -0.04 8.10 -8.88
N GLU A 19 0.63 8.90 -9.68
CA GLU A 19 2.07 8.73 -9.85
C GLU A 19 2.61 9.93 -10.59
N PRO A 20 3.90 10.21 -10.43
CA PRO A 20 4.57 11.21 -11.25
C PRO A 20 4.65 10.85 -12.75
N ARG A 21 4.63 11.83 -13.62
CA ARG A 21 5.01 11.68 -15.03
C ARG A 21 6.49 11.49 -15.13
N PHE A 22 6.91 10.37 -15.70
CA PHE A 22 8.32 10.16 -15.91
C PHE A 22 8.60 10.12 -17.42
N ILE A 23 9.57 10.92 -17.86
CA ILE A 23 10.00 10.94 -19.24
C ILE A 23 11.50 10.79 -19.32
N ALA A 24 11.95 9.92 -20.23
CA ALA A 24 13.37 9.67 -20.46
C ALA A 24 13.62 9.67 -21.92
N VAL A 25 14.69 10.35 -22.32
CA VAL A 25 15.16 10.31 -23.71
C VAL A 25 16.66 10.09 -23.75
N GLY A 26 17.09 9.38 -24.80
CA GLY A 26 18.50 9.15 -25.10
C GLY A 26 18.96 9.80 -26.42
N TYR A 27 20.17 10.39 -26.40
CA TYR A 27 20.76 10.97 -27.59
C TYR A 27 22.12 10.42 -27.88
N VAL A 28 22.43 10.24 -29.16
CA VAL A 28 23.82 10.23 -29.57
C VAL A 28 24.05 11.47 -30.38
N ASP A 29 24.97 12.30 -29.92
CA ASP A 29 25.18 13.64 -30.48
C ASP A 29 23.88 14.39 -30.47
N ASP A 30 23.54 15.00 -31.58
CA ASP A 30 22.30 15.78 -31.69
C ASP A 30 21.10 14.92 -32.11
N THR A 31 21.24 13.57 -32.12
CA THR A 31 20.20 12.69 -32.66
C THR A 31 19.57 11.85 -31.56
N GLN A 32 18.27 11.97 -31.40
CA GLN A 32 17.55 11.20 -30.42
C GLN A 32 17.37 9.77 -30.93
N PHE A 33 17.59 8.78 -30.07
CA PHE A 33 17.45 7.41 -30.50
C PHE A 33 16.52 6.57 -29.62
N VAL A 34 16.23 6.99 -28.39
CA VAL A 34 15.22 6.27 -27.58
C VAL A 34 14.38 7.20 -26.70
N ARG A 35 13.26 6.70 -26.25
CA ARG A 35 12.41 7.42 -25.31
C ARG A 35 11.62 6.44 -24.47
N PHE A 36 11.17 6.95 -23.34
CA PHE A 36 10.22 6.27 -22.51
C PHE A 36 9.29 7.30 -21.90
N ASP A 37 7.99 7.07 -21.96
CA ASP A 37 7.04 7.93 -21.27
C ASP A 37 6.14 7.12 -20.33
N SER A 38 6.20 7.45 -19.05
CA SER A 38 5.39 6.68 -18.07
C SER A 38 3.92 6.63 -18.30
N ASP A 39 3.35 7.58 -19.04
CA ASP A 39 1.92 7.65 -19.36
C ASP A 39 1.57 6.92 -20.72
N ALA A 40 2.56 6.45 -21.45
CA ALA A 40 2.25 5.92 -22.78
C ALA A 40 1.80 4.50 -22.55
N ALA A 41 1.02 3.96 -23.48
CA ALA A 41 0.46 2.64 -23.30
C ALA A 41 1.50 1.50 -23.38
N SER A 42 2.52 1.64 -24.20
CA SER A 42 3.44 0.50 -24.40
C SER A 42 4.06 0.04 -23.07
N GLN A 43 4.34 0.99 -22.16
CA GLN A 43 5.11 0.75 -20.94
C GLN A 43 6.47 0.09 -21.30
N ARG A 44 7.08 0.65 -22.32
CA ARG A 44 8.23 0.09 -23.00
C ARG A 44 9.21 1.18 -23.37
N MET A 45 10.50 0.89 -23.36
CA MET A 45 11.47 1.81 -23.98
C MET A 45 11.25 1.66 -25.49
N GLU A 46 11.22 2.77 -26.20
CA GLU A 46 10.84 2.81 -27.61
C GLU A 46 11.96 3.38 -28.47
N PRO A 47 12.15 2.84 -29.66
CA PRO A 47 13.15 3.32 -30.59
C PRO A 47 12.70 4.60 -31.26
N ARG A 48 13.64 5.51 -31.52
CA ARG A 48 13.32 6.74 -32.23
C ARG A 48 14.28 7.10 -33.39
N ALA A 49 15.22 6.21 -33.69
CA ALA A 49 16.13 6.37 -34.80
C ALA A 49 16.21 5.02 -35.50
N PRO A 50 16.50 5.01 -36.80
CA PRO A 50 16.45 3.73 -37.51
C PRO A 50 17.50 2.74 -37.05
N TRP A 51 18.65 3.22 -36.60
CA TRP A 51 19.71 2.27 -36.29
C TRP A 51 19.54 1.41 -35.04
N ILE A 52 18.91 1.88 -33.95
CA ILE A 52 18.75 0.99 -32.78
C ILE A 52 17.68 -0.07 -32.99
N GLU A 53 16.77 0.12 -33.95
CA GLU A 53 15.78 -0.94 -34.23
C GLU A 53 16.48 -2.29 -34.47
N GLN A 54 17.76 -2.26 -34.85
CA GLN A 54 18.50 -3.49 -35.05
C GLN A 54 18.73 -4.32 -33.80
N GLU A 55 18.55 -3.74 -32.62
CA GLU A 55 18.88 -4.50 -31.44
C GLU A 55 17.89 -5.62 -31.16
N GLY A 56 18.43 -6.74 -30.68
CA GLY A 56 17.63 -7.90 -30.41
C GLY A 56 16.75 -7.67 -29.22
N PRO A 57 15.88 -8.63 -28.93
CA PRO A 57 14.95 -8.48 -27.81
C PRO A 57 15.60 -8.33 -26.43
N GLU A 58 16.77 -8.91 -26.21
CA GLU A 58 17.44 -8.82 -24.89
C GLU A 58 17.79 -7.37 -24.60
N TYR A 59 18.37 -6.71 -25.57
CA TYR A 59 18.62 -5.28 -25.46
C TYR A 59 17.35 -4.52 -25.08
N TRP A 60 16.21 -4.78 -25.73
CA TRP A 60 15.04 -3.99 -25.41
C TRP A 60 14.40 -4.31 -24.06
N ASP A 61 14.44 -5.57 -23.63
CA ASP A 61 13.95 -5.91 -22.29
C ASP A 61 14.85 -5.26 -21.23
N GLY A 62 16.15 -5.32 -21.46
CA GLY A 62 17.07 -4.71 -20.53
C GLY A 62 16.86 -3.23 -20.44
N GLU A 63 16.74 -2.57 -21.59
CA GLU A 63 16.61 -1.16 -21.53
C GLU A 63 15.26 -0.79 -20.90
N THR A 64 14.19 -1.55 -21.17
CA THR A 64 12.92 -1.20 -20.55
C THR A 64 12.90 -1.50 -19.06
N ARG A 65 13.55 -2.57 -18.62
CA ARG A 65 13.62 -2.83 -17.20
C ARG A 65 14.39 -1.73 -16.45
N LYS A 66 15.57 -1.35 -16.97
CA LYS A 66 16.32 -0.26 -16.37
C LYS A 66 15.53 1.06 -16.34
N VAL A 67 14.86 1.47 -17.44
CA VAL A 67 14.19 2.78 -17.35
C VAL A 67 13.06 2.70 -16.35
N LYS A 68 12.37 1.57 -16.27
CA LYS A 68 11.25 1.48 -15.30
C LYS A 68 11.82 1.57 -13.91
N ALA A 69 12.94 0.92 -13.68
CA ALA A 69 13.60 0.99 -12.38
C ALA A 69 14.01 2.43 -12.12
N HIS A 70 14.48 3.14 -13.13
CA HIS A 70 14.79 4.56 -12.89
C HIS A 70 13.57 5.38 -12.43
N SER A 71 12.41 5.13 -13.01
CA SER A 71 11.25 5.91 -12.69
C SER A 71 10.83 5.73 -11.25
N GLN A 72 11.03 4.52 -10.69
CA GLN A 72 10.74 4.26 -9.29
C GLN A 72 11.63 5.02 -8.32
N THR A 73 12.90 5.06 -8.62
CA THR A 73 13.83 5.79 -7.79
C THR A 73 13.52 7.28 -7.79
N HIS A 74 13.21 7.86 -8.96
CA HIS A 74 12.83 9.25 -9.03
C HIS A 74 11.53 9.55 -8.29
N ARG A 75 10.61 8.58 -8.26
CA ARG A 75 9.36 8.72 -7.51
C ARG A 75 9.64 8.86 -6.01
N VAL A 76 10.53 8.06 -5.45
CA VAL A 76 10.82 8.22 -4.05
C VAL A 76 11.60 9.54 -3.85
N ASP A 77 12.52 9.90 -4.75
CA ASP A 77 13.24 11.16 -4.67
C ASP A 77 12.29 12.35 -4.52
N LEU A 78 11.22 12.38 -5.30
CA LEU A 78 10.28 13.49 -5.29
C LEU A 78 9.68 13.62 -3.90
N GLY A 79 9.34 12.50 -3.26
CA GLY A 79 8.80 12.51 -1.90
C GLY A 79 9.83 12.89 -0.86
N THR A 80 11.04 12.40 -0.97
CA THR A 80 12.02 12.79 0.05
C THR A 80 12.49 14.25 -0.15
N LEU A 81 12.74 14.68 -1.37
CA LEU A 81 13.03 16.09 -1.61
C LEU A 81 11.93 17.04 -1.06
N ARG A 82 10.67 16.71 -1.31
CA ARG A 82 9.55 17.47 -0.73
C ARG A 82 9.71 17.68 0.78
N GLY A 83 10.05 16.61 1.49
CA GLY A 83 10.33 16.69 2.93
C GLY A 83 11.56 17.55 3.20
N TYR A 84 12.67 17.29 2.52
CA TYR A 84 13.87 18.10 2.78
C TYR A 84 13.57 19.57 2.75
N TYR A 85 12.87 20.04 1.73
CA TYR A 85 12.57 21.50 1.63
C TYR A 85 11.25 21.97 2.25
N ASN A 86 10.61 21.06 2.98
CA ASN A 86 9.46 21.40 3.74
C ASN A 86 8.32 22.00 2.92
N GLN A 87 8.14 21.43 1.74
CA GLN A 87 7.20 21.95 0.77
C GLN A 87 5.84 21.29 0.94
N SER A 88 4.83 22.04 0.49
CA SER A 88 3.47 21.57 0.50
C SER A 88 3.30 20.38 -0.45
N GLU A 89 2.50 19.43 0.01
CA GLU A 89 2.05 18.29 -0.78
C GLU A 89 1.13 18.65 -1.95
N ALA A 90 0.65 19.88 -1.98
CA ALA A 90 -0.21 20.37 -3.05
C ALA A 90 0.45 20.78 -4.36
N GLY A 91 1.75 21.00 -4.38
CA GLY A 91 2.38 21.57 -5.57
C GLY A 91 3.08 20.50 -6.38
N SER A 92 3.23 20.77 -7.68
CA SER A 92 4.04 19.97 -8.55
C SER A 92 5.51 20.36 -8.49
N HIS A 93 6.35 19.37 -8.29
CA HIS A 93 7.80 19.58 -8.29
C HIS A 93 8.46 18.68 -9.30
N THR A 94 9.73 18.96 -9.57
CA THR A 94 10.43 18.29 -10.65
C THR A 94 11.81 17.86 -10.30
N VAL A 95 12.15 16.69 -10.76
CA VAL A 95 13.49 16.18 -10.64
C VAL A 95 14.00 15.92 -12.05
N GLN A 96 15.26 16.20 -12.28
CA GLN A 96 15.86 16.01 -13.58
C GLN A 96 17.23 15.42 -13.37
N ARG A 97 17.58 14.49 -14.22
CA ARG A 97 18.82 13.82 -14.15
C ARG A 97 19.33 13.77 -15.57
N MET A 98 20.63 13.96 -15.72
CA MET A 98 21.31 13.93 -17.00
C MET A 98 22.61 13.18 -16.80
N TYR A 99 22.87 12.19 -17.61
CA TYR A 99 24.20 11.61 -17.62
C TYR A 99 24.66 11.15 -18.98
N GLY A 100 25.96 10.95 -19.10
CA GLY A 100 26.57 10.55 -20.35
C GLY A 100 28.08 10.62 -20.37
N CYS A 101 28.63 10.26 -21.52
CA CYS A 101 30.07 10.26 -21.74
C CYS A 101 30.38 10.90 -23.07
N ASP A 102 31.49 11.60 -23.12
CA ASP A 102 32.05 12.15 -24.35
C ASP A 102 33.25 11.31 -24.78
N VAL A 103 33.49 11.35 -26.07
CA VAL A 103 34.53 10.55 -26.66
C VAL A 103 35.15 11.43 -27.69
N GLY A 104 36.49 11.38 -27.84
CA GLY A 104 37.24 12.23 -28.81
C GLY A 104 37.18 11.72 -30.23
N SER A 105 37.87 12.39 -31.16
CA SER A 105 37.84 12.00 -32.59
C SER A 105 38.50 10.64 -32.83
N ASP A 106 39.39 10.26 -31.93
CA ASP A 106 39.88 8.89 -31.83
C ASP A 106 38.90 7.95 -31.11
N TRP A 107 37.67 8.39 -30.84
CA TRP A 107 36.65 7.55 -30.21
C TRP A 107 37.05 7.03 -28.84
N ARG A 108 38.08 7.59 -28.21
CA ARG A 108 38.41 7.14 -26.86
C ARG A 108 37.84 8.13 -25.84
N PHE A 109 37.75 7.69 -24.61
CA PHE A 109 37.09 8.44 -23.55
C PHE A 109 37.74 9.80 -23.28
N LEU A 110 36.92 10.86 -23.30
CA LEU A 110 37.30 12.20 -22.82
C LEU A 110 36.73 12.51 -21.43
N ARG A 111 35.43 12.35 -21.30
CA ARG A 111 34.70 13.08 -20.28
C ARG A 111 33.49 12.28 -19.87
N GLY A 112 33.20 12.30 -18.58
CA GLY A 112 31.96 11.75 -18.07
C GLY A 112 31.22 12.73 -17.18
N TYR A 113 29.90 12.57 -17.10
CA TYR A 113 29.11 13.47 -16.28
C TYR A 113 27.82 12.82 -15.82
N HIS A 114 27.34 13.30 -14.68
CA HIS A 114 26.20 12.75 -14.04
C HIS A 114 25.69 13.79 -13.07
N GLN A 115 24.63 14.49 -13.47
CA GLN A 115 24.09 15.65 -12.74
C GLN A 115 22.63 15.47 -12.42
N TYR A 116 22.19 16.14 -11.36
CA TYR A 116 20.85 15.99 -10.80
C TYR A 116 20.26 17.32 -10.36
N ALA A 117 19.00 17.60 -10.72
CA ALA A 117 18.47 18.95 -10.45
C ALA A 117 17.14 18.78 -9.85
N TYR A 118 16.80 19.69 -8.94
CA TYR A 118 15.48 19.72 -8.28
C TYR A 118 14.89 21.09 -8.54
N ASP A 119 13.66 21.13 -9.03
CA ASP A 119 13.02 22.37 -9.44
C ASP A 119 13.88 23.30 -10.35
N GLY A 120 14.67 22.70 -11.25
CA GLY A 120 15.40 23.43 -12.29
C GLY A 120 16.75 23.97 -11.84
N LYS A 121 17.21 23.54 -10.66
CA LYS A 121 18.42 24.07 -10.01
C LYS A 121 19.31 22.91 -9.66
N ASP A 122 20.61 23.08 -9.86
CA ASP A 122 21.59 22.08 -9.48
C ASP A 122 21.36 21.59 -8.09
N TYR A 123 21.36 20.28 -7.93
CA TYR A 123 21.20 19.64 -6.63
C TYR A 123 22.49 18.89 -6.29
N ILE A 124 22.80 17.87 -7.04
CA ILE A 124 24.09 17.19 -6.81
C ILE A 124 24.65 16.76 -8.13
N ALA A 125 25.97 16.75 -8.23
CA ALA A 125 26.64 16.48 -9.49
C ALA A 125 28.00 15.80 -9.26
N LEU A 126 28.30 14.83 -10.12
CA LEU A 126 29.60 14.17 -10.12
C LEU A 126 30.69 15.08 -10.72
N LYS A 127 31.76 15.34 -10.00
CA LYS A 127 32.88 16.17 -10.53
C LYS A 127 33.62 15.46 -11.67
N GLU A 128 34.55 16.15 -12.34
CA GLU A 128 35.22 15.59 -13.53
C GLU A 128 35.99 14.30 -13.22
N ASP A 129 36.60 14.24 -12.04
CA ASP A 129 37.37 13.07 -11.64
C ASP A 129 36.51 11.79 -11.58
N LEU A 130 35.20 11.92 -11.41
CA LEU A 130 34.26 10.80 -11.29
C LEU A 130 34.49 10.02 -10.00
N ARG A 131 35.06 10.71 -9.02
CA ARG A 131 35.37 10.15 -7.72
C ARG A 131 34.73 10.91 -6.57
N SER A 132 34.23 12.12 -6.84
CA SER A 132 33.68 12.97 -5.79
C SER A 132 32.47 13.76 -6.30
N TRP A 133 31.86 14.54 -5.42
CA TRP A 133 30.56 15.15 -5.68
C TRP A 133 30.56 16.58 -5.35
N THR A 134 29.72 17.31 -6.05
CA THR A 134 29.51 18.71 -5.75
C THR A 134 28.06 18.79 -5.37
N ALA A 135 27.80 19.47 -4.26
CA ALA A 135 26.50 19.51 -3.64
C ALA A 135 26.08 20.95 -3.52
N ALA A 136 24.88 21.29 -3.95
CA ALA A 136 24.52 22.71 -4.04
C ALA A 136 24.17 23.38 -2.69
N ASP A 137 23.57 22.63 -1.78
CA ASP A 137 23.05 23.18 -0.52
C ASP A 137 23.06 22.07 0.52
N MET A 138 22.51 22.34 1.69
CA MET A 138 22.57 21.34 2.76
C MET A 138 21.68 20.07 2.54
N ALA A 139 20.49 20.19 1.97
CA ALA A 139 19.77 18.96 1.60
C ALA A 139 20.67 18.06 0.77
N ALA A 140 21.32 18.63 -0.23
CA ALA A 140 22.24 17.85 -1.09
C ALA A 140 23.45 17.28 -0.39
N GLN A 141 23.88 17.90 0.72
CA GLN A 141 25.02 17.40 1.48
C GLN A 141 24.68 16.10 2.16
N THR A 142 23.52 16.05 2.78
CA THR A 142 23.03 14.80 3.34
C THR A 142 23.09 13.69 2.27
N THR A 143 22.64 14.00 1.06
CA THR A 143 22.70 13.03 -0.02
C THR A 143 24.13 12.66 -0.36
N LYS A 144 25.02 13.66 -0.43
CA LYS A 144 26.40 13.40 -0.76
C LYS A 144 26.98 12.45 0.28
N HIS A 145 26.68 12.70 1.55
CA HIS A 145 27.17 11.82 2.60
C HIS A 145 26.70 10.37 2.38
N LYS A 146 25.42 10.21 2.17
CA LYS A 146 24.84 8.93 1.88
C LYS A 146 25.49 8.26 0.65
N TRP A 147 25.65 9.00 -0.44
CA TRP A 147 26.19 8.42 -1.66
C TRP A 147 27.68 8.08 -1.56
N GLU A 148 28.41 8.88 -0.78
CA GLU A 148 29.78 8.60 -0.51
C GLU A 148 29.90 7.35 0.33
N ALA A 149 29.09 7.29 1.38
CA ALA A 149 29.06 6.10 2.25
C ALA A 149 28.74 4.84 1.44
N ALA A 150 27.84 4.95 0.47
CA ALA A 150 27.43 3.80 -0.34
C ALA A 150 28.34 3.48 -1.50
N HIS A 151 29.40 4.27 -1.68
CA HIS A 151 30.37 4.06 -2.75
C HIS A 151 29.73 4.21 -4.12
N VAL A 152 28.83 5.18 -4.27
CA VAL A 152 28.05 5.25 -5.54
C VAL A 152 28.89 5.78 -6.69
N ALA A 153 29.79 6.75 -6.43
CA ALA A 153 30.72 7.24 -7.44
C ALA A 153 31.40 6.10 -8.19
N GLU A 154 31.83 5.11 -7.43
CA GLU A 154 32.56 3.99 -7.99
C GLU A 154 31.73 3.29 -9.09
N GLN A 155 30.46 2.99 -8.82
CA GLN A 155 29.59 2.33 -9.81
C GLN A 155 29.50 3.13 -11.08
N LEU A 156 29.16 4.40 -10.94
CA LEU A 156 29.02 5.26 -12.10
C LEU A 156 30.34 5.44 -12.91
N ARG A 157 31.48 5.54 -12.25
CA ARG A 157 32.72 5.68 -12.97
C ARG A 157 32.94 4.49 -13.89
N ALA A 158 32.56 3.29 -13.43
CA ALA A 158 32.77 2.05 -14.22
C ALA A 158 31.91 2.06 -15.46
N TYR A 159 30.78 2.72 -15.35
CA TYR A 159 29.83 2.79 -16.42
C TYR A 159 30.24 3.88 -17.40
N LEU A 160 30.48 5.07 -16.89
CA LEU A 160 30.88 6.23 -17.69
C LEU A 160 32.11 5.97 -18.53
N GLU A 161 33.14 5.40 -17.93
CA GLU A 161 34.47 5.21 -18.56
C GLU A 161 34.55 3.96 -19.42
N GLY A 162 33.74 2.96 -19.08
CA GLY A 162 33.74 1.71 -19.81
C GLY A 162 32.48 1.61 -20.67
N THR A 163 31.44 1.03 -20.09
CA THR A 163 30.20 0.65 -20.75
C THR A 163 29.60 1.74 -21.62
N CYS A 164 29.55 2.95 -21.10
CA CYS A 164 28.99 4.06 -21.86
C CYS A 164 29.76 4.23 -23.19
N VAL A 165 31.08 4.27 -23.11
CA VAL A 165 31.90 4.49 -24.32
C VAL A 165 31.74 3.31 -25.27
N GLU A 166 31.69 2.11 -24.70
CA GLU A 166 31.61 0.89 -25.50
C GLU A 166 30.35 0.92 -26.32
N TRP A 167 29.23 1.34 -25.71
CA TRP A 167 27.98 1.37 -26.43
C TRP A 167 27.92 2.55 -27.41
N LEU A 168 28.49 3.68 -27.02
CA LEU A 168 28.52 4.84 -27.90
C LEU A 168 29.23 4.47 -29.18
N ARG A 169 30.32 3.72 -29.05
CA ARG A 169 31.09 3.32 -30.23
C ARG A 169 30.32 2.33 -31.08
N ARG A 170 29.62 1.44 -30.41
CA ARG A 170 28.83 0.48 -31.11
C ARG A 170 27.71 1.21 -31.87
N TYR A 171 27.12 2.24 -31.28
CA TYR A 171 26.08 2.99 -31.93
C TYR A 171 26.62 3.77 -33.13
N LEU A 172 27.75 4.41 -32.95
CA LEU A 172 28.41 5.08 -34.04
C LEU A 172 28.66 4.19 -35.27
N GLU A 173 29.00 2.93 -35.05
CA GLU A 173 29.23 2.02 -36.17
C GLU A 173 27.91 1.63 -36.80
N ASN A 174 26.94 1.24 -35.97
CA ASN A 174 25.71 0.71 -36.51
C ASN A 174 24.85 1.78 -37.16
N GLY A 175 24.91 2.98 -36.61
CA GLY A 175 24.29 4.13 -37.23
C GLY A 175 25.21 5.04 -38.04
N LYS A 176 26.34 4.51 -38.51
CA LYS A 176 27.33 5.35 -39.19
C LYS A 176 26.75 6.17 -40.36
N GLU A 177 25.86 5.57 -41.13
CA GLU A 177 25.24 6.25 -42.30
C GLU A 177 24.52 7.55 -41.93
N THR A 178 24.06 7.67 -40.69
CA THR A 178 23.36 8.88 -40.28
C THR A 178 24.09 9.59 -39.14
N LEU A 179 24.60 8.86 -38.17
CA LEU A 179 25.40 9.47 -37.12
C LEU A 179 26.74 10.03 -37.63
N GLN A 180 27.39 9.38 -38.59
CA GLN A 180 28.69 9.86 -39.10
C GLN A 180 28.58 10.60 -40.43
N ARG A 181 27.37 10.97 -40.81
CA ARG A 181 27.17 11.81 -41.97
C ARG A 181 27.42 13.25 -41.57
N THR A 182 27.52 14.11 -42.54
CA THR A 182 27.51 15.51 -42.25
C THR A 182 26.83 16.22 -43.41
N ASP A 183 25.84 17.06 -43.11
CA ASP A 183 25.04 17.72 -44.13
C ASP A 183 25.43 19.17 -44.16
N ALA A 184 25.97 19.57 -45.29
CA ALA A 184 26.37 20.93 -45.50
C ALA A 184 25.13 21.82 -45.37
N PRO A 185 25.28 22.96 -44.69
CA PRO A 185 24.25 23.98 -44.75
C PRO A 185 24.02 24.51 -46.16
N LYS A 186 22.75 24.67 -46.48
CA LYS A 186 22.30 25.36 -47.66
C LYS A 186 21.98 26.80 -47.21
N THR A 187 22.50 27.75 -47.96
CA THR A 187 22.56 29.12 -47.50
C THR A 187 21.99 30.14 -48.45
N HIS A 188 21.43 31.22 -47.88
CA HIS A 188 20.99 32.38 -48.66
C HIS A 188 20.81 33.61 -47.77
N MET A 189 20.76 34.76 -48.42
CA MET A 189 20.58 36.04 -47.76
C MET A 189 19.27 36.69 -48.13
N THR A 190 18.78 37.49 -47.21
CA THR A 190 17.48 38.10 -47.30
C THR A 190 17.61 39.58 -46.93
N HIS A 191 16.73 40.40 -47.48
CA HIS A 191 16.88 41.84 -47.39
C HIS A 191 15.58 42.57 -47.03
N HIS A 192 15.64 43.43 -46.02
CA HIS A 192 14.44 44.18 -45.61
C HIS A 192 14.81 45.54 -45.03
N ALA A 193 14.03 46.56 -45.37
CA ALA A 193 14.25 47.88 -44.79
C ALA A 193 13.39 48.23 -43.57
N VAL A 194 13.67 49.43 -43.10
CA VAL A 194 12.68 50.33 -42.52
C VAL A 194 12.58 51.54 -43.50
N SER A 195 11.85 52.61 -43.20
CA SER A 195 11.91 53.78 -44.10
C SER A 195 13.35 54.30 -44.06
N ASP A 196 13.75 55.06 -45.09
CA ASP A 196 15.13 55.53 -45.30
C ASP A 196 16.31 54.75 -44.63
N HIS A 197 16.98 55.39 -43.65
CA HIS A 197 18.39 55.09 -43.33
C HIS A 197 18.80 53.70 -42.88
N GLU A 198 17.85 52.81 -42.58
CA GLU A 198 18.25 51.47 -42.10
C GLU A 198 17.69 50.32 -42.92
N ALA A 199 18.45 49.22 -42.93
CA ALA A 199 18.01 47.95 -43.51
C ALA A 199 18.55 46.77 -42.71
N THR A 200 17.94 45.61 -42.90
CA THR A 200 18.33 44.39 -42.18
C THR A 200 18.76 43.34 -43.18
N LEU A 201 19.94 42.76 -42.93
CA LEU A 201 20.45 41.67 -43.73
C LEU A 201 20.38 40.42 -42.88
N ARG A 202 19.77 39.38 -43.41
CA ARG A 202 19.60 38.15 -42.66
C ARG A 202 20.17 37.02 -43.47
N CYS A 203 21.10 36.32 -42.84
CA CYS A 203 21.85 35.24 -43.40
C CYS A 203 21.33 33.91 -42.87
N TRP A 204 20.94 33.01 -43.78
CA TRP A 204 20.34 31.75 -43.42
C TRP A 204 21.24 30.53 -43.63
N ALA A 205 21.23 29.62 -42.66
CA ALA A 205 21.72 28.26 -42.86
C ALA A 205 20.59 27.24 -42.63
N LEU A 206 20.26 26.46 -43.67
CA LEU A 206 19.20 25.46 -43.61
C LEU A 206 19.76 24.05 -43.79
N SER A 207 19.01 23.06 -43.27
CA SER A 207 19.30 21.62 -43.45
C SER A 207 20.69 21.14 -43.11
N PHE A 208 21.27 21.62 -42.04
CA PHE A 208 22.64 21.16 -41.71
C PHE A 208 22.63 20.16 -40.54
N TYR A 209 23.67 19.32 -40.49
CA TYR A 209 23.88 18.37 -39.40
C TYR A 209 25.38 18.09 -39.37
N PRO A 210 26.05 18.09 -38.21
CA PRO A 210 25.49 18.34 -36.85
C PRO A 210 25.13 19.80 -36.59
N ALA A 211 24.54 20.04 -35.42
CA ALA A 211 23.96 21.32 -35.06
C ALA A 211 24.95 22.44 -34.73
N GLU A 212 26.22 22.11 -34.51
CA GLU A 212 27.19 23.15 -34.22
C GLU A 212 27.47 23.98 -35.48
N ILE A 213 27.41 25.29 -35.35
CA ILE A 213 27.61 26.16 -36.48
C ILE A 213 27.99 27.55 -36.05
N THR A 214 28.80 28.22 -36.87
CA THR A 214 29.16 29.59 -36.57
C THR A 214 28.81 30.49 -37.77
N LEU A 215 28.03 31.52 -37.47
CA LEU A 215 27.55 32.50 -38.43
C LEU A 215 28.08 33.82 -37.96
N THR A 216 28.86 34.46 -38.82
CA THR A 216 29.60 35.64 -38.44
C THR A 216 29.38 36.70 -39.50
N TRP A 217 29.08 37.92 -39.08
CA TRP A 217 28.97 39.05 -39.97
C TRP A 217 30.24 39.89 -39.89
N GLN A 218 30.84 40.16 -41.05
CA GLN A 218 31.98 41.10 -41.12
C GLN A 218 31.61 42.32 -41.95
N ARG A 219 32.05 43.49 -41.48
CA ARG A 219 32.03 44.73 -42.28
C ARG A 219 33.47 44.97 -42.74
N ASP A 220 33.67 45.09 -44.05
CA ASP A 220 35.00 45.38 -44.58
C ASP A 220 36.06 44.34 -44.13
N GLY A 221 35.64 43.07 -43.97
CA GLY A 221 36.53 42.02 -43.49
C GLY A 221 36.83 42.03 -41.99
N GLU A 222 36.22 42.97 -41.25
CA GLU A 222 36.43 43.11 -39.80
C GLU A 222 35.34 42.41 -39.00
N ASP A 223 35.73 41.36 -38.29
CA ASP A 223 34.87 40.66 -37.35
C ASP A 223 34.21 41.69 -36.44
N GLN A 224 32.94 41.99 -36.69
CA GLN A 224 32.20 42.95 -35.90
C GLN A 224 30.82 42.42 -35.45
N THR A 225 30.64 42.44 -34.12
CA THR A 225 29.46 41.92 -33.44
C THR A 225 28.48 43.02 -33.03
N GLN A 226 28.95 44.26 -32.89
CA GLN A 226 28.07 45.35 -32.47
C GLN A 226 26.79 45.31 -33.29
N ASP A 227 25.64 45.25 -32.61
CA ASP A 227 24.34 45.14 -33.27
C ASP A 227 24.28 43.95 -34.23
N THR A 228 24.57 42.76 -33.70
CA THR A 228 24.38 41.50 -34.44
C THR A 228 23.58 40.44 -33.62
N GLU A 229 22.50 39.92 -34.20
CA GLU A 229 21.56 39.01 -33.51
C GLU A 229 21.54 37.59 -34.13
N LEU A 230 21.97 36.61 -33.34
CA LEU A 230 21.90 35.19 -33.72
C LEU A 230 20.72 34.49 -33.03
N VAL A 231 19.74 34.04 -33.79
CA VAL A 231 18.64 33.22 -33.25
C VAL A 231 19.18 31.86 -32.82
N GLU A 232 18.56 31.28 -31.77
CA GLU A 232 19.00 29.99 -31.24
C GLU A 232 18.89 28.97 -32.37
N THR A 233 19.80 28.00 -32.45
CA THR A 233 19.66 26.95 -33.47
C THR A 233 18.37 26.14 -33.22
N ARG A 234 17.72 25.69 -34.29
CA ARG A 234 16.41 25.13 -34.21
C ARG A 234 16.26 23.89 -35.07
N PRO A 235 15.55 22.87 -34.56
CA PRO A 235 15.40 21.68 -35.32
C PRO A 235 14.43 21.89 -36.46
N ALA A 236 14.77 21.34 -37.61
CA ALA A 236 13.86 21.37 -38.74
C ALA A 236 12.71 20.36 -38.60
N GLY A 237 12.91 19.31 -37.81
CA GLY A 237 11.94 18.20 -37.63
C GLY A 237 12.28 16.94 -38.44
N ASP A 238 13.19 17.07 -39.41
CA ASP A 238 13.57 15.96 -40.25
C ASP A 238 14.94 15.42 -39.84
N GLY A 239 15.48 15.89 -38.72
CA GLY A 239 16.83 15.52 -38.28
C GLY A 239 17.88 16.59 -38.58
N THR A 240 17.54 17.64 -39.33
CA THR A 240 18.53 18.69 -39.60
C THR A 240 18.25 19.97 -38.78
N PHE A 241 19.13 20.96 -38.90
CA PHE A 241 18.97 22.21 -38.15
C PHE A 241 18.95 23.47 -39.02
N GLN A 242 18.54 24.58 -38.39
CA GLN A 242 18.41 25.86 -39.08
C GLN A 242 18.88 26.94 -38.16
N LYS A 243 19.40 28.01 -38.76
CA LYS A 243 19.83 29.15 -38.01
C LYS A 243 19.97 30.37 -38.91
N TRP A 244 19.66 31.54 -38.40
CA TRP A 244 19.96 32.72 -39.13
C TRP A 244 20.64 33.74 -38.24
N ALA A 245 21.35 34.66 -38.89
CA ALA A 245 21.99 35.75 -38.20
C ALA A 245 21.65 37.00 -38.95
N ALA A 246 21.31 38.06 -38.23
CA ALA A 246 20.98 39.31 -38.88
C ALA A 246 21.84 40.50 -38.43
N VAL A 247 21.98 41.45 -39.34
CA VAL A 247 22.59 42.74 -39.03
C VAL A 247 21.68 43.82 -39.53
N VAL A 248 21.65 44.90 -38.77
CA VAL A 248 20.92 46.09 -39.17
C VAL A 248 21.98 47.08 -39.59
N VAL A 249 21.99 47.41 -40.87
CA VAL A 249 23.04 48.26 -41.46
C VAL A 249 22.50 49.61 -41.88
N PRO A 250 23.35 50.66 -41.84
CA PRO A 250 22.96 51.91 -42.49
C PRO A 250 22.75 51.62 -43.98
N SER A 251 21.62 52.05 -44.52
CA SER A 251 21.25 51.65 -45.88
C SER A 251 22.06 52.45 -46.92
N GLY A 252 22.41 51.76 -48.01
CA GLY A 252 23.46 52.19 -48.91
C GLY A 252 24.72 51.38 -48.64
N GLN A 253 25.02 51.11 -47.38
CA GLN A 253 26.22 50.38 -46.98
C GLN A 253 26.15 48.84 -47.14
N GLU A 254 25.06 48.30 -47.70
CA GLU A 254 24.81 46.82 -47.68
C GLU A 254 25.94 45.98 -48.30
N GLN A 255 26.61 46.52 -49.32
CA GLN A 255 27.64 45.77 -50.04
C GLN A 255 28.90 45.51 -49.21
N ARG A 256 29.15 46.38 -48.22
CA ARG A 256 30.30 46.25 -47.31
C ARG A 256 30.26 45.01 -46.41
N TYR A 257 29.05 44.51 -46.13
CA TYR A 257 28.87 43.46 -45.15
C TYR A 257 28.92 42.08 -45.78
N THR A 258 29.45 41.15 -45.01
CA THR A 258 29.68 39.80 -45.46
C THR A 258 29.31 38.83 -44.34
N CYS A 259 28.73 37.70 -44.73
CA CYS A 259 28.31 36.66 -43.79
C CYS A 259 29.25 35.48 -43.94
N HIS A 260 29.74 34.97 -42.82
CA HIS A 260 30.68 33.85 -42.83
C HIS A 260 30.08 32.61 -42.20
N VAL A 261 30.18 31.50 -42.92
CA VAL A 261 29.52 30.28 -42.46
C VAL A 261 30.52 29.17 -42.29
N GLN A 262 30.61 28.66 -41.05
CA GLN A 262 31.54 27.61 -40.72
C GLN A 262 30.79 26.41 -40.20
N HIS A 263 31.14 25.25 -40.73
CA HIS A 263 30.45 24.03 -40.41
C HIS A 263 31.30 22.85 -40.87
N GLU A 264 31.71 22.02 -39.92
CA GLU A 264 32.52 20.83 -40.19
C GLU A 264 32.05 20.08 -41.45
N GLY A 265 30.76 20.16 -41.76
CA GLY A 265 30.21 19.61 -43.00
C GLY A 265 30.63 20.25 -44.31
N LEU A 266 31.37 21.36 -44.27
CA LEU A 266 31.85 21.96 -45.50
C LEU A 266 33.36 22.26 -45.46
N PRO A 267 34.04 22.01 -46.59
CA PRO A 267 35.52 21.93 -46.60
C PRO A 267 36.22 23.25 -46.28
N LYS A 268 35.66 24.37 -46.73
CA LYS A 268 36.12 25.70 -46.28
C LYS A 268 34.93 26.62 -46.00
N PRO A 269 35.13 27.62 -45.14
CA PRO A 269 34.09 28.58 -44.81
C PRO A 269 33.45 29.20 -46.05
N LEU A 270 32.20 29.61 -45.94
CA LEU A 270 31.52 30.31 -47.01
C LEU A 270 31.44 31.76 -46.67
N THR A 271 31.50 32.58 -47.71
CA THR A 271 31.20 33.99 -47.61
C THR A 271 30.00 34.28 -48.50
N LEU A 272 28.95 34.84 -47.92
CA LEU A 272 27.83 35.38 -48.69
C LEU A 272 27.84 36.91 -48.57
N ARG A 273 27.33 37.58 -49.59
CA ARG A 273 27.13 39.02 -49.54
C ARG A 273 25.82 39.41 -50.22
N TRP A 274 25.16 40.44 -49.69
CA TRP A 274 23.95 40.92 -50.34
C TRP A 274 24.25 41.32 -51.77
N GLU A 275 23.61 40.66 -52.73
CA GLU A 275 23.58 41.18 -54.10
C GLU A 275 22.15 41.19 -54.60
N PRO A 276 21.75 42.31 -55.25
CA PRO A 276 20.34 42.62 -55.41
C PRO A 276 19.84 42.21 -56.79
N MET B 1 11.12 27.14 -5.97
CA MET B 1 10.60 26.93 -7.35
C MET B 1 10.77 28.25 -8.16
N ILE B 2 11.69 28.22 -9.14
CA ILE B 2 11.91 29.39 -10.01
C ILE B 2 11.42 29.04 -11.41
N GLN B 3 11.02 30.04 -12.18
CA GLN B 3 10.24 29.82 -13.39
C GLN B 3 10.82 30.60 -14.57
N ARG B 4 10.73 30.05 -15.76
CA ARG B 4 11.28 30.68 -16.93
C ARG B 4 10.23 30.56 -18.00
N THR B 5 9.89 31.68 -18.63
CA THR B 5 8.87 31.71 -19.66
C THR B 5 9.53 31.16 -20.90
N PRO B 6 8.75 30.53 -21.78
CA PRO B 6 9.28 29.97 -23.02
C PRO B 6 9.61 31.00 -24.10
N LYS B 7 10.69 30.75 -24.85
CA LYS B 7 11.01 31.47 -26.09
C LYS B 7 10.24 30.70 -27.12
N ILE B 8 9.83 31.36 -28.19
CA ILE B 8 8.98 30.74 -29.19
C ILE B 8 9.48 31.05 -30.58
N GLN B 9 9.64 30.03 -31.40
CA GLN B 9 9.92 30.20 -32.84
C GLN B 9 8.90 29.45 -33.67
N VAL B 10 8.28 30.16 -34.61
CA VAL B 10 7.35 29.57 -35.54
C VAL B 10 8.03 29.63 -36.89
N TYR B 11 8.00 28.52 -37.63
CA TYR B 11 8.68 28.44 -38.92
C TYR B 11 8.32 27.16 -39.62
N SER B 12 8.61 27.12 -40.91
CA SER B 12 8.39 25.95 -41.73
C SER B 12 9.64 25.11 -41.85
N ARG B 13 9.45 23.83 -42.11
CA ARG B 13 10.55 22.91 -42.31
C ARG B 13 11.36 23.19 -43.58
N HIS B 14 10.68 23.47 -44.69
CA HIS B 14 11.33 23.77 -45.97
C HIS B 14 10.87 25.13 -46.37
N PRO B 15 11.70 25.86 -47.14
CA PRO B 15 11.25 27.16 -47.66
C PRO B 15 9.82 27.07 -48.21
N ALA B 16 8.97 28.00 -47.79
CA ALA B 16 7.55 27.94 -48.12
C ALA B 16 7.28 28.30 -49.55
N GLU B 17 6.51 27.46 -50.24
CA GLU B 17 5.98 27.74 -51.56
C GLU B 17 4.47 27.58 -51.50
N ASN B 18 3.72 28.57 -51.95
CA ASN B 18 2.27 28.44 -51.91
C ASN B 18 1.78 27.22 -52.68
N GLY B 19 0.88 26.49 -52.02
CA GLY B 19 0.27 25.31 -52.60
C GLY B 19 1.10 24.05 -52.49
N LYS B 20 2.18 24.08 -51.69
CA LYS B 20 3.05 22.92 -51.55
C LYS B 20 3.14 22.44 -50.12
N SER B 21 3.03 21.12 -49.97
CA SER B 21 3.03 20.44 -48.69
C SER B 21 4.34 20.75 -47.95
N ASN B 22 4.22 21.05 -46.68
CA ASN B 22 5.35 21.40 -45.85
C ASN B 22 5.03 20.94 -44.40
N PHE B 23 5.82 21.35 -43.42
CA PHE B 23 5.52 21.12 -42.02
C PHE B 23 5.70 22.44 -41.30
N LEU B 24 4.70 22.77 -40.47
CA LEU B 24 4.75 24.00 -39.67
C LEU B 24 5.27 23.56 -38.33
N ASN B 25 6.28 24.29 -37.83
CA ASN B 25 6.90 24.00 -36.59
C ASN B 25 6.71 25.12 -35.64
N CYS B 26 6.46 24.76 -34.37
CA CYS B 26 6.57 25.71 -33.26
C CYS B 26 7.55 25.15 -32.28
N TYR B 27 8.67 25.81 -32.12
CA TYR B 27 9.74 25.35 -31.20
C TYR B 27 9.66 26.20 -29.99
N VAL B 28 9.43 25.60 -28.82
CA VAL B 28 9.41 26.38 -27.57
C VAL B 28 10.56 25.88 -26.75
N SER B 29 11.21 26.76 -26.00
CA SER B 29 12.42 26.40 -25.31
C SER B 29 12.67 27.40 -24.23
N GLY B 30 13.60 27.11 -23.34
CA GLY B 30 13.96 27.98 -22.24
C GLY B 30 12.98 27.96 -21.09
N PHE B 31 12.05 27.01 -21.04
CA PHE B 31 11.01 27.12 -20.03
C PHE B 31 11.14 26.16 -18.85
N HIS B 32 10.56 26.55 -17.71
CA HIS B 32 10.51 25.74 -16.50
C HIS B 32 9.35 26.30 -15.67
N PRO B 33 8.43 25.47 -15.18
CA PRO B 33 8.49 24.01 -15.27
C PRO B 33 7.96 23.54 -16.61
N SER B 34 7.83 22.24 -16.78
CA SER B 34 7.63 21.66 -18.10
C SER B 34 6.23 21.57 -18.63
N ASP B 35 5.23 21.68 -17.76
CA ASP B 35 3.83 21.73 -18.17
C ASP B 35 3.66 22.96 -19.07
N ILE B 36 3.27 22.71 -20.31
CA ILE B 36 3.06 23.74 -21.24
C ILE B 36 1.95 23.34 -22.20
N GLU B 37 1.27 24.35 -22.72
CA GLU B 37 0.21 24.17 -23.72
C GLU B 37 0.64 24.89 -24.98
N VAL B 38 0.71 24.16 -26.08
CA VAL B 38 1.00 24.72 -27.37
C VAL B 38 -0.03 24.30 -28.44
N ASP B 39 -0.59 25.27 -29.13
CA ASP B 39 -1.48 25.03 -30.24
C ASP B 39 -0.93 25.66 -31.50
N LEU B 40 -1.07 24.98 -32.61
CA LEU B 40 -0.87 25.58 -33.91
C LEU B 40 -2.23 26.05 -34.44
N LEU B 41 -2.22 27.23 -35.04
CA LEU B 41 -3.42 27.92 -35.42
C LEU B 41 -3.43 28.21 -36.90
N LYS B 42 -4.61 28.06 -37.50
CA LYS B 42 -4.83 28.50 -38.83
C LYS B 42 -5.99 29.44 -38.81
N ASN B 43 -5.79 30.66 -39.31
CA ASN B 43 -6.78 31.73 -39.29
C ASN B 43 -7.50 31.80 -37.99
N GLY B 44 -6.74 31.78 -36.91
CA GLY B 44 -7.34 31.82 -35.59
C GLY B 44 -7.82 30.49 -35.01
N GLU B 45 -8.04 29.49 -35.87
CA GLU B 45 -8.65 28.24 -35.44
C GLU B 45 -7.58 27.16 -35.27
N ARG B 46 -7.66 26.48 -34.16
CA ARG B 46 -6.69 25.51 -33.75
C ARG B 46 -6.64 24.28 -34.68
N ILE B 47 -5.45 23.82 -35.02
CA ILE B 47 -5.25 22.66 -35.88
C ILE B 47 -5.28 21.41 -35.01
N GLU B 48 -5.83 20.34 -35.54
CA GLU B 48 -6.13 19.10 -34.81
C GLU B 48 -4.96 18.14 -35.13
N LYS B 49 -4.62 17.25 -34.21
CA LYS B 49 -3.58 16.21 -34.47
C LYS B 49 -2.16 16.78 -34.76
N VAL B 50 -1.83 17.82 -34.04
CA VAL B 50 -0.47 18.33 -33.96
C VAL B 50 0.37 17.30 -33.20
N GLU B 51 1.61 17.10 -33.62
CA GLU B 51 2.49 16.21 -32.86
C GLU B 51 3.63 17.01 -32.25
N HIS B 52 4.30 16.40 -31.28
CA HIS B 52 5.40 17.03 -30.63
C HIS B 52 6.48 16.05 -30.32
N SER B 53 7.68 16.58 -30.12
CA SER B 53 8.82 15.76 -29.78
C SER B 53 8.75 15.40 -28.29
N ASP B 54 9.71 14.59 -27.85
CA ASP B 54 9.74 14.06 -26.52
C ASP B 54 10.48 15.06 -25.68
N LEU B 55 9.94 15.35 -24.50
CA LEU B 55 10.45 16.40 -23.63
C LEU B 55 11.94 16.20 -23.33
N SER B 56 12.75 17.21 -23.60
CA SER B 56 14.13 17.15 -23.13
C SER B 56 14.51 18.47 -22.55
N PHE B 57 15.76 18.59 -22.13
CA PHE B 57 16.22 19.81 -21.50
C PHE B 57 17.70 20.08 -21.76
N SER B 58 18.06 21.33 -21.55
CA SER B 58 19.34 21.88 -21.88
C SER B 58 20.28 21.89 -20.71
N LYS B 59 21.50 22.35 -20.97
CA LYS B 59 22.54 22.40 -19.97
C LYS B 59 22.07 23.14 -18.72
N ASP B 60 21.24 24.18 -18.89
CA ASP B 60 20.73 24.98 -17.78
C ASP B 60 19.45 24.41 -17.16
N TRP B 61 19.08 23.20 -17.57
CA TRP B 61 17.90 22.47 -17.10
C TRP B 61 16.58 22.89 -17.68
N SER B 62 16.58 24.00 -18.45
CA SER B 62 15.38 24.50 -19.02
C SER B 62 14.97 23.56 -20.13
N PHE B 63 13.65 23.44 -20.33
CA PHE B 63 13.08 22.48 -21.25
C PHE B 63 12.88 22.99 -22.67
N TYR B 64 12.74 22.05 -23.58
CA TYR B 64 12.40 22.39 -24.94
C TYR B 64 11.61 21.29 -25.60
N LEU B 65 10.82 21.70 -26.60
CA LEU B 65 9.90 20.85 -27.32
C LEU B 65 9.70 21.46 -28.70
N LEU B 66 9.48 20.59 -29.67
CA LEU B 66 9.04 20.97 -30.98
C LEU B 66 7.64 20.42 -31.28
N TYR B 67 6.71 21.33 -31.58
CA TYR B 67 5.40 20.97 -32.10
C TYR B 67 5.34 21.19 -33.63
N TYR B 68 4.61 20.35 -34.35
CA TYR B 68 4.66 20.41 -35.80
C TYR B 68 3.50 19.69 -36.43
N THR B 69 3.23 20.00 -37.70
CA THR B 69 2.08 19.43 -38.44
C THR B 69 2.24 19.66 -39.93
N GLU B 70 1.71 18.76 -40.77
CA GLU B 70 1.69 19.00 -42.19
C GLU B 70 0.78 20.19 -42.45
N PHE B 71 1.17 21.01 -43.41
CA PHE B 71 0.34 22.09 -43.84
C PHE B 71 0.75 22.47 -45.24
N THR B 72 -0.14 23.14 -45.92
CA THR B 72 0.13 23.57 -47.25
C THR B 72 -0.11 25.03 -47.23
N PRO B 73 0.98 25.82 -47.24
CA PRO B 73 0.85 27.25 -47.12
C PRO B 73 0.25 27.85 -48.33
N THR B 74 -0.25 29.06 -48.14
CA THR B 74 -1.09 29.73 -49.07
C THR B 74 -0.84 31.23 -48.99
N GLU B 75 -1.33 32.01 -49.94
CA GLU B 75 -1.13 33.44 -49.86
C GLU B 75 -1.84 34.06 -48.63
N LYS B 76 -3.12 33.73 -48.45
CA LYS B 76 -3.97 34.43 -47.49
C LYS B 76 -4.04 33.82 -46.07
N ASP B 77 -3.77 32.52 -45.94
CA ASP B 77 -3.96 31.84 -44.64
C ASP B 77 -2.91 32.29 -43.65
N GLU B 78 -3.36 32.81 -42.52
CA GLU B 78 -2.47 33.18 -41.43
C GLU B 78 -2.28 31.92 -40.55
N TYR B 79 -1.03 31.70 -40.13
CA TYR B 79 -0.71 30.62 -39.24
C TYR B 79 0.00 31.17 -38.01
N ALA B 80 -0.18 30.50 -36.90
CA ALA B 80 0.36 31.02 -35.65
C ALA B 80 0.55 29.88 -34.67
N CYS B 81 1.36 30.14 -33.66
CA CYS B 81 1.59 29.27 -32.53
C CYS B 81 1.00 29.94 -31.28
N ARG B 82 0.26 29.18 -30.47
CA ARG B 82 -0.25 29.73 -29.22
C ARG B 82 0.25 28.92 -28.05
N VAL B 83 0.83 29.62 -27.08
CA VAL B 83 1.55 28.99 -26.00
C VAL B 83 1.03 29.53 -24.68
N ASN B 84 0.64 28.64 -23.78
CA ASN B 84 0.29 29.01 -22.44
C ASN B 84 1.13 28.22 -21.44
N HIS B 85 1.39 28.83 -20.29
CA HIS B 85 2.41 28.37 -19.34
C HIS B 85 2.21 29.14 -18.04
N VAL B 86 2.56 28.54 -16.92
CA VAL B 86 2.25 29.16 -15.64
C VAL B 86 2.78 30.62 -15.57
N THR B 87 3.92 30.91 -16.20
CA THR B 87 4.52 32.27 -16.18
C THR B 87 3.82 33.32 -17.06
N LEU B 88 2.81 32.92 -17.81
CA LEU B 88 2.11 33.83 -18.72
C LEU B 88 0.74 34.14 -18.14
N SER B 89 0.44 35.42 -18.00
CA SER B 89 -0.87 35.82 -17.52
C SER B 89 -1.91 35.47 -18.59
N GLN B 90 -1.50 35.48 -19.85
CA GLN B 90 -2.38 35.20 -21.01
C GLN B 90 -1.64 34.40 -22.06
N PRO B 91 -2.32 33.47 -22.74
CA PRO B 91 -1.65 32.79 -23.87
C PRO B 91 -0.97 33.76 -24.85
N LYS B 92 0.21 33.39 -25.29
CA LYS B 92 1.07 34.20 -26.14
C LYS B 92 0.98 33.62 -27.53
N ILE B 93 0.58 34.46 -28.47
CA ILE B 93 0.40 34.07 -29.85
C ILE B 93 1.55 34.66 -30.64
N VAL B 94 2.27 33.83 -31.38
CA VAL B 94 3.30 34.30 -32.28
C VAL B 94 2.93 33.82 -33.67
N LYS B 95 2.70 34.78 -34.56
CA LYS B 95 2.25 34.50 -35.90
C LYS B 95 3.45 34.10 -36.76
N TRP B 96 3.21 33.21 -37.72
CA TRP B 96 4.27 32.73 -38.61
C TRP B 96 4.64 33.79 -39.61
N ASP B 97 5.89 34.23 -39.58
CA ASP B 97 6.42 35.12 -40.62
C ASP B 97 7.26 34.29 -41.58
N ARG B 98 6.69 34.06 -42.73
CA ARG B 98 7.38 33.48 -43.87
C ARG B 98 8.84 33.96 -44.06
N ASP B 99 9.02 35.27 -44.03
CA ASP B 99 10.35 35.86 -44.20
C ASP B 99 11.30 35.64 -42.98
N MET B 100 11.16 34.54 -42.20
CA MET B 100 11.73 34.44 -40.79
C MET B 100 11.61 33.09 -39.93
N TYR C 1 22.66 2.87 -24.12
CA TYR C 1 22.67 1.79 -23.07
C TYR C 1 22.70 2.39 -21.69
N LEU C 2 21.56 2.29 -21.00
CA LEU C 2 21.40 2.91 -19.69
C LEU C 2 22.33 2.28 -18.63
N GLY C 3 22.69 3.08 -17.61
CA GLY C 3 23.33 2.59 -16.42
C GLY C 3 22.34 1.80 -15.59
N GLY C 4 22.83 0.81 -14.86
CA GLY C 4 21.95 0.02 -14.05
C GLY C 4 22.71 -0.94 -13.17
N PRO C 5 21.98 -1.78 -12.45
CA PRO C 5 20.56 -2.02 -12.73
C PRO C 5 19.68 -0.82 -12.36
N ASP C 6 20.03 -0.09 -11.31
CA ASP C 6 19.35 1.15 -10.91
C ASP C 6 20.33 2.08 -10.16
N PHE C 7 19.85 3.23 -9.74
CA PHE C 7 20.57 4.27 -8.96
C PHE C 7 19.96 4.35 -7.58
N PRO C 8 20.75 4.74 -6.58
CA PRO C 8 20.24 4.95 -5.26
C PRO C 8 19.30 6.15 -5.20
N THR C 9 18.42 6.10 -4.24
CA THR C 9 17.55 7.24 -3.91
C THR C 9 18.36 8.39 -3.32
N ILE C 10 17.93 9.60 -3.61
CA ILE C 10 18.36 10.78 -2.86
C ILE C 10 18.18 10.53 -1.38
N GLU D 1 23.45 -19.73 -19.03
CA GLU D 1 23.90 -21.11 -18.73
C GLU D 1 25.19 -20.98 -17.93
N VAL D 2 25.13 -21.51 -16.70
CA VAL D 2 26.26 -21.65 -15.82
C VAL D 2 26.43 -23.12 -15.65
N GLU D 3 27.64 -23.59 -15.91
CA GLU D 3 27.93 -24.99 -15.83
C GLU D 3 28.79 -25.18 -14.59
N GLN D 4 28.41 -26.13 -13.78
CA GLN D 4 29.12 -26.39 -12.53
C GLN D 4 29.17 -27.89 -12.28
N ASP D 5 30.32 -28.38 -11.85
CA ASP D 5 30.54 -29.80 -11.62
C ASP D 5 29.82 -30.14 -10.31
N PRO D 6 28.94 -31.14 -10.31
CA PRO D 6 28.15 -31.40 -9.11
C PRO D 6 28.84 -32.20 -8.03
N GLY D 7 29.81 -32.98 -8.48
CA GLY D 7 29.89 -34.39 -8.12
C GLY D 7 30.55 -34.44 -6.79
N PRO D 8 30.02 -35.23 -5.86
CA PRO D 8 30.51 -34.90 -4.52
C PRO D 8 32.02 -34.94 -4.45
N LEU D 9 32.60 -33.90 -3.89
CA LEU D 9 34.03 -33.89 -3.63
C LEU D 9 34.21 -34.31 -2.20
N SER D 10 35.08 -35.27 -1.96
CA SER D 10 35.45 -35.66 -0.61
C SER D 10 36.95 -35.50 -0.40
N VAL D 11 37.34 -34.59 0.49
CA VAL D 11 38.73 -34.33 0.75
C VAL D 11 39.09 -34.45 2.24
N PRO D 12 40.37 -34.72 2.54
CA PRO D 12 40.77 -34.81 3.93
C PRO D 12 41.05 -33.44 4.52
N GLU D 13 40.74 -33.27 5.80
CA GLU D 13 40.98 -32.03 6.51
C GLU D 13 42.38 -31.53 6.22
N GLY D 14 42.54 -30.22 6.00
CA GLY D 14 43.85 -29.65 5.65
C GLY D 14 44.14 -29.49 4.17
N ALA D 15 43.32 -30.10 3.32
CA ALA D 15 43.57 -30.11 1.88
C ALA D 15 43.14 -28.81 1.25
N ILE D 16 43.78 -28.46 0.15
CA ILE D 16 43.30 -27.38 -0.68
C ILE D 16 42.17 -27.93 -1.55
N VAL D 17 41.11 -27.14 -1.70
CA VAL D 17 39.96 -27.49 -2.50
C VAL D 17 39.78 -26.44 -3.60
N SER D 18 39.32 -26.90 -4.75
CA SER D 18 39.16 -26.05 -5.89
C SER D 18 37.79 -26.32 -6.48
N LEU D 19 36.98 -25.28 -6.58
CA LEU D 19 35.68 -25.38 -7.20
C LEU D 19 35.66 -24.41 -8.34
N ASN D 20 34.88 -24.67 -9.38
CA ASN D 20 34.79 -23.76 -10.47
C ASN D 20 33.54 -23.87 -11.33
N CYS D 21 33.32 -22.84 -12.13
CA CYS D 21 32.11 -22.67 -12.92
C CYS D 21 32.51 -22.08 -14.27
N THR D 22 31.77 -22.48 -15.29
CA THR D 22 31.92 -21.95 -16.64
C THR D 22 30.60 -21.33 -17.03
N TYR D 23 30.65 -20.30 -17.86
CA TYR D 23 29.47 -19.64 -18.34
C TYR D 23 29.60 -19.34 -19.83
N SER D 24 28.59 -18.73 -20.42
CA SER D 24 28.54 -18.56 -21.87
C SER D 24 28.24 -17.11 -22.30
N ASN D 25 27.53 -16.35 -21.47
CA ASN D 25 27.17 -14.99 -21.83
C ASN D 25 28.19 -13.96 -21.34
N SER D 26 28.75 -13.21 -22.28
CA SER D 26 29.87 -12.29 -22.01
C SER D 26 29.45 -11.03 -21.26
N ALA D 27 28.14 -10.82 -21.15
CA ALA D 27 27.63 -9.68 -20.38
C ALA D 27 27.59 -9.91 -18.88
N PHE D 28 27.97 -11.08 -18.37
CA PHE D 28 28.01 -11.25 -16.92
C PHE D 28 29.22 -10.45 -16.42
N GLN D 29 29.03 -9.61 -15.42
CA GLN D 29 30.11 -8.76 -14.92
C GLN D 29 30.36 -8.93 -13.42
N TYR D 30 29.48 -9.64 -12.74
CA TYR D 30 29.57 -9.80 -11.29
C TYR D 30 29.49 -11.27 -10.94
N PHE D 31 30.36 -11.74 -10.09
CA PHE D 31 30.52 -13.17 -9.94
C PHE D 31 30.64 -13.41 -8.44
N MET D 32 29.91 -14.40 -7.95
CA MET D 32 29.73 -14.60 -6.52
C MET D 32 29.85 -16.05 -6.17
N TRP D 33 30.35 -16.34 -5.00
CA TRP D 33 30.32 -17.71 -4.51
C TRP D 33 29.52 -17.76 -3.24
N TYR D 34 28.61 -18.72 -3.18
CA TYR D 34 27.79 -18.91 -2.00
C TYR D 34 28.11 -20.28 -1.45
N ARG D 35 28.00 -20.39 -0.13
CA ARG D 35 28.02 -21.64 0.62
C ARG D 35 26.64 -21.87 1.25
N GLN D 36 26.21 -23.13 1.31
CA GLN D 36 24.90 -23.50 1.80
C GLN D 36 24.94 -24.82 2.56
N TYR D 37 24.75 -24.75 3.87
CA TYR D 37 24.60 -25.95 4.70
C TYR D 37 23.28 -26.63 4.44
N SER D 38 23.28 -27.93 4.58
CA SER D 38 22.10 -28.74 4.27
C SER D 38 20.87 -28.28 5.07
N ARG D 39 19.85 -27.78 4.36
CA ARG D 39 18.57 -27.28 4.92
C ARG D 39 18.61 -25.80 5.37
N LYS D 40 19.47 -24.99 4.75
CA LYS D 40 19.57 -23.56 5.12
C LYS D 40 19.75 -22.70 3.89
N GLY D 41 19.67 -21.39 4.07
CA GLY D 41 19.77 -20.45 2.98
C GLY D 41 21.22 -20.27 2.61
N PRO D 42 21.52 -19.76 1.41
CA PRO D 42 22.89 -19.55 0.99
C PRO D 42 23.58 -18.34 1.61
N GLU D 43 24.87 -18.47 1.94
CA GLU D 43 25.66 -17.41 2.59
C GLU D 43 26.74 -16.94 1.61
N LEU D 44 26.76 -15.65 1.34
CA LEU D 44 27.73 -15.09 0.42
C LEU D 44 29.13 -15.32 1.01
N LEU D 45 30.07 -15.79 0.21
CA LEU D 45 31.44 -15.89 0.66
C LEU D 45 32.27 -14.78 0.09
N MET D 46 32.20 -14.60 -1.22
CA MET D 46 33.16 -13.78 -1.96
C MET D 46 32.44 -13.24 -3.16
N TYR D 47 32.83 -12.04 -3.57
CA TYR D 47 32.27 -11.44 -4.73
C TYR D 47 33.35 -10.73 -5.53
N THR D 48 33.24 -10.81 -6.84
CA THR D 48 34.22 -10.20 -7.77
C THR D 48 33.49 -9.33 -8.80
N TYR D 49 33.98 -8.12 -8.98
CA TYR D 49 33.66 -7.31 -10.18
C TYR D 49 34.90 -7.34 -11.09
N SER D 50 34.69 -7.55 -12.39
CA SER D 50 35.73 -7.46 -13.46
C SER D 50 36.25 -8.85 -13.90
N SER D 51 37.57 -8.96 -14.01
CA SER D 51 38.34 -10.17 -13.90
C SER D 51 39.25 -9.91 -12.70
N GLY D 52 39.79 -10.97 -12.10
CA GLY D 52 40.78 -10.77 -11.07
C GLY D 52 40.73 -11.77 -9.96
N ASN D 53 41.53 -11.49 -8.95
CA ASN D 53 41.74 -12.32 -7.78
C ASN D 53 41.36 -11.50 -6.57
N LYS D 54 40.62 -12.10 -5.64
CA LYS D 54 40.44 -11.50 -4.32
C LYS D 54 40.79 -12.58 -3.32
N GLU D 55 41.60 -12.22 -2.35
CA GLU D 55 41.88 -13.09 -1.21
C GLU D 55 41.07 -12.68 0.02
N ASP D 56 40.67 -13.66 0.85
CA ASP D 56 40.09 -13.39 2.15
C ASP D 56 40.23 -14.59 3.08
N GLY D 57 41.14 -14.48 4.04
CA GLY D 57 41.50 -15.62 4.85
C GLY D 57 41.88 -16.79 3.94
N ARG D 58 41.28 -17.93 4.20
CA ARG D 58 41.53 -19.17 3.50
C ARG D 58 40.91 -19.24 2.09
N PHE D 59 40.24 -18.19 1.67
CA PHE D 59 39.51 -18.22 0.40
C PHE D 59 40.14 -17.33 -0.67
N THR D 60 40.12 -17.80 -1.91
CA THR D 60 40.48 -16.94 -3.05
C THR D 60 39.49 -17.21 -4.15
N ALA D 61 38.98 -16.15 -4.74
CA ALA D 61 38.06 -16.26 -5.84
C ALA D 61 38.76 -15.70 -7.01
N GLN D 62 38.62 -16.33 -8.18
CA GLN D 62 39.17 -15.72 -9.38
C GLN D 62 38.29 -15.75 -10.57
N VAL D 63 38.55 -14.78 -11.42
CA VAL D 63 37.71 -14.57 -12.58
C VAL D 63 38.59 -14.35 -13.80
N ASP D 64 38.37 -15.19 -14.79
CA ASP D 64 39.04 -15.05 -16.08
C ASP D 64 37.93 -14.80 -17.08
N LYS D 65 37.67 -13.54 -17.43
CA LYS D 65 36.49 -13.30 -18.26
C LYS D 65 36.69 -13.74 -19.72
N SER D 66 37.92 -13.94 -20.17
CA SER D 66 38.13 -14.39 -21.56
C SER D 66 38.00 -15.92 -21.70
N SER D 67 38.35 -16.68 -20.67
CA SER D 67 38.00 -18.11 -20.64
C SER D 67 36.55 -18.32 -20.19
N LYS D 68 35.91 -17.30 -19.63
CA LYS D 68 34.58 -17.44 -19.05
C LYS D 68 34.58 -18.57 -18.01
N TYR D 69 35.52 -18.46 -17.08
CA TYR D 69 35.85 -19.50 -16.15
C TYR D 69 36.09 -18.81 -14.80
N ILE D 70 35.47 -19.30 -13.73
CA ILE D 70 35.68 -18.66 -12.43
C ILE D 70 35.95 -19.71 -11.39
N SER D 71 36.73 -19.37 -10.37
CA SER D 71 37.09 -20.36 -9.39
C SER D 71 37.18 -19.83 -7.98
N LEU D 72 37.01 -20.74 -7.06
CA LEU D 72 37.18 -20.47 -5.68
C LEU D 72 38.11 -21.53 -5.16
N PHE D 73 39.14 -21.10 -4.43
CA PHE D 73 40.03 -21.98 -3.76
C PHE D 73 39.85 -21.80 -2.27
N ILE D 74 39.86 -22.91 -1.54
CA ILE D 74 39.80 -22.90 -0.09
C ILE D 74 41.02 -23.63 0.43
N ARG D 75 41.91 -22.93 1.11
CA ARG D 75 43.07 -23.61 1.66
C ARG D 75 42.76 -24.22 2.98
N ASP D 76 43.55 -25.21 3.37
CA ASP D 76 43.53 -25.70 4.75
C ASP D 76 42.09 -25.90 5.14
N SER D 77 41.42 -26.78 4.42
CA SER D 77 40.01 -26.94 4.54
C SER D 77 39.64 -27.55 5.91
N GLN D 78 38.47 -27.22 6.41
CA GLN D 78 38.01 -27.63 7.77
C GLN D 78 36.71 -28.39 7.64
N PRO D 79 36.44 -29.34 8.54
CA PRO D 79 35.10 -29.98 8.64
C PRO D 79 33.92 -29.07 8.44
N SER D 80 34.00 -27.84 8.94
CA SER D 80 32.89 -26.91 8.85
C SER D 80 32.78 -26.21 7.50
N ASP D 81 33.70 -26.49 6.57
CA ASP D 81 33.56 -26.08 5.18
C ASP D 81 32.67 -27.07 4.40
N SER D 82 32.26 -28.19 5.00
CA SER D 82 31.37 -29.13 4.34
C SER D 82 30.02 -28.49 4.05
N ALA D 83 29.61 -28.47 2.78
CA ALA D 83 28.46 -27.70 2.34
C ALA D 83 28.35 -27.80 0.84
N THR D 84 27.24 -27.34 0.27
CA THR D 84 27.19 -27.18 -1.16
C THR D 84 27.64 -25.78 -1.50
N TYR D 85 28.50 -25.65 -2.51
CA TYR D 85 29.00 -24.34 -2.96
C TYR D 85 28.37 -23.95 -4.30
N LEU D 86 27.84 -22.74 -4.38
CA LEU D 86 27.16 -22.32 -5.61
C LEU D 86 27.82 -21.09 -6.08
N CYS D 87 28.01 -20.98 -7.37
CA CYS D 87 28.48 -19.75 -7.95
C CYS D 87 27.24 -19.09 -8.52
N ALA D 88 27.30 -17.78 -8.65
CA ALA D 88 26.18 -17.01 -9.18
C ALA D 88 26.73 -15.85 -9.95
N MET D 89 25.97 -15.39 -10.93
CA MET D 89 26.44 -14.25 -11.69
C MET D 89 25.33 -13.40 -12.22
N ARG D 90 25.66 -12.16 -12.54
CA ARG D 90 24.78 -11.34 -13.29
C ARG D 90 25.54 -10.23 -13.98
N GLY D 91 24.77 -9.44 -14.72
CA GLY D 91 25.23 -8.27 -15.37
C GLY D 91 24.62 -7.03 -14.76
N ASP D 92 24.43 -6.02 -15.57
CA ASP D 92 24.25 -4.72 -15.05
C ASP D 92 22.90 -4.20 -15.33
N SER D 93 22.07 -4.99 -15.98
CA SER D 93 20.74 -4.50 -16.31
C SER D 93 19.65 -5.08 -15.40
N SER D 94 20.00 -6.02 -14.53
CA SER D 94 19.05 -6.63 -13.59
C SER D 94 19.74 -7.17 -12.34
N TYR D 95 19.09 -7.11 -11.18
CA TYR D 95 19.61 -7.81 -9.99
C TYR D 95 19.39 -9.30 -9.96
N LYS D 96 18.83 -9.85 -11.04
CA LYS D 96 18.63 -11.26 -11.20
C LYS D 96 19.95 -12.01 -11.25
N LEU D 97 20.13 -12.97 -10.34
CA LEU D 97 21.29 -13.81 -10.31
C LEU D 97 20.99 -15.10 -11.07
N ILE D 98 21.96 -15.58 -11.84
CA ILE D 98 21.89 -16.86 -12.42
C ILE D 98 22.87 -17.72 -11.64
N PHE D 99 22.36 -18.83 -11.10
CA PHE D 99 23.15 -19.77 -10.28
C PHE D 99 23.58 -20.96 -11.05
N GLY D 100 24.74 -21.47 -10.68
CA GLY D 100 25.14 -22.82 -11.06
C GLY D 100 24.46 -23.83 -10.17
N SER D 101 24.50 -25.08 -10.56
CA SER D 101 23.80 -26.15 -9.85
C SER D 101 24.39 -26.53 -8.52
N GLY D 102 25.63 -26.16 -8.26
CA GLY D 102 26.27 -26.41 -6.97
C GLY D 102 27.17 -27.65 -6.93
N THR D 103 28.19 -27.61 -6.08
CA THR D 103 29.10 -28.71 -5.92
C THR D 103 29.13 -29.08 -4.46
N ARG D 104 28.92 -30.35 -4.17
CA ARG D 104 28.89 -30.79 -2.78
C ARG D 104 30.32 -31.07 -2.30
N LEU D 105 30.69 -30.42 -1.20
CA LEU D 105 32.00 -30.63 -0.61
C LEU D 105 31.88 -31.29 0.76
N LEU D 106 32.49 -32.48 0.91
CA LEU D 106 32.70 -33.14 2.20
C LEU D 106 34.16 -33.05 2.60
N VAL D 107 34.43 -32.42 3.73
CA VAL D 107 35.76 -32.40 4.25
C VAL D 107 35.82 -33.36 5.43
N ARG D 108 36.56 -34.46 5.26
CA ARG D 108 36.67 -35.52 6.27
C ARG D 108 37.56 -35.08 7.43
N PRO D 109 37.03 -35.17 8.64
CA PRO D 109 37.84 -34.76 9.79
C PRO D 109 38.96 -35.71 10.13
N ASP D 110 40.04 -35.13 10.64
CA ASP D 110 41.22 -35.89 11.07
C ASP D 110 40.93 -36.55 12.41
N ILE D 111 41.16 -37.85 12.46
CA ILE D 111 40.89 -38.65 13.64
C ILE D 111 42.19 -39.08 14.32
N GLN D 112 42.47 -38.54 15.52
CA GLN D 112 43.74 -38.80 16.28
C GLN D 112 44.17 -40.25 16.42
N ASN D 113 43.26 -41.13 16.85
CA ASN D 113 43.62 -42.54 17.05
C ASN D 113 42.41 -43.41 16.87
N PRO D 114 42.25 -43.95 15.67
CA PRO D 114 41.19 -44.88 15.37
C PRO D 114 41.08 -46.04 16.36
N ASP D 115 39.86 -46.51 16.60
CA ASP D 115 39.59 -47.72 17.36
C ASP D 115 38.37 -48.38 16.74
N PRO D 116 38.48 -48.72 15.43
CA PRO D 116 37.32 -49.26 14.71
C PRO D 116 36.67 -50.40 15.48
N ALA D 117 35.35 -50.33 15.63
CA ALA D 117 34.60 -51.22 16.50
C ALA D 117 33.14 -51.28 16.08
N VAL D 118 32.61 -52.49 15.94
CA VAL D 118 31.24 -52.73 15.45
C VAL D 118 30.46 -53.39 16.56
N TYR D 119 29.36 -52.76 16.96
CA TYR D 119 28.60 -53.23 18.09
C TYR D 119 27.14 -53.55 17.72
N GLN D 120 26.63 -54.67 18.21
CA GLN D 120 25.20 -55.00 18.08
C GLN D 120 24.39 -54.27 19.16
N LEU D 121 23.16 -53.90 18.83
CA LEU D 121 22.35 -52.99 19.65
C LEU D 121 20.84 -53.32 19.58
N ARG D 122 20.23 -53.57 20.74
CA ARG D 122 18.84 -54.06 20.80
C ARG D 122 17.82 -52.98 21.11
N ASP D 123 16.58 -53.22 20.68
CA ASP D 123 15.48 -52.25 20.85
C ASP D 123 15.19 -52.02 22.34
N SER D 124 14.89 -50.77 22.70
CA SER D 124 14.54 -50.42 24.08
C SER D 124 13.20 -51.03 24.47
N LYS D 125 12.14 -50.65 23.76
CA LYS D 125 10.89 -51.43 23.79
C LYS D 125 11.13 -52.81 23.18
N SER D 126 10.61 -53.86 23.81
CA SER D 126 10.75 -55.21 23.23
C SER D 126 12.22 -55.62 22.99
N SER D 127 12.41 -56.59 22.11
CA SER D 127 13.73 -57.07 21.75
C SER D 127 13.61 -57.40 20.26
N ASP D 128 14.56 -58.17 19.75
CA ASP D 128 14.48 -58.79 18.42
C ASP D 128 14.77 -57.79 17.31
N LYS D 129 14.20 -56.58 17.43
CA LYS D 129 14.49 -55.51 16.48
C LYS D 129 15.88 -55.05 16.83
N SER D 130 16.80 -55.10 15.87
CA SER D 130 18.18 -54.74 16.15
C SER D 130 18.85 -54.04 15.00
N VAL D 131 19.95 -53.38 15.35
CA VAL D 131 20.67 -52.48 14.49
C VAL D 131 22.17 -52.50 14.88
N CYS D 132 23.06 -52.35 13.89
CA CYS D 132 24.52 -52.40 14.14
C CYS D 132 25.21 -51.05 14.00
N LEU D 133 25.96 -50.68 15.04
CA LEU D 133 26.73 -49.44 15.11
C LEU D 133 28.21 -49.70 14.80
N PHE D 134 28.70 -49.20 13.67
CA PHE D 134 30.15 -49.24 13.38
C PHE D 134 30.63 -47.84 13.62
N THR D 135 31.62 -47.72 14.46
CA THR D 135 32.01 -46.43 15.01
C THR D 135 33.50 -46.39 15.30
N ASP D 136 34.00 -45.19 15.61
CA ASP D 136 35.40 -44.96 15.99
C ASP D 136 36.41 -45.32 14.89
N PHE D 137 35.95 -45.38 13.64
CA PHE D 137 36.83 -45.68 12.51
C PHE D 137 37.37 -44.38 11.91
N ASP D 138 38.45 -44.53 11.16
CA ASP D 138 39.27 -43.40 10.70
C ASP D 138 38.61 -42.77 9.49
N SER D 139 39.00 -41.53 9.15
CA SER D 139 38.46 -40.89 7.96
C SER D 139 39.42 -41.10 6.79
N GLN D 140 39.77 -42.37 6.60
CA GLN D 140 40.19 -42.91 5.32
C GLN D 140 39.13 -43.90 4.84
N THR D 141 38.29 -44.39 5.75
CA THR D 141 37.43 -45.50 5.39
C THR D 141 36.18 -44.95 4.74
N ASN D 142 35.61 -45.74 3.85
CA ASN D 142 34.52 -45.32 2.99
C ASN D 142 33.45 -46.38 3.15
N VAL D 143 32.18 -46.00 3.10
CA VAL D 143 31.10 -46.95 3.43
C VAL D 143 30.05 -47.07 2.32
N SER D 144 29.62 -48.30 2.06
CA SER D 144 28.91 -48.63 0.80
C SER D 144 27.43 -48.94 0.99
N GLN D 145 26.59 -48.25 0.22
CA GLN D 145 25.14 -48.49 0.23
C GLN D 145 24.86 -49.86 -0.37
N SER D 146 24.06 -50.66 0.34
CA SER D 146 23.67 -52.00 -0.14
C SER D 146 22.58 -51.94 -1.22
N LYS D 147 22.89 -52.48 -2.41
CA LYS D 147 21.87 -52.72 -3.44
C LYS D 147 21.41 -54.20 -3.34
N ASP D 148 21.83 -54.86 -2.24
CA ASP D 148 21.75 -56.31 -2.05
C ASP D 148 20.74 -56.63 -0.94
N SER D 149 19.82 -57.55 -1.22
CA SER D 149 18.70 -57.80 -0.31
C SER D 149 17.97 -56.46 0.03
N ASP D 150 17.35 -56.40 1.20
CA ASP D 150 16.85 -55.14 1.73
C ASP D 150 17.41 -54.99 3.13
N VAL D 151 18.69 -54.66 3.13
CA VAL D 151 19.42 -54.27 4.33
C VAL D 151 19.66 -52.77 4.17
N TYR D 152 19.54 -52.02 5.26
CA TYR D 152 19.58 -50.56 5.22
C TYR D 152 20.79 -50.08 5.95
N ILE D 153 21.53 -49.16 5.32
CA ILE D 153 22.80 -48.70 5.88
C ILE D 153 23.00 -47.20 5.60
N THR D 154 23.31 -46.44 6.65
CA THR D 154 23.47 -44.99 6.54
C THR D 154 24.93 -44.69 6.33
N ASP D 155 25.25 -43.70 5.51
CA ASP D 155 26.65 -43.32 5.40
C ASP D 155 27.13 -42.78 6.75
N LYS D 156 28.44 -42.61 6.85
CA LYS D 156 29.08 -42.13 8.05
C LYS D 156 28.65 -40.68 8.34
N CYS D 157 28.59 -40.33 9.61
CA CYS D 157 28.33 -38.96 10.05
C CYS D 157 29.35 -38.72 11.15
N VAL D 158 29.76 -37.48 11.39
CA VAL D 158 30.74 -37.26 12.45
C VAL D 158 30.16 -36.59 13.68
N LEU D 159 30.45 -37.22 14.82
CA LEU D 159 30.01 -36.83 16.15
C LEU D 159 31.06 -35.91 16.73
N ASP D 160 30.66 -34.75 17.26
CA ASP D 160 31.61 -33.80 17.81
C ASP D 160 31.33 -33.52 19.29
N MET D 161 32.19 -34.01 20.17
CA MET D 161 32.19 -33.50 21.54
C MET D 161 32.90 -32.15 21.54
N ARG D 162 32.63 -31.39 22.59
CA ARG D 162 33.14 -30.03 22.72
C ARG D 162 33.31 -29.78 24.22
N SER D 163 34.25 -28.89 24.54
CA SER D 163 34.78 -28.66 25.89
C SER D 163 35.85 -29.72 26.14
N MET D 164 35.42 -30.99 26.24
CA MET D 164 36.31 -32.14 26.21
C MET D 164 36.38 -32.60 24.74
N ASP D 165 37.51 -32.36 24.08
CA ASP D 165 37.60 -32.40 22.60
C ASP D 165 37.81 -33.80 21.99
N PHE D 166 36.72 -34.40 21.54
CA PHE D 166 36.75 -35.77 21.00
C PHE D 166 35.80 -35.86 19.80
N LYS D 167 36.26 -36.53 18.73
CA LYS D 167 35.46 -36.71 17.53
C LYS D 167 35.49 -38.18 17.18
N SER D 168 34.45 -38.65 16.51
CA SER D 168 34.38 -40.02 16.08
C SER D 168 33.38 -40.13 14.98
N ASN D 169 33.69 -40.98 14.02
CA ASN D 169 32.77 -41.32 12.96
C ASN D 169 31.88 -42.40 13.49
N SER D 170 30.71 -42.55 12.87
CA SER D 170 29.78 -43.59 13.21
C SER D 170 28.95 -43.85 11.97
N ALA D 171 28.44 -45.07 11.86
CA ALA D 171 27.50 -45.40 10.81
C ALA D 171 26.55 -46.45 11.35
N VAL D 172 25.44 -46.67 10.66
CA VAL D 172 24.38 -47.55 11.16
C VAL D 172 23.74 -48.40 10.04
N ALA D 173 23.48 -49.66 10.36
CA ALA D 173 22.80 -50.60 9.46
C ALA D 173 21.77 -51.44 10.19
N TRP D 174 20.73 -51.87 9.47
CA TRP D 174 19.71 -52.77 10.00
C TRP D 174 18.93 -53.49 8.88
N SER D 175 18.15 -54.49 9.31
CA SER D 175 17.26 -55.25 8.45
C SER D 175 16.47 -56.13 9.39
N ASN D 176 15.23 -56.47 9.04
CA ASN D 176 14.45 -57.47 9.81
C ASN D 176 15.14 -58.85 9.85
N LYS D 177 14.87 -59.62 10.90
CA LYS D 177 15.78 -60.70 11.30
C LYS D 177 15.51 -62.01 10.53
N SER D 178 15.56 -61.90 9.20
CA SER D 178 15.80 -63.05 8.34
C SER D 178 17.29 -63.28 8.56
N ASP D 179 17.62 -64.21 9.44
CA ASP D 179 18.91 -64.18 10.15
C ASP D 179 20.15 -64.16 9.25
N PHE D 180 20.35 -63.00 8.62
CA PHE D 180 21.61 -62.58 8.05
C PHE D 180 21.87 -61.21 8.66
N ALA D 181 22.76 -61.14 9.65
CA ALA D 181 22.97 -59.93 10.46
C ALA D 181 24.40 -59.31 10.32
N CYS D 182 25.18 -59.32 11.40
CA CYS D 182 26.27 -58.34 11.59
C CYS D 182 27.56 -58.54 10.76
N ALA D 183 27.96 -59.80 10.54
CA ALA D 183 29.15 -60.12 9.74
C ALA D 183 28.91 -59.86 8.25
N ASN D 184 27.84 -60.46 7.71
CA ASN D 184 27.39 -60.23 6.32
C ASN D 184 26.98 -58.78 5.99
N ALA D 185 26.96 -57.90 6.99
CA ALA D 185 26.54 -56.51 6.81
C ALA D 185 27.56 -55.71 6.01
N PHE D 186 28.80 -56.21 5.95
CA PHE D 186 29.91 -55.52 5.33
C PHE D 186 30.58 -56.36 4.26
N ASN D 187 29.82 -57.32 3.72
CA ASN D 187 30.11 -57.91 2.43
C ASN D 187 29.95 -56.83 1.34
N ASN D 188 29.54 -55.64 1.77
CA ASN D 188 29.54 -54.41 0.98
C ASN D 188 30.93 -53.78 0.93
N SER D 189 31.42 -53.40 2.11
CA SER D 189 32.66 -52.63 2.26
C SER D 189 33.10 -52.56 3.71
N ILE D 190 34.42 -52.53 3.91
CA ILE D 190 35.04 -52.40 5.24
C ILE D 190 36.54 -52.21 5.02
N ILE D 191 37.16 -51.35 5.82
CA ILE D 191 38.63 -51.20 5.82
C ILE D 191 39.29 -51.90 7.06
N PRO D 192 39.16 -51.33 8.29
CA PRO D 192 39.92 -51.87 9.43
C PRO D 192 39.04 -52.69 10.46
N GLU D 193 39.67 -53.15 11.56
CA GLU D 193 39.16 -54.31 12.35
C GLU D 193 38.94 -54.14 13.89
N ASP D 194 37.72 -54.49 14.35
CA ASP D 194 37.41 -54.97 15.74
C ASP D 194 35.94 -55.44 15.79
N THR D 195 35.54 -56.21 16.79
CA THR D 195 34.17 -56.77 16.81
C THR D 195 33.71 -57.32 18.17
N PHE D 196 32.40 -57.54 18.27
CA PHE D 196 31.77 -58.34 19.33
C PHE D 196 31.69 -59.83 18.92
N PHE D 197 31.74 -60.73 19.89
CA PHE D 197 31.44 -62.16 19.66
C PHE D 197 31.46 -62.94 20.98
N GLY E 3 15.35 -10.41 11.17
CA GLY E 3 15.59 -10.79 9.74
C GLY E 3 14.32 -10.97 8.95
N VAL E 4 14.50 -11.53 7.77
CA VAL E 4 13.43 -11.81 6.88
C VAL E 4 12.62 -12.97 7.47
N ILE E 5 11.30 -12.81 7.50
CA ILE E 5 10.40 -13.78 8.09
C ILE E 5 9.56 -14.38 6.98
N GLN E 6 9.63 -15.69 6.83
CA GLN E 6 8.88 -16.36 5.78
C GLN E 6 7.94 -17.32 6.47
N SER E 7 6.79 -17.53 5.84
CA SER E 7 5.74 -18.40 6.37
C SER E 7 4.99 -19.06 5.19
N PRO E 8 4.57 -20.29 5.35
CA PRO E 8 4.93 -21.14 6.49
C PRO E 8 6.35 -21.71 6.32
N ARG E 9 6.90 -22.28 7.38
CA ARG E 9 8.22 -22.95 7.29
C ARG E 9 8.10 -24.22 6.46
N HIS E 10 7.03 -25.00 6.68
CA HIS E 10 6.79 -26.22 5.96
C HIS E 10 5.36 -26.25 5.47
N GLU E 11 5.15 -26.80 4.28
CA GLU E 11 3.82 -27.04 3.77
C GLU E 11 3.80 -28.39 3.09
N VAL E 12 2.88 -29.25 3.51
CA VAL E 12 2.55 -30.42 2.76
C VAL E 12 1.09 -30.40 2.32
N THR E 13 0.86 -30.49 1.00
CA THR E 13 -0.47 -30.39 0.42
C THR E 13 -0.67 -31.31 -0.76
N GLU E 14 -1.95 -31.58 -1.05
CA GLU E 14 -2.34 -32.31 -2.23
C GLU E 14 -2.32 -31.37 -3.43
N MET E 15 -2.02 -31.94 -4.60
CA MET E 15 -2.09 -31.19 -5.83
C MET E 15 -3.54 -30.74 -6.07
N GLY E 16 -3.70 -29.68 -6.84
CA GLY E 16 -5.00 -29.08 -7.02
C GLY E 16 -5.26 -27.91 -6.10
N GLN E 17 -4.68 -27.91 -4.90
CA GLN E 17 -4.88 -26.84 -3.93
C GLN E 17 -4.18 -25.58 -4.37
N GLN E 18 -4.69 -24.44 -3.89
CA GLN E 18 -3.97 -23.19 -3.91
C GLN E 18 -2.96 -23.20 -2.78
N VAL E 19 -1.76 -22.68 -3.07
CA VAL E 19 -0.67 -22.58 -2.11
C VAL E 19 -0.27 -21.13 -2.03
N THR E 20 -0.22 -20.57 -0.83
CA THR E 20 0.21 -19.19 -0.69
C THR E 20 1.42 -19.11 0.21
N LEU E 21 2.49 -18.48 -0.27
CA LEU E 21 3.75 -18.43 0.47
C LEU E 21 3.91 -16.98 0.83
N ARG E 22 4.41 -16.69 2.03
CA ARG E 22 4.46 -15.33 2.50
C ARG E 22 5.85 -14.92 2.96
N CYS E 23 6.11 -13.63 2.86
CA CYS E 23 7.39 -13.10 3.21
C CYS E 23 7.22 -11.71 3.78
N LYS E 24 7.89 -11.45 4.90
CA LYS E 24 8.02 -10.12 5.46
C LYS E 24 9.49 -9.71 5.35
N PRO E 25 9.79 -8.69 4.55
CA PRO E 25 11.17 -8.29 4.48
C PRO E 25 11.60 -7.60 5.76
N ILE E 26 12.89 -7.30 5.88
CA ILE E 26 13.45 -6.56 7.00
C ILE E 26 13.00 -5.12 6.82
N SER E 27 12.52 -4.47 7.86
CA SER E 27 11.92 -3.16 7.67
C SER E 27 13.00 -2.19 7.25
N GLY E 28 12.63 -1.29 6.35
CA GLY E 28 13.57 -0.38 5.75
C GLY E 28 14.08 -0.90 4.41
N HIS E 29 14.14 -2.21 4.21
CA HIS E 29 14.57 -2.70 2.92
C HIS E 29 13.51 -2.47 1.89
N ASP E 30 13.93 -2.12 0.70
CA ASP E 30 13.00 -1.78 -0.35
C ASP E 30 13.16 -2.64 -1.57
N TYR E 31 13.96 -3.71 -1.48
CA TYR E 31 14.06 -4.72 -2.59
C TYR E 31 13.65 -6.03 -1.97
N LEU E 32 12.82 -6.78 -2.70
CA LEU E 32 12.44 -8.11 -2.28
C LEU E 32 12.54 -9.12 -3.43
N PHE E 33 13.22 -10.23 -3.17
CA PHE E 33 13.45 -11.28 -4.14
C PHE E 33 12.82 -12.58 -3.69
N TRP E 34 12.22 -13.32 -4.64
CA TRP E 34 11.70 -14.64 -4.38
C TRP E 34 12.47 -15.62 -5.25
N TYR E 35 12.96 -16.67 -4.59
CA TYR E 35 13.73 -17.73 -5.26
C TYR E 35 13.16 -19.11 -5.01
N ARG E 36 13.61 -20.03 -5.83
CA ARG E 36 13.17 -21.40 -5.76
C ARG E 36 14.41 -22.27 -5.98
N GLN E 37 14.52 -23.34 -5.21
CA GLN E 37 15.60 -24.29 -5.33
C GLN E 37 15.08 -25.73 -5.31
N THR E 38 15.43 -26.48 -6.35
CA THR E 38 15.05 -27.88 -6.43
C THR E 38 16.23 -28.66 -5.98
N MET E 39 15.96 -29.73 -5.23
CA MET E 39 17.00 -30.46 -4.53
C MET E 39 18.02 -31.06 -5.49
N MET E 40 19.24 -31.18 -4.98
CA MET E 40 20.51 -31.36 -5.76
C MET E 40 20.73 -30.35 -6.92
N ARG E 41 20.10 -29.18 -6.81
CA ARG E 41 20.38 -28.08 -7.73
C ARG E 41 20.49 -26.68 -7.09
N GLY E 42 20.52 -25.67 -7.95
CA GLY E 42 20.73 -24.31 -7.54
C GLY E 42 19.46 -23.51 -7.48
N LEU E 43 19.64 -22.31 -6.95
CA LEU E 43 18.60 -21.35 -6.85
C LEU E 43 18.31 -20.83 -8.25
N GLU E 44 17.09 -20.35 -8.37
CA GLU E 44 16.70 -19.63 -9.53
C GLU E 44 15.70 -18.57 -9.07
N LEU E 45 15.91 -17.36 -9.56
CA LEU E 45 15.09 -16.23 -9.24
C LEU E 45 13.76 -16.36 -9.93
N LEU E 46 12.68 -16.14 -9.19
CA LEU E 46 11.32 -16.09 -9.77
C LEU E 46 10.98 -14.68 -10.13
N ILE E 47 11.16 -13.78 -9.16
CA ILE E 47 10.84 -12.38 -9.34
C ILE E 47 11.49 -11.54 -8.26
N TYR E 48 11.71 -10.27 -8.56
CA TYR E 48 12.04 -9.34 -7.51
C TYR E 48 11.30 -8.05 -7.68
N PHE E 49 11.22 -7.30 -6.59
CA PHE E 49 10.45 -6.10 -6.52
C PHE E 49 11.34 -5.02 -6.02
N ASN E 50 11.03 -3.81 -6.47
CA ASN E 50 11.62 -2.63 -5.90
C ASN E 50 10.49 -1.65 -5.58
N ASN E 51 10.49 -1.08 -4.39
CA ASN E 51 9.39 -0.21 -3.90
C ASN E 51 8.03 -0.76 -4.18
N ASN E 52 7.89 -2.06 -3.94
CA ASN E 52 6.65 -2.82 -4.17
C ASN E 52 6.29 -3.05 -5.60
N VAL E 53 7.11 -2.58 -6.53
CA VAL E 53 6.83 -2.72 -7.96
C VAL E 53 7.68 -3.85 -8.55
N PRO E 54 7.07 -4.82 -9.25
CA PRO E 54 7.83 -5.93 -9.85
C PRO E 54 8.76 -5.39 -10.89
N ILE E 55 10.02 -5.76 -10.86
CA ILE E 55 10.93 -5.17 -11.81
C ILE E 55 11.40 -6.22 -12.81
N ASP E 56 11.65 -7.43 -12.35
CA ASP E 56 12.04 -8.49 -13.22
C ASP E 56 11.34 -9.73 -12.85
N ASP E 57 10.59 -10.29 -13.79
CA ASP E 57 9.79 -11.49 -13.57
C ASP E 57 10.04 -12.54 -14.63
N SER E 58 11.13 -12.35 -15.40
CA SER E 58 11.51 -13.29 -16.46
C SER E 58 11.62 -14.75 -15.99
N GLY E 59 11.93 -14.98 -14.73
CA GLY E 59 12.02 -16.34 -14.21
C GLY E 59 10.74 -16.93 -13.66
N MET E 60 9.69 -16.15 -13.75
CA MET E 60 8.39 -16.59 -13.30
C MET E 60 7.81 -17.58 -14.30
N PRO E 61 7.35 -18.76 -13.84
CA PRO E 61 6.70 -19.73 -14.73
C PRO E 61 5.58 -19.08 -15.52
N GLU E 62 5.33 -19.56 -16.74
CA GLU E 62 4.29 -18.99 -17.63
C GLU E 62 2.87 -19.04 -17.07
N ASP E 63 2.58 -20.02 -16.23
CA ASP E 63 1.18 -20.39 -16.03
C ASP E 63 0.51 -20.17 -14.64
N ARG E 64 0.97 -20.81 -13.58
CA ARG E 64 0.13 -20.96 -12.36
C ARG E 64 0.67 -20.17 -11.13
N PHE E 65 1.59 -19.25 -11.41
CA PHE E 65 2.37 -18.60 -10.39
C PHE E 65 2.08 -17.13 -10.42
N SER E 66 1.98 -16.54 -9.25
CA SER E 66 1.59 -15.16 -9.15
C SER E 66 2.22 -14.53 -7.90
N ALA E 67 2.87 -13.40 -8.04
CA ALA E 67 3.54 -12.77 -6.91
C ALA E 67 3.00 -11.37 -6.72
N LYS E 68 2.88 -10.93 -5.49
CA LYS E 68 2.41 -9.59 -5.23
C LYS E 68 3.15 -8.98 -4.08
N MET E 69 3.10 -7.66 -4.01
CA MET E 69 3.63 -6.94 -2.88
C MET E 69 2.73 -5.76 -2.57
N PRO E 70 1.64 -6.01 -1.83
CA PRO E 70 0.69 -4.92 -1.51
C PRO E 70 1.27 -3.76 -0.72
N ASN E 71 2.32 -3.99 0.07
CA ASN E 71 2.94 -2.86 0.79
C ASN E 71 4.35 -3.24 1.05
N ALA E 72 5.12 -2.32 1.64
CA ALA E 72 6.56 -2.54 1.81
C ALA E 72 6.88 -3.68 2.78
N SER E 73 5.95 -4.06 3.64
CA SER E 73 6.24 -5.08 4.64
C SER E 73 5.80 -6.46 4.29
N PHE E 74 5.29 -6.68 3.07
CA PHE E 74 4.64 -7.97 2.84
C PHE E 74 4.61 -8.37 1.37
N SER E 75 5.08 -9.58 1.05
CA SER E 75 4.86 -10.12 -0.28
C SER E 75 4.28 -11.50 -0.22
N THR E 76 3.47 -11.84 -1.20
CA THR E 76 2.98 -13.20 -1.36
C THR E 76 3.37 -13.78 -2.68
N LEU E 77 3.50 -15.08 -2.71
CA LEU E 77 3.65 -15.80 -3.95
C LEU E 77 2.59 -16.86 -3.91
N LYS E 78 1.79 -16.95 -4.97
CA LYS E 78 0.69 -17.90 -5.04
C LYS E 78 0.88 -18.86 -6.19
N ILE E 79 0.51 -20.11 -5.89
CA ILE E 79 0.43 -21.14 -6.87
C ILE E 79 -0.99 -21.67 -6.86
N GLN E 80 -1.65 -21.59 -8.00
CA GLN E 80 -2.99 -22.12 -8.15
C GLN E 80 -3.21 -22.59 -9.59
N PRO E 81 -3.60 -23.85 -9.82
CA PRO E 81 -3.55 -24.92 -8.81
C PRO E 81 -2.11 -25.49 -8.70
N SER E 82 -1.77 -26.02 -7.54
CA SER E 82 -0.42 -26.56 -7.30
C SER E 82 -0.28 -27.92 -7.97
N GLU E 83 0.95 -28.29 -8.30
CA GLU E 83 1.24 -29.59 -8.94
C GLU E 83 2.49 -30.13 -8.28
N PRO E 84 2.72 -31.44 -8.37
CA PRO E 84 3.86 -32.00 -7.64
C PRO E 84 5.19 -31.39 -8.05
N ARG E 85 5.32 -31.04 -9.31
CA ARG E 85 6.59 -30.50 -9.75
C ARG E 85 6.89 -29.17 -9.09
N ASP E 86 5.93 -28.54 -8.43
CA ASP E 86 6.22 -27.30 -7.72
C ASP E 86 6.94 -27.52 -6.39
N SER E 87 7.13 -28.75 -5.97
CA SER E 87 7.83 -29.04 -4.75
C SER E 87 9.23 -28.49 -4.80
N ALA E 88 9.63 -27.80 -3.75
CA ALA E 88 10.88 -27.10 -3.76
C ALA E 88 11.00 -26.41 -2.42
N VAL E 89 12.16 -25.81 -2.14
CA VAL E 89 12.31 -24.82 -1.12
C VAL E 89 12.19 -23.42 -1.76
N TYR E 90 11.38 -22.55 -1.18
CA TYR E 90 11.17 -21.23 -1.73
C TYR E 90 11.76 -20.29 -0.70
N PHE E 91 12.69 -19.47 -1.14
CA PHE E 91 13.37 -18.53 -0.29
C PHE E 91 12.92 -17.14 -0.66
N CYS E 92 12.91 -16.27 0.34
CA CYS E 92 12.62 -14.90 0.10
C CYS E 92 13.84 -14.15 0.60
N ALA E 93 14.22 -13.06 -0.06
CA ALA E 93 15.34 -12.25 0.41
C ALA E 93 15.02 -10.79 0.28
N SER E 94 15.67 -9.98 1.07
CA SER E 94 15.45 -8.54 0.92
C SER E 94 16.76 -7.81 0.99
N SER E 95 16.77 -6.60 0.44
CA SER E 95 17.98 -5.81 0.49
C SER E 95 17.77 -4.34 0.25
N LEU E 96 18.91 -3.63 0.26
CA LEU E 96 19.00 -2.20 -0.02
C LEU E 96 20.03 -2.00 -1.16
N TRP E 97 19.97 -0.84 -1.81
CA TRP E 97 20.82 -0.54 -2.95
C TRP E 97 22.31 -0.71 -2.61
N GLU E 98 22.73 -0.15 -1.49
CA GLU E 98 24.12 -0.18 -1.05
C GLU E 98 24.61 -1.58 -0.68
N LYS E 99 23.72 -2.46 -0.22
CA LYS E 99 24.10 -3.83 0.00
C LYS E 99 24.09 -4.57 -1.34
N LEU E 100 23.20 -4.17 -2.22
CA LEU E 100 23.16 -4.82 -3.50
C LEU E 100 24.36 -4.45 -4.34
N ALA E 101 24.99 -3.32 -4.10
CA ALA E 101 26.21 -2.96 -4.84
C ALA E 101 27.38 -3.84 -4.45
N LYS E 102 27.29 -4.49 -3.31
CA LYS E 102 28.27 -5.49 -2.91
C LYS E 102 27.67 -6.91 -3.01
N ASN E 103 26.57 -7.02 -3.73
CA ASN E 103 25.89 -8.30 -3.92
C ASN E 103 25.50 -9.04 -2.62
N ILE E 104 25.15 -8.25 -1.61
CA ILE E 104 24.60 -8.71 -0.35
C ILE E 104 23.09 -8.59 -0.31
N GLN E 105 22.46 -9.59 0.30
CA GLN E 105 21.03 -9.91 0.21
C GLN E 105 20.72 -10.65 1.49
N TYR E 106 19.57 -10.42 2.13
CA TYR E 106 19.29 -11.16 3.36
C TYR E 106 18.21 -12.17 3.11
N PHE E 107 18.50 -13.42 3.49
CA PHE E 107 17.64 -14.56 3.16
C PHE E 107 16.76 -14.94 4.31
N GLY E 108 15.50 -15.26 3.99
CA GLY E 108 14.63 -15.94 4.93
C GLY E 108 15.11 -17.35 5.12
N ALA E 109 14.55 -18.02 6.10
CA ALA E 109 14.80 -19.42 6.37
C ALA E 109 14.17 -20.36 5.30
N GLY E 110 13.37 -19.82 4.39
CA GLY E 110 12.77 -20.64 3.33
C GLY E 110 11.46 -21.31 3.75
N THR E 111 10.67 -21.71 2.74
CA THR E 111 9.48 -22.51 2.92
C THR E 111 9.76 -23.80 2.18
N ARG E 112 9.65 -24.93 2.86
CA ARG E 112 9.80 -26.21 2.24
C ARG E 112 8.40 -26.77 1.85
N LEU E 113 8.17 -26.91 0.54
CA LEU E 113 6.90 -27.24 -0.04
C LEU E 113 6.93 -28.58 -0.68
N SER E 114 6.08 -29.47 -0.18
CA SER E 114 5.81 -30.71 -0.84
C SER E 114 4.38 -30.73 -1.31
N VAL E 115 4.22 -30.74 -2.62
CA VAL E 115 2.95 -30.93 -3.25
C VAL E 115 2.86 -32.40 -3.72
N LEU E 116 1.93 -33.14 -3.15
CA LEU E 116 1.78 -34.58 -3.32
C LEU E 116 0.63 -34.97 -4.21
N GLU E 117 0.79 -36.07 -4.94
CA GLU E 117 -0.27 -36.59 -5.79
C GLU E 117 -1.46 -37.08 -4.97
N ASP E 118 -1.16 -37.70 -3.83
CA ASP E 118 -2.19 -38.25 -2.96
C ASP E 118 -1.74 -38.27 -1.50
N LEU E 119 -2.61 -37.81 -0.62
CA LEU E 119 -2.31 -37.80 0.82
C LEU E 119 -2.33 -39.19 1.47
N LYS E 120 -2.86 -40.17 0.75
CA LYS E 120 -2.84 -41.55 1.25
C LYS E 120 -1.43 -42.09 1.41
N ASN E 121 -0.44 -41.40 0.82
CA ASN E 121 0.96 -41.81 0.90
C ASN E 121 1.72 -41.25 2.10
N VAL E 122 1.08 -40.34 2.82
CA VAL E 122 1.71 -39.63 3.92
C VAL E 122 1.71 -40.48 5.18
N PHE E 123 2.86 -40.68 5.80
CA PHE E 123 2.92 -41.38 7.08
C PHE E 123 3.84 -40.66 8.06
N PRO E 124 3.52 -40.70 9.35
CA PRO E 124 4.45 -40.14 10.30
C PRO E 124 5.48 -41.19 10.64
N PRO E 125 6.57 -40.76 11.29
CA PRO E 125 7.62 -41.70 11.63
C PRO E 125 7.26 -42.53 12.85
N GLU E 126 7.78 -43.74 12.89
CA GLU E 126 7.90 -44.49 14.11
C GLU E 126 9.32 -44.21 14.60
N VAL E 127 9.50 -44.12 15.91
CA VAL E 127 10.76 -43.70 16.49
C VAL E 127 11.21 -44.64 17.61
N ALA E 128 12.38 -45.23 17.45
CA ALA E 128 12.95 -46.10 18.46
C ALA E 128 14.32 -45.59 18.88
N VAL E 129 14.66 -45.73 20.16
CA VAL E 129 16.06 -45.56 20.60
C VAL E 129 16.65 -46.93 20.92
N PHE E 130 17.97 -47.02 20.75
CA PHE E 130 18.69 -48.26 21.03
C PHE E 130 19.79 -48.02 22.06
N GLU E 131 20.23 -49.12 22.66
CA GLU E 131 21.08 -49.10 23.86
C GLU E 131 22.55 -48.84 23.52
N PRO E 132 23.37 -48.38 24.49
CA PRO E 132 24.78 -48.76 24.32
C PRO E 132 24.94 -50.29 24.30
N SER E 133 25.88 -50.76 23.49
CA SER E 133 26.30 -52.16 23.48
C SER E 133 27.02 -52.51 24.78
N GLU E 134 26.85 -53.75 25.25
CA GLU E 134 27.62 -54.25 26.38
C GLU E 134 29.11 -53.95 26.19
N ALA E 135 29.70 -54.49 25.12
CA ALA E 135 31.12 -54.33 24.82
C ALA E 135 31.60 -52.89 24.93
N GLU E 136 31.00 -52.02 24.12
CA GLU E 136 31.53 -50.67 23.90
C GLU E 136 31.87 -49.87 25.17
N ILE E 137 31.16 -50.12 26.26
CA ILE E 137 31.22 -49.24 27.45
C ILE E 137 32.54 -49.20 28.25
N SER E 138 33.20 -50.33 28.51
CA SER E 138 34.33 -50.33 29.47
C SER E 138 35.69 -49.75 28.98
N HIS E 139 36.20 -50.21 27.85
CA HIS E 139 37.49 -49.75 27.32
C HIS E 139 37.43 -48.35 26.65
N THR E 140 36.24 -47.98 26.19
CA THR E 140 36.01 -46.66 25.59
C THR E 140 35.60 -45.67 26.67
N GLN E 141 34.71 -46.13 27.55
CA GLN E 141 34.27 -45.34 28.71
C GLN E 141 33.55 -44.05 28.26
N LYS E 142 32.66 -44.17 27.26
CA LYS E 142 31.77 -43.06 26.89
C LYS E 142 30.36 -43.57 26.55
N ALA E 143 29.41 -42.65 26.54
CA ALA E 143 28.00 -43.03 26.48
C ALA E 143 27.51 -43.05 25.04
N THR E 144 27.14 -44.22 24.56
CA THR E 144 26.64 -44.38 23.20
C THR E 144 25.13 -44.52 23.10
N LEU E 145 24.46 -43.74 22.26
CA LEU E 145 23.11 -44.18 21.86
C LEU E 145 22.58 -43.60 20.56
N VAL E 146 21.72 -44.40 19.94
CA VAL E 146 21.21 -44.08 18.62
C VAL E 146 19.70 -44.06 18.64
N CYS E 147 19.17 -43.16 17.81
CA CYS E 147 17.77 -42.99 17.62
C CYS E 147 17.46 -43.24 16.16
N LEU E 148 16.39 -44.02 15.92
CA LEU E 148 15.93 -44.29 14.56
C LEU E 148 14.52 -43.75 14.37
N ALA E 149 14.32 -43.10 13.23
CA ALA E 149 13.03 -42.62 12.81
C ALA E 149 12.75 -43.33 11.51
N THR E 150 11.70 -44.12 11.51
CA THR E 150 11.40 -45.01 10.39
C THR E 150 9.99 -44.78 9.86
N GLY E 151 9.83 -44.96 8.55
CA GLY E 151 8.53 -45.09 7.91
C GLY E 151 7.80 -43.81 7.56
N PHE E 152 8.51 -42.70 7.43
CA PHE E 152 7.81 -41.45 7.25
C PHE E 152 7.82 -40.97 5.83
N TYR E 153 6.78 -40.24 5.48
CA TYR E 153 6.64 -39.66 4.17
C TYR E 153 5.68 -38.50 4.31
N PRO E 154 5.97 -37.36 3.70
CA PRO E 154 7.20 -37.07 2.95
C PRO E 154 8.36 -36.84 3.90
N ASP E 155 9.46 -36.26 3.41
CA ASP E 155 10.67 -36.17 4.27
C ASP E 155 10.87 -34.82 4.94
N HIS E 156 9.94 -34.47 5.82
CA HIS E 156 9.89 -33.17 6.52
C HIS E 156 9.95 -33.52 7.98
N VAL E 157 11.17 -33.50 8.50
CA VAL E 157 11.42 -34.01 9.82
C VAL E 157 12.54 -33.19 10.42
N GLU E 158 12.38 -32.82 11.69
CA GLU E 158 13.41 -32.17 12.49
C GLU E 158 13.59 -33.04 13.73
N LEU E 159 14.78 -33.62 13.86
CA LEU E 159 15.20 -34.46 14.97
C LEU E 159 16.00 -33.67 16.01
N SER E 160 15.82 -33.97 17.29
CA SER E 160 16.53 -33.23 18.33
C SER E 160 16.63 -34.06 19.60
N TRP E 161 17.76 -33.97 20.30
CA TRP E 161 17.98 -34.68 21.55
C TRP E 161 17.71 -33.74 22.71
N TRP E 162 17.02 -34.29 23.71
CA TRP E 162 16.75 -33.56 24.94
C TRP E 162 17.29 -34.38 26.10
N VAL E 163 18.00 -33.69 26.99
CA VAL E 163 18.49 -34.27 28.22
C VAL E 163 18.02 -33.38 29.35
N ASN E 164 17.45 -33.98 30.39
CA ASN E 164 16.72 -33.23 31.39
C ASN E 164 15.61 -32.47 30.65
N GLY E 165 15.41 -31.20 31.01
CA GLY E 165 14.48 -30.36 30.28
C GLY E 165 15.06 -29.57 29.11
N LYS E 166 16.30 -29.87 28.69
CA LYS E 166 17.08 -28.98 27.80
C LYS E 166 17.52 -29.58 26.46
N GLU E 167 17.32 -28.84 25.38
CA GLU E 167 17.83 -29.29 24.08
C GLU E 167 19.34 -29.31 24.13
N VAL E 168 19.91 -30.31 23.46
CA VAL E 168 21.33 -30.57 23.54
C VAL E 168 21.98 -30.68 22.15
N HIS E 169 23.12 -30.04 21.99
CA HIS E 169 23.87 -30.05 20.73
C HIS E 169 25.22 -30.75 20.85
N SER E 170 25.92 -30.55 21.96
CA SER E 170 27.20 -31.21 22.16
C SER E 170 26.99 -32.71 22.18
N GLY E 171 27.79 -33.43 21.41
CA GLY E 171 27.73 -34.89 21.35
C GLY E 171 26.75 -35.39 20.31
N VAL E 172 26.17 -34.50 19.51
CA VAL E 172 25.06 -34.89 18.65
C VAL E 172 25.48 -34.98 17.20
N CYS E 173 25.03 -35.99 16.46
CA CYS E 173 25.19 -36.02 15.01
C CYS E 173 24.06 -36.82 14.41
N THR E 174 23.14 -36.13 13.72
CA THR E 174 22.12 -36.80 12.92
C THR E 174 22.51 -36.73 11.46
N ASP E 175 21.99 -37.66 10.67
CA ASP E 175 22.36 -37.71 9.24
C ASP E 175 21.87 -36.47 8.49
N PRO E 176 22.70 -35.96 7.55
CA PRO E 176 22.24 -34.82 6.75
C PRO E 176 21.03 -35.14 5.88
N GLN E 177 20.91 -36.40 5.48
CA GLN E 177 19.88 -36.82 4.51
C GLN E 177 19.20 -38.12 4.93
N PRO E 178 17.88 -38.21 4.70
CA PRO E 178 17.11 -39.40 5.04
C PRO E 178 17.27 -40.52 4.01
N LEU E 179 17.26 -41.76 4.50
CA LEU E 179 17.40 -42.95 3.66
C LEU E 179 16.02 -43.33 3.14
N LYS E 180 15.93 -43.99 1.99
CA LYS E 180 14.62 -44.56 1.56
C LYS E 180 14.53 -46.09 1.66
N GLU E 181 13.37 -46.58 2.12
CA GLU E 181 13.04 -48.02 2.19
C GLU E 181 12.39 -48.52 0.87
N GLN E 182 13.16 -48.46 -0.22
CA GLN E 182 12.56 -48.24 -1.56
C GLN E 182 12.88 -49.14 -2.75
N PRO E 183 12.05 -49.05 -3.82
CA PRO E 183 12.63 -48.94 -5.14
C PRO E 183 12.85 -47.44 -5.33
N ALA E 184 14.01 -47.01 -5.78
CA ALA E 184 14.32 -45.58 -5.78
C ALA E 184 13.30 -44.78 -6.61
N LEU E 185 12.04 -44.79 -6.16
CA LEU E 185 10.86 -44.43 -6.96
C LEU E 185 10.04 -43.33 -6.31
N ASN E 186 10.69 -42.35 -5.67
CA ASN E 186 10.00 -41.17 -5.13
C ASN E 186 8.86 -41.56 -4.17
N ASP E 187 7.90 -42.33 -4.68
CA ASP E 187 6.93 -43.01 -3.81
C ASP E 187 7.63 -44.12 -3.03
N SER E 188 8.13 -43.71 -1.88
CA SER E 188 8.87 -44.53 -0.96
C SER E 188 8.54 -43.89 0.36
N ARG E 189 8.98 -44.50 1.44
CA ARG E 189 8.94 -43.90 2.75
C ARG E 189 10.38 -43.79 3.17
N TYR E 190 10.66 -43.09 4.26
CA TYR E 190 12.03 -42.70 4.59
C TYR E 190 12.48 -43.14 5.96
N ALA E 191 13.79 -43.09 6.16
CA ALA E 191 14.42 -43.43 7.44
C ALA E 191 15.56 -42.47 7.79
N LEU E 192 15.75 -42.24 9.09
CA LEU E 192 16.71 -41.24 9.57
C LEU E 192 17.30 -41.70 10.90
N SER E 193 18.61 -41.52 11.09
CA SER E 193 19.26 -41.82 12.35
C SER E 193 19.97 -40.62 12.93
N SER E 194 20.27 -40.74 14.22
CA SER E 194 20.99 -39.73 14.97
C SER E 194 21.73 -40.46 16.10
N ARG E 195 22.87 -39.91 16.54
CA ARG E 195 23.64 -40.48 17.62
C ARG E 195 23.76 -39.45 18.73
N LEU E 196 23.91 -39.91 19.95
CA LEU E 196 24.24 -39.00 21.05
C LEU E 196 25.19 -39.66 22.03
N ARG E 197 26.28 -38.96 22.36
CA ARG E 197 27.22 -39.43 23.36
C ARG E 197 27.62 -38.37 24.41
N VAL E 198 27.82 -38.86 25.64
CA VAL E 198 28.23 -38.06 26.82
C VAL E 198 29.14 -39.02 27.62
N SER E 199 29.72 -38.58 28.73
CA SER E 199 30.62 -39.47 29.48
C SER E 199 29.90 -40.75 29.94
N ALA E 200 30.61 -41.88 29.95
CA ALA E 200 30.01 -43.17 30.38
C ALA E 200 29.32 -43.08 31.74
N THR E 201 29.89 -42.26 32.63
CA THR E 201 29.28 -41.95 33.92
C THR E 201 27.80 -41.57 33.82
N PHE E 202 27.44 -40.86 32.76
CA PHE E 202 26.03 -40.49 32.44
C PHE E 202 25.05 -41.65 32.17
N TRP E 203 25.38 -42.49 31.18
CA TRP E 203 24.52 -43.64 30.76
C TRP E 203 24.32 -44.64 31.86
N GLN E 204 25.36 -44.87 32.63
CA GLN E 204 25.34 -46.01 33.52
C GLN E 204 24.44 -45.74 34.72
N ASP E 205 24.64 -44.60 35.37
CA ASP E 205 24.20 -44.41 36.75
C ASP E 205 22.95 -43.51 36.96
N PRO E 206 23.08 -42.19 36.73
CA PRO E 206 22.27 -41.33 37.60
C PRO E 206 20.74 -41.16 37.32
N ARG E 207 20.31 -39.91 37.13
CA ARG E 207 18.94 -39.47 37.14
C ARG E 207 18.86 -38.73 35.83
N ASN E 208 18.70 -39.51 34.78
CA ASN E 208 19.23 -39.17 33.46
C ASN E 208 18.16 -39.14 32.39
N HIS E 209 17.60 -37.96 32.14
CA HIS E 209 16.43 -37.87 31.28
C HIS E 209 16.89 -37.56 29.86
N PHE E 210 16.50 -38.45 28.97
CA PHE E 210 17.22 -38.76 27.76
C PHE E 210 16.16 -38.96 26.71
N ARG E 211 16.08 -38.06 25.73
CA ARG E 211 14.98 -38.11 24.75
C ARG E 211 15.31 -37.71 23.32
N CYS E 212 15.07 -38.65 22.40
CA CYS E 212 15.09 -38.41 20.97
C CYS E 212 13.71 -37.94 20.46
N GLN E 213 13.64 -36.71 19.96
CA GLN E 213 12.39 -36.07 19.58
C GLN E 213 12.33 -35.72 18.10
N VAL E 214 11.26 -36.14 17.42
CA VAL E 214 11.14 -35.81 16.00
C VAL E 214 9.86 -35.10 15.60
N GLN E 215 10.06 -33.90 15.05
CA GLN E 215 8.97 -33.09 14.54
C GLN E 215 8.74 -33.53 13.13
N PHE E 216 7.55 -34.02 12.85
CA PHE E 216 7.10 -34.38 11.50
C PHE E 216 6.09 -33.33 11.03
N TYR E 217 6.22 -32.86 9.78
CA TYR E 217 5.20 -32.01 9.16
C TYR E 217 4.40 -32.79 8.15
N GLY E 218 3.08 -32.76 8.33
CA GLY E 218 2.15 -33.54 7.53
C GLY E 218 0.86 -32.79 7.29
N LEU E 219 -0.26 -33.48 7.49
CA LEU E 219 -1.55 -32.88 7.25
C LEU E 219 -1.87 -31.81 8.27
N SER E 220 -2.59 -30.79 7.82
CA SER E 220 -3.14 -29.77 8.68
C SER E 220 -4.59 -30.15 8.94
N GLU E 221 -5.34 -29.32 9.66
CA GLU E 221 -6.76 -29.60 9.95
C GLU E 221 -7.69 -29.31 8.75
N ASN E 222 -7.21 -28.50 7.81
CA ASN E 222 -7.95 -28.23 6.58
C ASN E 222 -8.14 -29.47 5.75
N ASP E 223 -7.14 -30.35 5.76
CA ASP E 223 -7.13 -31.53 4.89
C ASP E 223 -8.18 -32.55 5.32
N GLU E 224 -9.00 -33.00 4.37
CA GLU E 224 -9.95 -34.07 4.63
C GLU E 224 -9.21 -35.40 4.73
N TRP E 225 -9.69 -36.27 5.60
CA TRP E 225 -9.11 -37.58 5.77
C TRP E 225 -10.22 -38.55 6.11
N THR E 226 -10.22 -39.69 5.42
CA THR E 226 -11.23 -40.72 5.63
C THR E 226 -10.66 -42.14 5.74
N GLN E 227 -9.35 -42.30 5.74
CA GLN E 227 -8.77 -43.65 5.84
C GLN E 227 -9.00 -44.22 7.23
N ASP E 228 -9.11 -45.53 7.34
CA ASP E 228 -9.16 -46.16 8.68
C ASP E 228 -8.05 -45.77 9.68
N ARG E 229 -6.82 -45.53 9.21
CA ARG E 229 -5.71 -45.24 10.12
C ARG E 229 -5.69 -43.76 10.47
N ALA E 230 -5.02 -43.46 11.57
CA ALA E 230 -4.97 -42.12 12.12
C ALA E 230 -4.53 -41.15 11.05
N LYS E 231 -5.19 -39.99 11.02
CA LYS E 231 -4.79 -38.90 10.13
C LYS E 231 -3.33 -38.54 10.41
N PRO E 232 -2.41 -38.67 9.41
CA PRO E 232 -0.98 -38.35 9.62
C PRO E 232 -0.72 -36.84 9.71
N VAL E 233 -1.25 -36.25 10.76
CA VAL E 233 -1.13 -34.84 11.01
C VAL E 233 0.31 -34.50 11.40
N THR E 234 0.67 -33.23 11.20
CA THR E 234 1.86 -32.61 11.79
C THR E 234 1.93 -32.95 13.26
N GLN E 235 3.04 -33.52 13.68
CA GLN E 235 3.09 -34.03 15.05
C GLN E 235 4.50 -34.30 15.48
N ILE E 236 4.71 -34.29 16.79
CA ILE E 236 5.97 -34.70 17.42
C ILE E 236 5.85 -36.14 17.95
N VAL E 237 6.75 -37.03 17.52
CA VAL E 237 6.82 -38.37 18.10
C VAL E 237 8.19 -38.61 18.68
N SER E 238 8.22 -39.31 19.82
CA SER E 238 9.42 -39.50 20.59
C SER E 238 9.58 -40.86 21.20
N ALA E 239 10.84 -41.13 21.51
CA ALA E 239 11.24 -42.32 22.22
C ALA E 239 12.25 -41.83 23.26
N GLU E 240 12.42 -42.61 24.32
CA GLU E 240 13.25 -42.15 25.42
C GLU E 240 13.90 -43.35 26.09
N ALA E 241 14.80 -43.04 27.02
CA ALA E 241 15.40 -44.09 27.82
C ALA E 241 16.05 -43.55 29.08
N TRP E 242 16.12 -44.45 30.06
CA TRP E 242 16.79 -44.21 31.33
C TRP E 242 18.02 -45.10 31.36
N GLY E 243 19.06 -44.62 32.06
CA GLY E 243 20.32 -45.36 32.17
C GLY E 243 20.31 -46.65 32.97
N ARG E 244 21.33 -47.49 32.75
CA ARG E 244 21.39 -48.84 33.27
C ARG E 244 20.07 -49.58 33.08
N ALA E 245 19.84 -50.00 31.84
CA ALA E 245 18.60 -50.66 31.44
C ALA E 245 18.78 -51.65 30.28
N ASP E 246 18.84 -52.93 30.65
CA ASP E 246 18.61 -54.06 29.75
C ASP E 246 17.14 -54.01 29.24
N GLY F 1 -30.79 -11.30 40.23
CA GLY F 1 -30.19 -10.09 40.84
C GLY F 1 -29.40 -9.27 39.81
N SER F 2 -28.08 -9.23 39.99
CA SER F 2 -27.22 -8.38 39.18
C SER F 2 -26.99 -8.98 37.82
N HIS F 3 -26.83 -8.12 36.82
CA HIS F 3 -26.53 -8.60 35.47
C HIS F 3 -25.49 -7.77 34.76
N SER F 4 -24.98 -8.28 33.65
CA SER F 4 -23.93 -7.60 32.93
C SER F 4 -23.92 -7.96 31.48
N MET F 5 -23.36 -7.05 30.69
CA MET F 5 -23.05 -7.29 29.30
C MET F 5 -21.62 -6.90 29.07
N ARG F 6 -20.83 -7.82 28.52
CA ARG F 6 -19.40 -7.59 28.31
C ARG F 6 -18.94 -8.01 26.92
N TYR F 7 -18.06 -7.22 26.37
CA TYR F 7 -17.41 -7.57 25.10
C TYR F 7 -15.93 -7.78 25.33
N PHE F 8 -15.39 -8.84 24.75
CA PHE F 8 -13.98 -9.16 24.89
C PHE F 8 -13.30 -9.13 23.51
N PHE F 9 -12.24 -8.37 23.35
CA PHE F 9 -11.54 -8.31 22.04
C PHE F 9 -10.14 -8.78 22.21
N THR F 10 -9.71 -9.69 21.34
CA THR F 10 -8.33 -10.12 21.34
C THR F 10 -7.74 -9.94 19.97
N SER F 11 -6.58 -9.35 19.92
CA SER F 11 -5.94 -9.18 18.64
C SER F 11 -4.49 -9.60 18.75
N VAL F 12 -4.05 -10.50 17.86
CA VAL F 12 -2.69 -11.07 17.94
C VAL F 12 -1.90 -10.80 16.65
N SER F 13 -0.70 -10.20 16.77
CA SER F 13 0.09 -9.96 15.57
C SER F 13 0.81 -11.24 15.12
N ARG F 14 0.95 -11.40 13.80
CA ARG F 14 1.55 -12.59 13.21
C ARG F 14 2.55 -12.19 12.13
N PRO F 15 3.70 -11.72 12.55
CA PRO F 15 4.66 -11.36 11.52
C PRO F 15 4.93 -12.51 10.54
N GLY F 16 4.96 -12.22 9.26
CA GLY F 16 5.14 -13.26 8.25
C GLY F 16 3.82 -13.69 7.68
N ARG F 17 2.77 -13.34 8.41
CA ARG F 17 1.42 -13.42 7.94
C ARG F 17 1.03 -11.97 7.52
N GLY F 18 -0.07 -11.85 6.82
CA GLY F 18 -0.52 -10.56 6.28
C GLY F 18 -1.22 -9.62 7.28
N GLU F 19 -1.83 -10.18 8.32
CA GLU F 19 -2.78 -9.43 9.14
C GLU F 19 -2.86 -10.13 10.51
N PRO F 20 -3.13 -9.38 11.58
CA PRO F 20 -3.35 -9.99 12.90
C PRO F 20 -4.62 -10.83 12.96
N ARG F 21 -4.64 -11.83 13.80
CA ARG F 21 -5.85 -12.53 14.17
C ARG F 21 -6.67 -11.64 15.09
N PHE F 22 -7.88 -11.32 14.70
CA PHE F 22 -8.79 -10.60 15.60
C PHE F 22 -9.99 -11.48 15.97
N ILE F 23 -10.25 -11.57 17.28
CA ILE F 23 -11.36 -12.34 17.80
C ILE F 23 -12.15 -11.48 18.77
N ALA F 24 -13.47 -11.51 18.64
CA ALA F 24 -14.38 -10.74 19.48
C ALA F 24 -15.50 -11.63 19.91
N VAL F 25 -15.80 -11.59 21.20
CA VAL F 25 -16.95 -12.29 21.74
C VAL F 25 -17.74 -11.39 22.67
N GLY F 26 -19.04 -11.61 22.70
CA GLY F 26 -19.98 -10.90 23.58
C GLY F 26 -20.71 -11.83 24.55
N TYR F 27 -20.83 -11.38 25.79
CA TYR F 27 -21.57 -12.12 26.81
C TYR F 27 -22.72 -11.29 27.42
N VAL F 28 -23.83 -11.94 27.74
CA VAL F 28 -24.66 -11.40 28.84
C VAL F 28 -24.60 -12.37 29.98
N ASP F 29 -24.14 -11.85 31.12
CA ASP F 29 -23.82 -12.68 32.30
C ASP F 29 -22.82 -13.73 31.90
N ASP F 30 -23.08 -14.99 32.27
CA ASP F 30 -22.19 -16.11 31.98
C ASP F 30 -22.52 -16.75 30.61
N THR F 31 -23.38 -16.14 29.80
CA THR F 31 -23.78 -16.74 28.53
C THR F 31 -23.24 -15.97 27.31
N GLN F 32 -22.50 -16.67 26.45
CA GLN F 32 -22.00 -16.09 25.22
C GLN F 32 -23.11 -16.00 24.19
N PHE F 33 -23.20 -14.87 23.50
CA PHE F 33 -24.25 -14.70 22.52
C PHE F 33 -23.76 -14.26 21.16
N VAL F 34 -22.55 -13.75 21.04
CA VAL F 34 -22.05 -13.35 19.73
C VAL F 34 -20.52 -13.55 19.58
N ARG F 35 -20.04 -13.70 18.34
CA ARG F 35 -18.61 -13.81 18.06
C ARG F 35 -18.27 -13.30 16.69
N PHE F 36 -17.01 -12.94 16.53
CA PHE F 36 -16.46 -12.61 15.24
C PHE F 36 -15.06 -13.13 15.21
N ASP F 37 -14.70 -13.82 14.15
CA ASP F 37 -13.28 -14.24 13.95
C ASP F 37 -12.70 -13.73 12.62
N SER F 38 -11.66 -12.92 12.69
CA SER F 38 -11.10 -12.36 11.46
C SER F 38 -10.62 -13.35 10.42
N ASP F 39 -10.31 -14.61 10.81
CA ASP F 39 -9.85 -15.66 9.88
C ASP F 39 -11.01 -16.49 9.31
N ALA F 40 -12.24 -16.27 9.77
CA ALA F 40 -13.30 -17.15 9.33
C ALA F 40 -13.77 -16.61 7.99
N ALA F 41 -14.38 -17.46 7.18
CA ALA F 41 -14.84 -17.08 5.86
C ALA F 41 -16.04 -16.13 5.87
N SER F 42 -16.97 -16.28 6.82
CA SER F 42 -18.17 -15.47 6.81
C SER F 42 -17.83 -13.98 6.78
N GLN F 43 -16.77 -13.58 7.50
CA GLN F 43 -16.41 -12.19 7.63
C GLN F 43 -17.60 -11.38 8.20
N ARG F 44 -18.27 -12.00 9.16
CA ARG F 44 -19.60 -11.62 9.60
C ARG F 44 -19.65 -11.80 11.12
N MET F 45 -20.35 -10.92 11.82
CA MET F 45 -20.62 -11.17 13.25
C MET F 45 -21.63 -12.30 13.24
N GLU F 46 -21.46 -13.27 14.14
CA GLU F 46 -22.23 -14.51 14.15
C GLU F 46 -22.93 -14.71 15.48
N PRO F 47 -24.16 -15.21 15.45
CA PRO F 47 -24.91 -15.51 16.66
C PRO F 47 -24.42 -16.79 17.34
N ARG F 48 -24.48 -16.82 18.67
CA ARG F 48 -24.07 -18.02 19.42
C ARG F 48 -25.04 -18.44 20.54
N ALA F 49 -26.16 -17.75 20.65
CA ALA F 49 -27.22 -18.09 21.59
C ALA F 49 -28.53 -17.99 20.82
N PRO F 50 -29.55 -18.79 21.20
CA PRO F 50 -30.80 -18.77 20.40
C PRO F 50 -31.53 -17.43 20.37
N TRP F 51 -31.44 -16.64 21.44
CA TRP F 51 -32.26 -15.44 21.49
C TRP F 51 -31.84 -14.25 20.59
N ILE F 52 -30.54 -14.04 20.28
CA ILE F 52 -30.17 -12.93 19.32
C ILE F 52 -30.46 -13.28 17.85
N GLU F 53 -30.63 -14.57 17.52
CA GLU F 53 -31.03 -14.92 16.14
C GLU F 53 -32.27 -14.17 15.72
N GLN F 54 -33.06 -13.70 16.68
CA GLN F 54 -34.26 -12.93 16.36
C GLN F 54 -34.02 -11.61 15.65
N GLU F 55 -32.81 -11.05 15.74
CA GLU F 55 -32.68 -9.74 15.21
C GLU F 55 -32.61 -9.69 13.70
N GLY F 56 -33.14 -8.61 13.17
CA GLY F 56 -33.25 -8.41 11.74
C GLY F 56 -31.93 -8.10 11.12
N PRO F 57 -31.90 -8.02 9.80
CA PRO F 57 -30.63 -7.81 9.10
C PRO F 57 -29.90 -6.49 9.42
N GLU F 58 -30.64 -5.44 9.76
CA GLU F 58 -30.02 -4.16 10.08
C GLU F 58 -29.12 -4.30 11.31
N TYR F 59 -29.63 -4.95 12.35
CA TYR F 59 -28.85 -5.26 13.52
C TYR F 59 -27.57 -6.00 13.13
N TRP F 60 -27.66 -7.02 12.29
CA TRP F 60 -26.46 -7.78 12.00
C TRP F 60 -25.45 -7.04 11.14
N ASP F 61 -25.91 -6.22 10.19
CA ASP F 61 -24.95 -5.43 9.40
C ASP F 61 -24.31 -4.35 10.26
N GLY F 62 -25.07 -3.76 11.15
CA GLY F 62 -24.51 -2.80 12.11
C GLY F 62 -23.48 -3.42 13.02
N GLU F 63 -23.79 -4.60 13.57
CA GLU F 63 -22.85 -5.28 14.43
C GLU F 63 -21.61 -5.72 13.64
N THR F 64 -21.80 -6.14 12.39
CA THR F 64 -20.69 -6.58 11.57
C THR F 64 -19.81 -5.43 11.12
N ARG F 65 -20.40 -4.30 10.80
CA ARG F 65 -19.62 -3.15 10.44
C ARG F 65 -18.79 -2.67 11.65
N LYS F 66 -19.42 -2.57 12.82
CA LYS F 66 -18.68 -2.13 14.01
C LYS F 66 -17.53 -3.07 14.36
N VAL F 67 -17.75 -4.38 14.35
CA VAL F 67 -16.73 -5.31 14.78
C VAL F 67 -15.59 -5.26 13.76
N LYS F 68 -15.90 -5.08 12.46
CA LYS F 68 -14.82 -4.93 11.48
C LYS F 68 -14.05 -3.68 11.73
N ALA F 69 -14.74 -2.60 12.09
CA ALA F 69 -14.06 -1.35 12.37
C ALA F 69 -13.21 -1.53 13.61
N HIS F 70 -13.67 -2.27 14.59
CA HIS F 70 -12.82 -2.51 15.74
C HIS F 70 -11.53 -3.26 15.39
N SER F 71 -11.58 -4.20 14.47
CA SER F 71 -10.38 -4.95 14.14
C SER F 71 -9.31 -4.10 13.50
N GLN F 72 -9.69 -3.09 12.72
CA GLN F 72 -8.75 -2.19 12.08
C GLN F 72 -8.01 -1.32 13.06
N THR F 73 -8.74 -0.83 14.05
CA THR F 73 -8.15 -0.02 15.12
C THR F 73 -7.14 -0.81 15.88
N HIS F 74 -7.48 -2.04 16.25
CA HIS F 74 -6.53 -2.89 16.94
C HIS F 74 -5.32 -3.28 16.13
N ARG F 75 -5.49 -3.40 14.81
CA ARG F 75 -4.35 -3.61 13.91
C ARG F 75 -3.36 -2.46 13.93
N VAL F 76 -3.84 -1.22 13.94
CA VAL F 76 -2.95 -0.10 14.05
C VAL F 76 -2.35 -0.06 15.46
N ASP F 77 -3.14 -0.33 16.49
CA ASP F 77 -2.62 -0.35 17.87
C ASP F 77 -1.40 -1.27 17.99
N LEU F 78 -1.48 -2.46 17.38
CA LEU F 78 -0.37 -3.42 17.47
C LEU F 78 0.92 -2.80 16.91
N GLY F 79 0.81 -2.06 15.80
CA GLY F 79 1.96 -1.36 15.24
C GLY F 79 2.41 -0.17 16.09
N THR F 80 1.49 0.61 16.64
CA THR F 80 1.92 1.73 17.42
C THR F 80 2.52 1.28 18.76
N LEU F 81 1.89 0.33 19.41
CA LEU F 81 2.50 -0.26 20.61
C LEU F 81 3.90 -0.84 20.38
N ARG F 82 4.07 -1.56 19.29
CA ARG F 82 5.39 -2.06 18.90
C ARG F 82 6.42 -0.94 18.90
N GLY F 83 6.08 0.19 18.26
CA GLY F 83 6.99 1.36 18.19
C GLY F 83 7.19 2.03 19.53
N TYR F 84 6.13 2.14 20.34
CA TYR F 84 6.26 2.71 21.69
C TYR F 84 7.25 1.95 22.49
N TYR F 85 7.13 0.63 22.57
CA TYR F 85 8.13 -0.14 23.30
C TYR F 85 9.13 -0.12 22.16
N ASN F 86 10.26 -0.77 22.11
CA ASN F 86 10.97 -0.51 20.81
C ASN F 86 11.15 -1.87 20.18
N GLN F 87 10.04 -2.58 19.98
CA GLN F 87 10.12 -4.02 19.89
C GLN F 87 10.35 -4.46 18.47
N SER F 88 10.91 -5.65 18.37
CA SER F 88 11.20 -6.25 17.08
C SER F 88 9.88 -6.58 16.35
N GLU F 89 9.87 -6.32 15.05
CA GLU F 89 8.81 -6.73 14.15
C GLU F 89 8.68 -8.26 13.98
N ALA F 90 9.67 -9.02 14.49
CA ALA F 90 9.66 -10.48 14.44
C ALA F 90 8.77 -11.21 15.45
N GLY F 91 8.31 -10.53 16.50
CA GLY F 91 7.66 -11.24 17.58
C GLY F 91 6.17 -11.11 17.46
N SER F 92 5.47 -12.09 18.00
CA SER F 92 4.05 -12.00 18.12
C SER F 92 3.67 -11.25 19.42
N HIS F 93 2.86 -10.20 19.31
CA HIS F 93 2.32 -9.47 20.45
C HIS F 93 0.80 -9.45 20.51
N THR F 94 0.28 -9.05 21.64
CA THR F 94 -1.18 -9.17 21.84
C THR F 94 -1.85 -7.95 22.50
N VAL F 95 -3.00 -7.57 21.96
CA VAL F 95 -3.79 -6.51 22.53
C VAL F 95 -5.12 -7.10 22.96
N GLN F 96 -5.62 -6.65 24.09
CA GLN F 96 -6.91 -7.12 24.55
C GLN F 96 -7.66 -5.94 25.08
N ARG F 97 -8.95 -5.95 24.78
CA ARG F 97 -9.84 -4.94 25.23
C ARG F 97 -11.07 -5.64 25.80
N MET F 98 -11.57 -5.08 26.87
CA MET F 98 -12.75 -5.56 27.52
C MET F 98 -13.60 -4.34 27.87
N TYR F 99 -14.88 -4.34 27.49
CA TYR F 99 -15.79 -3.32 28.02
C TYR F 99 -17.19 -3.82 28.22
N GLY F 100 -17.94 -3.08 29.02
CA GLY F 100 -19.29 -3.48 29.41
C GLY F 100 -19.90 -2.67 30.55
N CYS F 101 -21.13 -3.00 30.86
CA CYS F 101 -21.89 -2.35 31.91
C CYS F 101 -22.59 -3.36 32.79
N ASP F 102 -22.70 -3.03 34.06
CA ASP F 102 -23.47 -3.80 35.00
C ASP F 102 -24.76 -3.09 35.29
N VAL F 103 -25.76 -3.87 35.68
CA VAL F 103 -27.04 -3.33 36.12
C VAL F 103 -27.46 -4.10 37.33
N GLY F 104 -28.16 -3.42 38.24
CA GLY F 104 -28.64 -4.03 39.50
C GLY F 104 -29.90 -4.86 39.34
N SER F 105 -30.45 -5.35 40.45
CA SER F 105 -31.67 -6.18 40.44
C SER F 105 -32.94 -5.40 40.04
N ASP F 106 -32.89 -4.09 40.22
CA ASP F 106 -33.81 -3.16 39.56
C ASP F 106 -33.42 -2.86 38.08
N TRP F 107 -32.50 -3.61 37.49
CA TRP F 107 -32.12 -3.41 36.08
C TRP F 107 -31.62 -1.99 35.74
N ARG F 108 -31.26 -1.21 36.75
CA ARG F 108 -30.72 0.14 36.56
C ARG F 108 -29.21 0.10 36.57
N PHE F 109 -28.59 1.10 35.98
CA PHE F 109 -27.14 1.16 35.86
C PHE F 109 -26.42 1.16 37.20
N LEU F 110 -25.47 0.23 37.37
CA LEU F 110 -24.52 0.21 38.48
C LEU F 110 -23.14 0.73 38.10
N ARG F 111 -22.57 0.13 37.05
CA ARG F 111 -21.13 0.09 36.90
C ARG F 111 -20.80 0.04 35.40
N GLY F 112 -19.78 0.79 34.99
CA GLY F 112 -19.26 0.72 33.65
C GLY F 112 -17.76 0.53 33.66
N TYR F 113 -17.26 -0.12 32.63
CA TYR F 113 -15.82 -0.38 32.56
C TYR F 113 -15.36 -0.53 31.15
N HIS F 114 -14.08 -0.23 30.97
CA HIS F 114 -13.46 -0.22 29.66
C HIS F 114 -11.96 -0.25 29.87
N GLN F 115 -11.39 -1.44 29.71
CA GLN F 115 -9.98 -1.71 30.00
C GLN F 115 -9.23 -2.28 28.80
N TYR F 116 -7.91 -2.08 28.80
CA TYR F 116 -7.04 -2.33 27.65
C TYR F 116 -5.73 -2.92 28.09
N ALA F 117 -5.30 -4.00 27.47
CA ALA F 117 -4.08 -4.66 27.95
C ALA F 117 -3.21 -4.90 26.76
N TYR F 118 -1.91 -4.85 26.99
CA TYR F 118 -0.91 -5.14 25.97
C TYR F 118 -0.02 -6.24 26.55
N ASP F 119 0.20 -7.29 25.79
CA ASP F 119 0.96 -8.44 26.24
C ASP F 119 0.56 -8.99 27.61
N GLY F 120 -0.73 -8.95 27.90
CA GLY F 120 -1.30 -9.57 29.10
C GLY F 120 -1.22 -8.68 30.35
N LYS F 121 -0.82 -7.42 30.18
CA LYS F 121 -0.60 -6.48 31.29
C LYS F 121 -1.50 -5.28 31.06
N ASP F 122 -2.11 -4.80 32.13
CA ASP F 122 -2.85 -3.55 32.11
C ASP F 122 -2.08 -2.48 31.37
N TYR F 123 -2.74 -1.83 30.43
CA TYR F 123 -2.14 -0.71 29.70
C TYR F 123 -2.91 0.57 30.10
N ILE F 124 -4.19 0.63 29.76
CA ILE F 124 -4.95 1.82 30.10
C ILE F 124 -6.37 1.40 30.40
N ALA F 125 -7.00 2.11 31.34
CA ALA F 125 -8.30 1.71 31.84
C ALA F 125 -9.11 2.92 32.28
N LEU F 126 -10.39 2.91 31.95
CA LEU F 126 -11.31 3.93 32.38
C LEU F 126 -11.61 3.76 33.86
N LYS F 127 -11.40 4.80 34.67
CA LYS F 127 -11.75 4.74 36.11
C LYS F 127 -13.27 4.63 36.33
N GLU F 128 -13.71 4.36 37.55
CA GLU F 128 -15.15 4.12 37.82
C GLU F 128 -16.04 5.33 37.48
N ASP F 129 -15.50 6.52 37.66
CA ASP F 129 -16.17 7.77 37.28
C ASP F 129 -16.59 7.86 35.83
N LEU F 130 -15.87 7.16 34.96
CA LEU F 130 -16.09 7.18 33.50
C LEU F 130 -15.75 8.55 32.91
N ARG F 131 -14.87 9.28 33.61
CA ARG F 131 -14.44 10.61 33.22
C ARG F 131 -12.91 10.75 33.09
N SER F 132 -12.15 9.79 33.63
CA SER F 132 -10.70 9.87 33.65
C SER F 132 -10.08 8.47 33.44
N TRP F 133 -8.75 8.40 33.42
CA TRP F 133 -8.04 7.23 32.99
C TRP F 133 -6.94 6.86 33.93
N THR F 134 -6.65 5.58 34.00
CA THR F 134 -5.54 5.07 34.79
C THR F 134 -4.62 4.45 33.76
N ALA F 135 -3.34 4.80 33.84
CA ALA F 135 -2.34 4.50 32.83
C ALA F 135 -1.19 3.76 33.50
N ALA F 136 -0.81 2.60 32.98
CA ALA F 136 0.12 1.73 33.70
C ALA F 136 1.58 2.16 33.64
N ASP F 137 2.00 2.79 32.54
CA ASP F 137 3.39 3.17 32.36
C ASP F 137 3.46 4.39 31.46
N MET F 138 4.65 4.76 31.00
CA MET F 138 4.80 5.95 30.16
C MET F 138 4.27 5.86 28.73
N ALA F 139 4.43 4.73 28.03
CA ALA F 139 3.72 4.61 26.77
C ALA F 139 2.23 4.91 26.97
N ALA F 140 1.62 4.32 27.99
CA ALA F 140 0.18 4.55 28.25
C ALA F 140 -0.19 5.99 28.58
N GLN F 141 0.77 6.77 29.09
CA GLN F 141 0.54 8.16 29.41
C GLN F 141 0.36 8.99 28.16
N THR F 142 1.24 8.79 27.20
CA THR F 142 1.07 9.40 25.89
C THR F 142 -0.35 9.09 25.36
N THR F 143 -0.82 7.85 25.52
CA THR F 143 -2.17 7.51 25.07
C THR F 143 -3.21 8.26 25.88
N LYS F 144 -3.03 8.33 27.19
CA LYS F 144 -3.97 9.01 28.05
C LYS F 144 -4.07 10.47 27.62
N HIS F 145 -2.93 11.10 27.35
CA HIS F 145 -2.95 12.48 26.88
C HIS F 145 -3.78 12.58 25.59
N LYS F 146 -3.48 11.74 24.62
CA LYS F 146 -4.19 11.71 23.36
C LYS F 146 -5.70 11.50 23.56
N TRP F 147 -6.08 10.57 24.40
CA TRP F 147 -7.51 10.27 24.58
C TRP F 147 -8.25 11.34 25.33
N GLU F 148 -7.54 11.98 26.26
CA GLU F 148 -8.08 13.10 26.99
C GLU F 148 -8.27 14.25 26.04
N ALA F 149 -7.25 14.53 25.25
CA ALA F 149 -7.32 15.60 24.24
C ALA F 149 -8.49 15.39 23.30
N ALA F 150 -8.74 14.15 22.92
CA ALA F 150 -9.83 13.80 22.01
C ALA F 150 -11.19 13.65 22.63
N HIS F 151 -11.30 13.83 23.95
CA HIS F 151 -12.57 13.73 24.68
C HIS F 151 -13.19 12.35 24.58
N VAL F 152 -12.35 11.33 24.66
CA VAL F 152 -12.82 9.95 24.45
C VAL F 152 -13.74 9.48 25.56
N ALA F 153 -13.35 9.78 26.80
CA ALA F 153 -14.14 9.40 27.97
C ALA F 153 -15.62 9.77 27.81
N GLU F 154 -15.88 10.94 27.23
CA GLU F 154 -17.27 11.37 27.02
C GLU F 154 -18.07 10.39 26.15
N GLN F 155 -17.54 10.03 24.97
CA GLN F 155 -18.27 9.13 24.04
C GLN F 155 -18.57 7.81 24.76
N LEU F 156 -17.56 7.20 25.41
CA LEU F 156 -17.79 5.94 26.13
C LEU F 156 -18.77 6.03 27.30
N ARG F 157 -18.74 7.12 28.06
CA ARG F 157 -19.67 7.25 29.18
C ARG F 157 -21.10 7.23 28.68
N ALA F 158 -21.35 7.82 27.51
CA ALA F 158 -22.71 7.89 26.95
C ALA F 158 -23.19 6.50 26.57
N TYR F 159 -22.22 5.67 26.21
CA TYR F 159 -22.53 4.34 25.73
C TYR F 159 -22.72 3.42 26.92
N LEU F 160 -21.76 3.42 27.82
CA LEU F 160 -21.78 2.61 29.04
C LEU F 160 -23.03 2.81 29.88
N GLU F 161 -23.40 4.09 30.11
CA GLU F 161 -24.51 4.47 31.00
C GLU F 161 -25.88 4.44 30.34
N GLY F 162 -25.92 4.63 29.03
CA GLY F 162 -27.20 4.65 28.28
C GLY F 162 -27.35 3.37 27.46
N THR F 163 -26.84 3.44 26.23
CA THR F 163 -26.97 2.41 25.19
C THR F 163 -26.68 1.00 25.67
N CYS F 164 -25.57 0.82 26.39
CA CYS F 164 -25.18 -0.51 26.88
C CYS F 164 -26.30 -1.07 27.75
N VAL F 165 -26.77 -0.28 28.71
CA VAL F 165 -27.83 -0.75 29.60
C VAL F 165 -29.12 -1.04 28.83
N GLU F 166 -29.43 -0.16 27.87
CA GLU F 166 -30.66 -0.29 27.10
C GLU F 166 -30.68 -1.62 26.38
N TRP F 167 -29.55 -1.98 25.78
CA TRP F 167 -29.48 -3.21 25.02
C TRP F 167 -29.40 -4.43 25.93
N LEU F 168 -28.72 -4.29 27.05
CA LEU F 168 -28.66 -5.38 28.04
C LEU F 168 -30.06 -5.72 28.51
N ARG F 169 -30.88 -4.70 28.75
CA ARG F 169 -32.27 -4.92 29.21
C ARG F 169 -33.11 -5.54 28.11
N ARG F 170 -32.85 -5.13 26.89
CA ARG F 170 -33.57 -5.70 25.78
C ARG F 170 -33.20 -7.18 25.62
N TYR F 171 -31.94 -7.50 25.83
CA TYR F 171 -31.49 -8.89 25.72
C TYR F 171 -32.06 -9.77 26.84
N LEU F 172 -32.05 -9.24 28.06
CA LEU F 172 -32.69 -9.88 29.19
C LEU F 172 -34.16 -10.23 28.91
N GLU F 173 -34.91 -9.36 28.24
CA GLU F 173 -36.32 -9.64 27.96
C GLU F 173 -36.45 -10.69 26.85
N ASN F 174 -35.70 -10.52 25.77
CA ASN F 174 -35.87 -11.39 24.62
C ASN F 174 -35.30 -12.78 24.85
N GLY F 175 -34.25 -12.86 25.65
CA GLY F 175 -33.75 -14.14 26.12
C GLY F 175 -34.17 -14.56 27.52
N LYS F 176 -35.25 -13.99 28.05
CA LYS F 176 -35.63 -14.23 29.46
C LYS F 176 -35.70 -15.71 29.81
N GLU F 177 -36.23 -16.53 28.91
CA GLU F 177 -36.36 -17.99 29.12
C GLU F 177 -35.05 -18.72 29.45
N THR F 178 -33.93 -18.17 29.01
CA THR F 178 -32.63 -18.77 29.26
C THR F 178 -31.71 -17.85 30.08
N LEU F 179 -31.69 -16.55 29.76
CA LEU F 179 -30.96 -15.58 30.57
C LEU F 179 -31.52 -15.38 31.98
N GLN F 180 -32.84 -15.40 32.15
CA GLN F 180 -33.41 -15.20 33.50
C GLN F 180 -33.84 -16.49 34.18
N ARG F 181 -33.45 -17.64 33.63
CA ARG F 181 -33.72 -18.91 34.29
C ARG F 181 -32.69 -19.10 35.36
N THR F 182 -32.98 -20.03 36.26
CA THR F 182 -31.98 -20.41 37.23
C THR F 182 -32.09 -21.90 37.46
N ASP F 183 -30.98 -22.60 37.29
CA ASP F 183 -30.94 -24.06 37.38
C ASP F 183 -30.22 -24.40 38.66
N ALA F 184 -30.97 -25.06 39.52
CA ALA F 184 -30.43 -25.55 40.76
C ALA F 184 -29.30 -26.51 40.45
N PRO F 185 -28.20 -26.43 41.21
CA PRO F 185 -27.22 -27.51 41.19
C PRO F 185 -27.76 -28.85 41.64
N LYS F 186 -27.39 -29.88 40.89
CA LYS F 186 -27.66 -31.26 41.22
C LYS F 186 -26.41 -31.74 41.93
N THR F 187 -26.61 -32.36 43.06
CA THR F 187 -25.57 -32.53 44.01
C THR F 187 -25.39 -33.98 44.41
N HIS F 188 -24.15 -34.38 44.63
CA HIS F 188 -23.86 -35.66 45.26
C HIS F 188 -22.44 -35.66 45.86
N MET F 189 -22.22 -36.61 46.74
CA MET F 189 -20.93 -36.82 47.37
C MET F 189 -20.32 -38.14 46.94
N THR F 190 -19.00 -38.14 46.96
CA THR F 190 -18.22 -39.23 46.46
C THR F 190 -17.13 -39.57 47.51
N HIS F 191 -16.70 -40.81 47.55
CA HIS F 191 -15.79 -41.29 48.59
C HIS F 191 -14.62 -42.11 48.03
N HIS F 192 -13.43 -41.85 48.53
CA HIS F 192 -12.25 -42.54 48.02
C HIS F 192 -11.26 -42.79 49.13
N ALA F 193 -10.84 -44.04 49.29
CA ALA F 193 -9.73 -44.32 50.18
C ALA F 193 -8.50 -43.67 49.56
N VAL F 194 -7.94 -42.66 50.23
CA VAL F 194 -6.71 -42.03 49.78
C VAL F 194 -5.51 -42.82 50.31
N SER F 195 -5.77 -43.63 51.33
CA SER F 195 -4.90 -44.73 51.73
C SER F 195 -5.62 -45.54 52.82
N ASP F 196 -5.00 -46.63 53.26
CA ASP F 196 -5.28 -47.10 54.63
C ASP F 196 -5.17 -45.85 55.53
N HIS F 197 -6.16 -45.61 56.38
CA HIS F 197 -6.14 -44.50 57.39
C HIS F 197 -6.58 -43.06 56.90
N GLU F 198 -6.55 -42.81 55.60
CA GLU F 198 -7.10 -41.54 55.06
C GLU F 198 -8.16 -41.77 53.98
N ALA F 199 -9.09 -40.82 53.89
CA ALA F 199 -10.08 -40.86 52.82
C ALA F 199 -10.37 -39.44 52.31
N THR F 200 -10.92 -39.35 51.09
CA THR F 200 -11.27 -38.06 50.47
C THR F 200 -12.75 -38.02 50.24
N LEU F 201 -13.35 -36.91 50.63
CA LEU F 201 -14.76 -36.67 50.41
C LEU F 201 -14.86 -35.57 49.37
N ARG F 202 -15.61 -35.83 48.30
CA ARG F 202 -15.71 -34.87 47.23
C ARG F 202 -17.18 -34.59 47.02
N CYS F 203 -17.49 -33.31 47.10
CA CYS F 203 -18.82 -32.78 46.98
C CYS F 203 -18.99 -32.14 45.60
N TRP F 204 -19.98 -32.62 44.85
CA TRP F 204 -20.21 -32.16 43.48
C TRP F 204 -21.41 -31.25 43.34
N ALA F 205 -21.25 -30.19 42.55
CA ALA F 205 -22.40 -29.45 42.01
C ALA F 205 -22.38 -29.53 40.47
N LEU F 206 -23.40 -30.14 39.89
CA LEU F 206 -23.51 -30.29 38.44
C LEU F 206 -24.71 -29.50 37.89
N SER F 207 -24.61 -29.14 36.61
CA SER F 207 -25.70 -28.47 35.85
C SER F 207 -26.33 -27.23 36.47
N PHE F 208 -25.55 -26.35 37.06
CA PHE F 208 -26.15 -25.13 37.60
C PHE F 208 -25.95 -23.92 36.68
N TYR F 209 -26.91 -22.98 36.75
CA TYR F 209 -27.02 -21.91 35.76
C TYR F 209 -26.14 -20.73 36.11
N PRO F 210 -26.62 -19.78 36.93
CA PRO F 210 -25.59 -18.74 37.03
C PRO F 210 -24.38 -19.42 37.67
N ALA F 211 -23.18 -19.12 37.16
CA ALA F 211 -21.94 -19.80 37.57
C ALA F 211 -21.46 -19.48 38.98
N GLU F 212 -22.01 -18.45 39.60
CA GLU F 212 -21.58 -18.07 40.95
C GLU F 212 -22.09 -19.14 41.95
N ILE F 213 -21.19 -19.66 42.79
CA ILE F 213 -21.56 -20.72 43.73
C ILE F 213 -20.59 -20.82 44.89
N THR F 214 -21.09 -21.23 46.04
CA THR F 214 -20.25 -21.41 47.20
C THR F 214 -20.37 -22.82 47.71
N LEU F 215 -19.22 -23.49 47.83
CA LEU F 215 -19.12 -24.84 48.34
C LEU F 215 -18.23 -24.81 49.56
N THR F 216 -18.77 -25.25 50.70
CA THR F 216 -18.09 -25.12 51.98
C THR F 216 -18.12 -26.44 52.72
N TRP F 217 -16.97 -26.85 53.24
CA TRP F 217 -16.87 -28.01 54.10
C TRP F 217 -16.83 -27.59 55.56
N GLN F 218 -17.71 -28.18 56.38
CA GLN F 218 -17.67 -27.99 57.83
C GLN F 218 -17.36 -29.31 58.54
N ARG F 219 -16.54 -29.26 59.58
CA ARG F 219 -16.38 -30.36 60.55
C ARG F 219 -17.14 -29.95 61.78
N ASP F 220 -18.07 -30.79 62.24
CA ASP F 220 -18.83 -30.53 63.46
C ASP F 220 -19.52 -29.15 63.46
N GLY F 221 -19.98 -28.74 62.28
CA GLY F 221 -20.63 -27.44 62.13
C GLY F 221 -19.68 -26.25 62.06
N GLU F 222 -18.36 -26.50 62.12
CA GLU F 222 -17.35 -25.43 62.09
C GLU F 222 -16.78 -25.21 60.69
N ASP F 223 -17.08 -24.04 60.13
CA ASP F 223 -16.44 -23.57 58.88
C ASP F 223 -14.98 -24.03 58.82
N GLN F 224 -14.54 -24.48 57.65
CA GLN F 224 -13.20 -25.04 57.54
C GLN F 224 -12.59 -25.00 56.15
N THR F 225 -11.50 -24.26 56.04
CA THR F 225 -10.67 -24.21 54.84
C THR F 225 -9.49 -25.15 54.93
N GLN F 226 -8.95 -25.34 56.12
CA GLN F 226 -7.90 -26.34 56.29
C GLN F 226 -8.40 -27.59 55.58
N ASP F 227 -7.55 -28.16 54.74
CA ASP F 227 -7.87 -29.34 53.91
C ASP F 227 -9.01 -29.15 52.89
N THR F 228 -9.23 -27.93 52.41
CA THR F 228 -10.31 -27.64 51.45
C THR F 228 -9.63 -27.35 50.10
N GLU F 229 -9.95 -28.18 49.10
CA GLU F 229 -9.52 -27.93 47.72
C GLU F 229 -10.74 -27.74 46.83
N LEU F 230 -10.98 -26.51 46.38
CA LEU F 230 -12.04 -26.23 45.41
C LEU F 230 -11.49 -26.02 43.99
N VAL F 231 -11.88 -26.88 43.03
CA VAL F 231 -11.50 -26.64 41.61
C VAL F 231 -12.24 -25.45 41.08
N GLU F 232 -11.63 -24.83 40.08
CA GLU F 232 -12.18 -23.66 39.41
C GLU F 232 -13.53 -24.09 38.84
N THR F 233 -14.51 -23.21 38.81
CA THR F 233 -15.77 -23.54 38.15
C THR F 233 -15.53 -23.75 36.66
N ARG F 234 -16.26 -24.68 36.05
CA ARG F 234 -15.97 -25.14 34.71
C ARG F 234 -17.22 -25.28 33.91
N PRO F 235 -17.16 -24.93 32.63
CA PRO F 235 -18.35 -25.04 31.81
C PRO F 235 -18.61 -26.49 31.49
N ALA F 236 -19.88 -26.86 31.54
CA ALA F 236 -20.30 -28.19 31.10
C ALA F 236 -20.30 -28.34 29.58
N GLY F 237 -20.43 -27.22 28.86
CA GLY F 237 -20.52 -27.23 27.38
C GLY F 237 -21.95 -27.16 26.85
N ASP F 238 -22.93 -27.33 27.74
CA ASP F 238 -24.34 -27.27 27.38
C ASP F 238 -25.01 -26.00 27.88
N GLY F 239 -24.21 -25.05 28.38
CA GLY F 239 -24.72 -23.83 29.02
C GLY F 239 -24.70 -23.83 30.54
N THR F 240 -24.43 -24.98 31.17
CA THR F 240 -24.40 -25.03 32.65
C THR F 240 -22.98 -25.15 33.20
N PHE F 241 -22.84 -25.15 34.52
CA PHE F 241 -21.51 -25.24 35.14
C PHE F 241 -21.38 -26.40 36.10
N GLN F 242 -20.15 -26.66 36.49
CA GLN F 242 -19.81 -27.73 37.41
C GLN F 242 -18.74 -27.25 38.35
N LYS F 243 -18.72 -27.84 39.54
CA LYS F 243 -17.70 -27.56 40.50
C LYS F 243 -17.69 -28.65 41.55
N TRP F 244 -16.52 -28.95 42.07
CA TRP F 244 -16.47 -29.80 43.21
C TRP F 244 -15.52 -29.23 44.28
N ALA F 245 -15.70 -29.70 45.51
CA ALA F 245 -14.84 -29.34 46.60
C ALA F 245 -14.52 -30.62 47.35
N ALA F 246 -13.25 -30.82 47.71
CA ALA F 246 -12.85 -32.03 48.39
C ALA F 246 -12.17 -31.77 49.74
N VAL F 247 -12.29 -32.74 50.65
CA VAL F 247 -11.54 -32.76 51.90
C VAL F 247 -10.94 -34.12 52.08
N VAL F 248 -9.75 -34.14 52.67
CA VAL F 248 -9.09 -35.39 53.01
C VAL F 248 -9.22 -35.52 54.52
N VAL F 249 -9.95 -36.55 54.95
CA VAL F 249 -10.27 -36.74 56.35
C VAL F 249 -9.62 -37.99 56.93
N PRO F 250 -9.32 -37.97 58.25
CA PRO F 250 -8.91 -39.21 58.89
C PRO F 250 -10.06 -40.18 58.77
N SER F 251 -9.80 -41.41 58.33
CA SER F 251 -10.88 -42.33 58.01
C SER F 251 -11.49 -42.92 59.30
N GLY F 252 -12.80 -43.12 59.28
CA GLY F 252 -13.59 -43.30 60.50
C GLY F 252 -14.33 -42.02 60.82
N GLN F 253 -13.67 -40.87 60.62
CA GLN F 253 -14.26 -39.56 60.93
C GLN F 253 -15.21 -38.98 59.87
N GLU F 254 -15.52 -39.73 58.83
CA GLU F 254 -16.29 -39.17 57.69
C GLU F 254 -17.60 -38.52 58.04
N GLN F 255 -18.29 -39.06 59.04
CA GLN F 255 -19.65 -38.65 59.38
C GLN F 255 -19.67 -37.22 59.96
N ARG F 256 -18.55 -36.81 60.56
CA ARG F 256 -18.42 -35.47 61.15
C ARG F 256 -18.49 -34.33 60.15
N TYR F 257 -18.10 -34.61 58.89
CA TYR F 257 -17.96 -33.56 57.89
C TYR F 257 -19.24 -33.33 57.12
N THR F 258 -19.47 -32.08 56.76
CA THR F 258 -20.65 -31.67 55.99
C THR F 258 -20.23 -30.70 54.88
N CYS F 259 -20.96 -30.77 53.78
CA CYS F 259 -20.75 -29.91 52.63
C CYS F 259 -21.92 -28.97 52.50
N HIS F 260 -21.63 -27.69 52.33
CA HIS F 260 -22.68 -26.67 52.21
C HIS F 260 -22.72 -26.08 50.81
N VAL F 261 -23.92 -26.03 50.23
CA VAL F 261 -24.03 -25.56 48.85
C VAL F 261 -24.98 -24.38 48.77
N GLN F 262 -24.44 -23.26 48.31
CA GLN F 262 -25.20 -22.02 48.21
C GLN F 262 -25.27 -21.56 46.78
N HIS F 263 -26.47 -21.25 46.31
CA HIS F 263 -26.69 -20.92 44.91
C HIS F 263 -28.02 -20.24 44.78
N GLU F 264 -27.99 -18.99 44.35
CA GLU F 264 -29.19 -18.20 44.12
C GLU F 264 -30.37 -19.02 43.55
N GLY F 265 -30.04 -20.03 42.73
CA GLY F 265 -31.02 -20.97 42.19
C GLY F 265 -31.68 -21.95 43.15
N LEU F 266 -31.29 -21.94 44.42
CA LEU F 266 -31.96 -22.78 45.41
C LEU F 266 -32.35 -21.99 46.66
N PRO F 267 -33.58 -22.22 47.16
CA PRO F 267 -34.13 -21.35 48.20
C PRO F 267 -33.39 -21.41 49.54
N LYS F 268 -32.95 -22.62 49.92
CA LYS F 268 -32.23 -22.83 51.15
C LYS F 268 -30.92 -23.45 50.77
N PRO F 269 -29.81 -23.06 51.45
CA PRO F 269 -28.57 -23.82 51.29
C PRO F 269 -28.81 -25.32 51.49
N LEU F 270 -27.95 -26.13 50.90
CA LEU F 270 -28.02 -27.57 51.08
C LEU F 270 -26.89 -27.98 51.96
N THR F 271 -27.15 -29.00 52.78
CA THR F 271 -26.13 -29.68 53.53
C THR F 271 -26.13 -31.12 53.06
N LEU F 272 -24.99 -31.58 52.56
CA LEU F 272 -24.78 -32.99 52.29
C LEU F 272 -23.84 -33.57 53.34
N ARG F 273 -23.98 -34.86 53.61
CA ARG F 273 -23.00 -35.58 54.45
C ARG F 273 -22.75 -36.97 53.89
N TRP F 274 -21.51 -37.44 53.99
CA TRP F 274 -21.23 -38.79 53.52
C TRP F 274 -22.18 -39.73 54.21
N GLU F 275 -23.11 -40.27 53.43
CA GLU F 275 -24.29 -40.91 53.98
C GLU F 275 -24.32 -42.43 54.01
N PRO F 276 -23.69 -43.11 53.02
CA PRO F 276 -23.59 -44.56 53.28
C PRO F 276 -22.78 -44.86 54.56
N MET G 1 6.81 -9.03 28.00
CA MET G 1 5.87 -10.17 27.79
C MET G 1 6.05 -11.24 28.87
N ILE G 2 5.02 -11.41 29.69
CA ILE G 2 5.00 -12.45 30.70
C ILE G 2 4.05 -13.52 30.21
N GLN G 3 4.25 -14.74 30.72
CA GLN G 3 3.64 -15.93 30.21
C GLN G 3 3.05 -16.74 31.35
N ARG G 4 1.94 -17.41 31.11
CA ARG G 4 1.27 -18.20 32.12
C ARG G 4 0.92 -19.52 31.48
N THR G 5 1.30 -20.63 32.14
CA THR G 5 0.99 -21.95 31.61
C THR G 5 -0.47 -22.18 31.90
N PRO G 6 -1.10 -22.99 31.08
CA PRO G 6 -2.50 -23.33 31.24
C PRO G 6 -2.79 -24.28 32.37
N LYS G 7 -3.92 -24.07 33.06
CA LYS G 7 -4.51 -25.06 33.98
C LYS G 7 -5.33 -25.92 33.09
N ILE G 8 -5.48 -27.19 33.43
CA ILE G 8 -6.15 -28.16 32.56
C ILE G 8 -7.13 -29.03 33.35
N GLN G 9 -8.38 -29.10 32.89
CA GLN G 9 -9.37 -30.01 33.44
C GLN G 9 -9.97 -30.87 32.35
N VAL G 10 -9.91 -32.16 32.56
CA VAL G 10 -10.50 -33.13 31.70
C VAL G 10 -11.67 -33.75 32.43
N TYR G 11 -12.82 -33.82 31.77
CA TYR G 11 -14.05 -34.28 32.41
C TYR G 11 -15.13 -34.42 31.39
N SER G 12 -16.16 -35.16 31.75
CA SER G 12 -17.30 -35.42 30.87
C SER G 12 -18.41 -34.45 31.17
N ARG G 13 -19.25 -34.22 30.18
CA ARG G 13 -20.37 -33.31 30.33
C ARG G 13 -21.41 -33.83 31.30
N HIS G 14 -21.71 -35.12 31.20
CA HIS G 14 -22.66 -35.78 32.09
C HIS G 14 -21.94 -36.87 32.81
N PRO G 15 -22.42 -37.27 33.99
CA PRO G 15 -21.85 -38.45 34.66
C PRO G 15 -21.65 -39.62 33.69
N ALA G 16 -20.47 -40.21 33.68
CA ALA G 16 -20.12 -41.21 32.69
C ALA G 16 -20.78 -42.54 32.98
N GLU G 17 -21.45 -43.09 31.98
CA GLU G 17 -21.93 -44.45 32.05
C GLU G 17 -21.30 -45.19 30.88
N ASN G 18 -20.71 -46.35 31.13
CA ASN G 18 -20.17 -47.14 30.02
C ASN G 18 -21.19 -47.48 28.94
N GLY G 19 -20.78 -47.27 27.69
CA GLY G 19 -21.59 -47.56 26.53
C GLY G 19 -22.57 -46.47 26.18
N LYS G 20 -22.51 -45.32 26.84
CA LYS G 20 -23.46 -44.24 26.60
C LYS G 20 -22.79 -43.00 26.08
N SER G 21 -23.38 -42.43 25.04
CA SER G 21 -22.91 -41.23 24.39
C SER G 21 -22.81 -40.07 25.41
N ASN G 22 -21.70 -39.32 25.34
CA ASN G 22 -21.44 -38.23 26.24
C ASN G 22 -20.57 -37.22 25.46
N PHE G 23 -20.01 -36.24 26.15
CA PHE G 23 -19.05 -35.35 25.54
C PHE G 23 -17.88 -35.32 26.47
N LEU G 24 -16.69 -35.40 25.88
CA LEU G 24 -15.45 -35.27 26.63
C LEU G 24 -14.98 -33.85 26.49
N ASN G 25 -14.69 -33.22 27.63
CA ASN G 25 -14.28 -31.82 27.66
C ASN G 25 -12.88 -31.73 28.16
N CYS G 26 -12.11 -30.85 27.52
CA CYS G 26 -10.86 -30.39 28.07
C CYS G 26 -10.95 -28.88 28.19
N TYR G 27 -10.91 -28.38 29.41
CA TYR G 27 -11.01 -26.95 29.65
C TYR G 27 -9.64 -26.49 29.99
N VAL G 28 -9.08 -25.54 29.23
CA VAL G 28 -7.77 -24.99 29.55
C VAL G 28 -8.01 -23.54 29.85
N SER G 29 -7.28 -23.00 30.84
CA SER G 29 -7.55 -21.67 31.29
C SER G 29 -6.30 -21.14 31.98
N GLY G 30 -6.26 -19.86 32.29
CA GLY G 30 -5.13 -19.25 33.00
C GLY G 30 -3.91 -19.00 32.10
N PHE G 31 -4.04 -19.14 30.78
CA PHE G 31 -2.82 -19.06 29.95
C PHE G 31 -2.62 -17.75 29.18
N HIS G 32 -1.36 -17.47 28.87
CA HIS G 32 -0.99 -16.30 28.05
C HIS G 32 0.39 -16.57 27.51
N PRO G 33 0.65 -16.33 26.22
CA PRO G 33 -0.30 -15.83 25.25
C PRO G 33 -1.30 -16.92 24.80
N SER G 34 -2.16 -16.58 23.84
CA SER G 34 -3.30 -17.38 23.50
C SER G 34 -3.09 -18.51 22.54
N ASP G 35 -1.98 -18.53 21.87
CA ASP G 35 -1.59 -19.65 21.05
C ASP G 35 -1.45 -20.92 21.85
N ILE G 36 -2.28 -21.90 21.56
CA ILE G 36 -2.25 -23.11 22.30
C ILE G 36 -2.67 -24.27 21.38
N GLU G 37 -2.15 -25.46 21.68
CA GLU G 37 -2.48 -26.67 20.99
C GLU G 37 -3.10 -27.63 21.99
N VAL G 38 -4.32 -28.06 21.70
CA VAL G 38 -5.00 -29.03 22.51
C VAL G 38 -5.51 -30.21 21.67
N ASP G 39 -5.16 -31.43 22.09
CA ASP G 39 -5.69 -32.64 21.49
C ASP G 39 -6.42 -33.44 22.54
N LEU G 40 -7.54 -34.02 22.15
CA LEU G 40 -8.15 -35.08 22.92
C LEU G 40 -7.62 -36.43 22.38
N LEU G 41 -7.35 -37.35 23.31
CA LEU G 41 -6.71 -38.62 23.03
C LEU G 41 -7.55 -39.80 23.48
N LYS G 42 -7.62 -40.83 22.66
CA LYS G 42 -8.20 -42.09 23.09
C LYS G 42 -7.11 -43.14 22.90
N ASN G 43 -6.80 -43.84 23.99
CA ASN G 43 -5.71 -44.83 24.05
C ASN G 43 -4.49 -44.33 23.34
N GLY G 44 -4.08 -43.12 23.68
CA GLY G 44 -2.88 -42.56 23.09
C GLY G 44 -3.06 -41.92 21.73
N GLU G 45 -4.16 -42.22 21.03
CA GLU G 45 -4.35 -41.77 19.68
C GLU G 45 -5.31 -40.59 19.63
N ARG G 46 -4.91 -39.57 18.90
CA ARG G 46 -5.60 -38.31 18.81
C ARG G 46 -6.98 -38.40 18.09
N ILE G 47 -7.99 -37.74 18.64
CA ILE G 47 -9.36 -37.76 18.09
C ILE G 47 -9.52 -36.67 17.02
N GLU G 48 -10.30 -36.97 15.98
CA GLU G 48 -10.18 -36.26 14.68
C GLU G 48 -11.01 -35.00 14.45
N LYS G 49 -12.19 -34.88 15.03
CA LYS G 49 -13.03 -33.71 14.75
C LYS G 49 -13.44 -32.96 16.02
N VAL G 50 -12.44 -32.58 16.79
CA VAL G 50 -12.63 -31.90 18.05
C VAL G 50 -13.07 -30.47 17.78
N GLU G 51 -14.00 -29.95 18.57
CA GLU G 51 -14.38 -28.56 18.47
C GLU G 51 -13.93 -27.79 19.70
N HIS G 52 -13.95 -26.47 19.59
CA HIS G 52 -13.60 -25.63 20.74
C HIS G 52 -14.42 -24.37 20.76
N SER G 53 -14.47 -23.74 21.92
CA SER G 53 -15.23 -22.51 22.07
C SER G 53 -14.39 -21.37 21.52
N ASP G 54 -14.98 -20.17 21.52
CA ASP G 54 -14.39 -18.99 20.96
C ASP G 54 -13.55 -18.36 22.02
N LEU G 55 -12.32 -17.97 21.67
CA LEU G 55 -11.32 -17.50 22.62
C LEU G 55 -11.86 -16.34 23.42
N SER G 56 -11.81 -16.45 24.74
CA SER G 56 -12.12 -15.29 25.58
C SER G 56 -11.10 -15.21 26.68
N PHE G 57 -11.31 -14.27 27.60
CA PHE G 57 -10.37 -14.10 28.70
C PHE G 57 -11.03 -13.54 29.94
N SER G 58 -10.35 -13.72 31.05
CA SER G 58 -10.90 -13.38 32.36
C SER G 58 -10.36 -12.06 32.89
N LYS G 59 -10.81 -11.72 34.08
CA LYS G 59 -10.48 -10.46 34.75
C LYS G 59 -9.00 -10.18 34.75
N ASP G 60 -8.17 -11.21 34.89
CA ASP G 60 -6.72 -11.06 34.93
C ASP G 60 -6.07 -11.11 33.54
N TRP G 61 -6.89 -11.12 32.50
CA TRP G 61 -6.47 -11.13 31.08
C TRP G 61 -6.04 -12.47 30.52
N SER G 62 -5.90 -13.45 31.40
CA SER G 62 -5.52 -14.76 30.98
C SER G 62 -6.67 -15.39 30.22
N PHE G 63 -6.32 -16.25 29.29
CA PHE G 63 -7.29 -16.80 28.34
C PHE G 63 -7.91 -18.10 28.83
N TYR G 64 -9.05 -18.44 28.22
CA TYR G 64 -9.64 -19.75 28.42
C TYR G 64 -10.38 -20.23 27.19
N LEU G 65 -10.45 -21.55 27.07
CA LEU G 65 -11.04 -22.27 25.94
C LEU G 65 -11.52 -23.62 26.43
N LEU G 66 -12.62 -24.07 25.83
CA LEU G 66 -13.11 -25.37 26.06
C LEU G 66 -13.02 -26.16 24.76
N TYR G 67 -12.33 -27.29 24.81
CA TYR G 67 -12.32 -28.28 23.72
C TYR G 67 -13.19 -29.49 24.08
N TYR G 68 -13.88 -30.06 23.09
CA TYR G 68 -14.86 -31.09 23.41
C TYR G 68 -15.22 -31.91 22.21
N THR G 69 -15.79 -33.08 22.46
CA THR G 69 -16.13 -34.03 21.40
C THR G 69 -17.06 -35.08 21.92
N GLU G 70 -17.91 -35.60 21.06
CA GLU G 70 -18.75 -36.73 21.43
C GLU G 70 -17.84 -37.92 21.66
N PHE G 71 -18.19 -38.71 22.66
CA PHE G 71 -17.50 -39.97 22.89
C PHE G 71 -18.44 -40.90 23.68
N THR G 72 -18.13 -42.17 23.63
CA THR G 72 -18.89 -43.13 24.35
C THR G 72 -17.88 -43.82 25.20
N PRO G 73 -17.92 -43.54 26.50
CA PRO G 73 -16.95 -44.14 27.41
C PRO G 73 -17.16 -45.61 27.58
N THR G 74 -16.14 -46.29 28.03
CA THR G 74 -16.09 -47.75 28.22
C THR G 74 -15.24 -48.08 29.43
N GLU G 75 -15.24 -49.35 29.80
CA GLU G 75 -14.44 -49.75 30.93
C GLU G 75 -12.95 -49.55 30.66
N LYS G 76 -12.47 -50.01 29.51
CA LYS G 76 -11.03 -50.12 29.25
C LYS G 76 -10.37 -48.96 28.48
N ASP G 77 -11.14 -48.16 27.73
CA ASP G 77 -10.55 -47.05 26.92
C ASP G 77 -10.06 -45.91 27.80
N GLU G 78 -8.77 -45.58 27.67
CA GLU G 78 -8.17 -44.44 28.36
C GLU G 78 -8.34 -43.18 27.50
N TYR G 79 -8.72 -42.08 28.14
CA TYR G 79 -8.91 -40.82 27.48
C TYR G 79 -8.06 -39.78 28.15
N ALA G 80 -7.59 -38.81 27.38
CA ALA G 80 -6.71 -37.85 27.89
C ALA G 80 -6.80 -36.58 27.05
N CYS G 81 -6.28 -35.49 27.63
CA CYS G 81 -6.14 -34.21 26.97
C CYS G 81 -4.65 -33.92 26.83
N ARG G 82 -4.22 -33.45 25.67
CA ARG G 82 -2.80 -33.11 25.50
C ARG G 82 -2.66 -31.66 25.08
N VAL G 83 -1.84 -30.92 25.82
CA VAL G 83 -1.79 -29.49 25.70
C VAL G 83 -0.35 -29.08 25.52
N ASN G 84 -0.09 -28.29 24.48
CA ASN G 84 1.21 -27.70 24.26
C ASN G 84 1.07 -26.19 24.14
N HIS G 85 2.14 -25.48 24.54
CA HIS G 85 2.10 -24.04 24.75
C HIS G 85 3.55 -23.54 24.95
N VAL G 86 3.81 -22.28 24.63
CA VAL G 86 5.19 -21.80 24.66
C VAL G 86 5.84 -22.12 26.01
N THR G 87 5.07 -22.02 27.11
CA THR G 87 5.60 -22.18 28.49
C THR G 87 5.89 -23.60 28.89
N LEU G 88 5.60 -24.56 28.01
CA LEU G 88 5.82 -25.96 28.29
C LEU G 88 6.95 -26.48 27.43
N SER G 89 7.94 -27.06 28.07
CA SER G 89 9.05 -27.60 27.33
C SER G 89 8.55 -28.81 26.56
N GLN G 90 7.54 -29.50 27.11
CA GLN G 90 6.97 -30.71 26.51
C GLN G 90 5.48 -30.74 26.67
N PRO G 91 4.75 -31.26 25.68
CA PRO G 91 3.29 -31.37 25.83
C PRO G 91 2.89 -32.07 27.16
N LYS G 92 1.85 -31.53 27.78
CA LYS G 92 1.36 -31.98 29.07
C LYS G 92 0.10 -32.79 28.82
N ILE G 93 0.12 -34.02 29.30
CA ILE G 93 -0.96 -34.95 29.12
C ILE G 93 -1.67 -35.13 30.45
N VAL G 94 -2.97 -34.89 30.47
CA VAL G 94 -3.74 -35.10 31.69
C VAL G 94 -4.83 -36.08 31.33
N LYS G 95 -4.78 -37.23 32.01
CA LYS G 95 -5.65 -38.34 31.70
C LYS G 95 -7.00 -38.11 32.37
N TRP G 96 -8.07 -38.58 31.75
CA TRP G 96 -9.43 -38.40 32.27
C TRP G 96 -9.69 -39.34 33.42
N ASP G 97 -10.04 -38.77 34.58
CA ASP G 97 -10.53 -39.54 35.72
C ASP G 97 -12.03 -39.30 35.88
N ARG G 98 -12.85 -40.27 35.57
CA ARG G 98 -14.29 -40.07 35.78
C ARG G 98 -14.70 -39.80 37.23
N ASP G 99 -13.98 -40.38 38.19
CA ASP G 99 -14.28 -40.15 39.63
C ASP G 99 -13.79 -38.75 40.04
N MET G 100 -12.71 -38.33 39.38
CA MET G 100 -12.22 -36.95 39.31
C MET G 100 -10.98 -36.62 40.21
N TYR H 1 -24.98 -5.26 21.77
CA TYR H 1 -24.80 -4.03 20.90
C TYR H 1 -23.42 -3.40 21.16
N LEU H 2 -22.53 -3.51 20.18
CA LEU H 2 -21.20 -2.94 20.34
C LEU H 2 -21.24 -1.43 20.37
N GLY H 3 -20.27 -0.84 21.04
CA GLY H 3 -20.14 0.60 20.97
C GLY H 3 -19.49 0.97 19.63
N GLY H 4 -19.70 2.19 19.18
CA GLY H 4 -19.18 2.57 17.86
C GLY H 4 -19.44 4.02 17.61
N PRO H 5 -19.25 4.48 16.39
CA PRO H 5 -18.94 3.62 15.25
C PRO H 5 -17.66 2.84 15.39
N ASP H 6 -16.71 3.43 16.10
CA ASP H 6 -15.43 2.81 16.41
C ASP H 6 -14.73 3.60 17.53
N PHE H 7 -13.66 3.00 18.03
CA PHE H 7 -12.81 3.57 19.04
C PHE H 7 -11.59 4.26 18.47
N PRO H 8 -11.06 5.22 19.19
CA PRO H 8 -9.82 5.80 18.77
C PRO H 8 -8.65 4.84 18.99
N THR H 9 -7.62 5.13 18.24
CA THR H 9 -6.41 4.37 18.21
C THR H 9 -5.56 4.74 19.44
N ILE H 10 -4.93 3.73 20.03
CA ILE H 10 -3.88 3.87 21.03
C ILE H 10 -2.93 5.00 20.60
N GLU I 1 -34.88 8.64 6.94
CA GLU I 1 -34.69 9.77 5.99
C GLU I 1 -35.14 11.15 6.56
N VAL I 2 -34.78 12.20 5.82
CA VAL I 2 -34.80 13.58 6.31
C VAL I 2 -35.64 14.45 5.42
N GLU I 3 -36.53 15.22 6.03
CA GLU I 3 -37.43 16.08 5.30
C GLU I 3 -37.01 17.51 5.53
N GLN I 4 -36.86 18.25 4.47
CA GLN I 4 -36.38 19.61 4.55
C GLN I 4 -37.10 20.43 3.51
N ASP I 5 -37.57 21.62 3.88
CA ASP I 5 -38.28 22.51 2.95
C ASP I 5 -37.20 23.13 2.02
N PRO I 6 -37.41 23.07 0.70
CA PRO I 6 -36.38 23.53 -0.21
C PRO I 6 -36.25 25.06 -0.32
N GLY I 7 -37.22 25.80 0.20
CA GLY I 7 -37.22 27.25 0.04
C GLY I 7 -37.66 27.45 -1.39
N PRO I 8 -37.15 28.45 -2.11
CA PRO I 8 -36.17 29.42 -1.64
C PRO I 8 -36.73 30.35 -0.55
N LEU I 9 -35.94 30.64 0.46
CA LEU I 9 -36.28 31.68 1.41
C LEU I 9 -35.56 32.94 0.97
N SER I 10 -36.30 34.03 0.90
CA SER I 10 -35.69 35.32 0.63
C SER I 10 -36.05 36.26 1.80
N VAL I 11 -35.03 36.72 2.52
CA VAL I 11 -35.23 37.62 3.63
C VAL I 11 -34.38 38.89 3.51
N PRO I 12 -34.81 39.97 4.15
CA PRO I 12 -34.03 41.19 4.13
C PRO I 12 -32.90 41.16 5.16
N GLU I 13 -31.79 41.81 4.85
CA GLU I 13 -30.65 41.91 5.76
C GLU I 13 -31.11 42.33 7.16
N GLY I 14 -30.57 41.70 8.20
CA GLY I 14 -30.95 42.01 9.59
C GLY I 14 -32.03 41.10 10.18
N ALA I 15 -32.68 40.31 9.34
CA ALA I 15 -33.75 39.45 9.77
C ALA I 15 -33.25 38.22 10.48
N ILE I 16 -34.08 37.70 11.39
CA ILE I 16 -33.85 36.38 11.94
C ILE I 16 -34.37 35.36 10.91
N VAL I 17 -33.60 34.30 10.71
CA VAL I 17 -33.94 33.24 9.79
C VAL I 17 -34.05 31.95 10.55
N SER I 18 -34.99 31.10 10.14
CA SER I 18 -35.26 29.85 10.79
C SER I 18 -35.33 28.75 9.72
N LEU I 19 -34.48 27.74 9.86
CA LEU I 19 -34.47 26.59 8.95
C LEU I 19 -34.71 25.38 9.79
N ASN I 20 -35.30 24.35 9.21
CA ASN I 20 -35.49 23.14 9.97
C ASN I 20 -35.67 21.90 9.16
N CYS I 21 -35.54 20.77 9.86
CA CYS I 21 -35.57 19.47 9.28
C CYS I 21 -36.39 18.57 10.20
N THR I 22 -37.10 17.63 9.60
CA THR I 22 -37.77 16.55 10.30
C THR I 22 -37.18 15.21 9.84
N TYR I 23 -37.19 14.21 10.71
CA TYR I 23 -36.70 12.87 10.39
C TYR I 23 -37.66 11.80 10.93
N SER I 24 -37.33 10.53 10.70
CA SER I 24 -38.20 9.39 11.05
C SER I 24 -37.54 8.35 11.94
N ASN I 25 -36.25 8.14 11.77
CA ASN I 25 -35.57 7.07 12.46
C ASN I 25 -35.04 7.54 13.80
N SER I 26 -35.49 6.88 14.87
CA SER I 26 -35.20 7.33 16.24
C SER I 26 -33.77 7.03 16.67
N ALA I 27 -33.07 6.24 15.86
CA ALA I 27 -31.69 5.93 16.13
C ALA I 27 -30.69 7.00 15.65
N PHE I 28 -31.16 8.11 15.07
CA PHE I 28 -30.24 9.20 14.76
C PHE I 28 -29.89 9.88 16.08
N GLN I 29 -28.61 10.08 16.35
CA GLN I 29 -28.20 10.69 17.64
C GLN I 29 -27.34 11.91 17.49
N TYR I 30 -26.93 12.19 16.27
CA TYR I 30 -26.02 13.30 15.98
C TYR I 30 -26.59 14.12 14.86
N PHE I 31 -26.59 15.42 15.01
CA PHE I 31 -27.31 16.26 14.07
C PHE I 31 -26.40 17.46 13.80
N MET I 32 -26.27 17.81 12.52
CA MET I 32 -25.38 18.89 12.07
C MET I 32 -26.01 19.75 11.04
N TRP I 33 -25.54 20.97 10.94
CA TRP I 33 -25.97 21.86 9.88
C TRP I 33 -24.78 22.25 9.05
N TYR I 34 -24.96 22.18 7.74
CA TYR I 34 -23.93 22.61 6.84
C TYR I 34 -24.45 23.80 6.06
N ARG I 35 -23.54 24.67 5.66
CA ARG I 35 -23.74 25.72 4.67
C ARG I 35 -22.88 25.43 3.40
N GLN I 36 -23.41 25.75 2.22
CA GLN I 36 -22.79 25.47 0.97
C GLN I 36 -23.01 26.58 -0.05
N TYR I 37 -21.94 27.32 -0.38
CA TYR I 37 -22.02 28.33 -1.42
C TYR I 37 -22.10 27.71 -2.80
N SER I 38 -22.77 28.39 -3.70
CA SER I 38 -23.06 27.88 -5.02
C SER I 38 -21.74 27.52 -5.73
N ARG I 39 -21.57 26.24 -6.03
CA ARG I 39 -20.38 25.67 -6.71
C ARG I 39 -19.25 25.27 -5.77
N LYS I 40 -19.54 25.04 -4.48
CA LYS I 40 -18.48 24.79 -3.47
C LYS I 40 -18.83 23.62 -2.58
N GLY I 41 -17.88 23.17 -1.76
CA GLY I 41 -18.10 22.04 -0.85
C GLY I 41 -18.81 22.56 0.39
N PRO I 42 -19.41 21.67 1.20
CA PRO I 42 -20.17 22.10 2.37
C PRO I 42 -19.31 22.40 3.58
N GLU I 43 -19.67 23.42 4.34
CA GLU I 43 -18.93 23.86 5.52
C GLU I 43 -19.78 23.63 6.75
N LEU I 44 -19.22 22.89 7.69
CA LEU I 44 -19.89 22.57 8.89
C LEU I 44 -20.16 23.90 9.64
N LEU I 45 -21.38 24.08 10.15
CA LEU I 45 -21.64 25.25 11.01
C LEU I 45 -21.73 24.85 12.47
N MET I 46 -22.49 23.79 12.75
CA MET I 46 -23.02 23.58 14.07
C MET I 46 -23.38 22.10 14.21
N TYR I 47 -23.10 21.50 15.35
CA TYR I 47 -23.42 20.11 15.56
C TYR I 47 -23.91 19.85 16.98
N THR I 48 -24.78 18.85 17.16
CA THR I 48 -25.28 18.50 18.52
C THR I 48 -25.43 16.99 18.70
N TYR I 49 -24.89 16.52 19.81
CA TYR I 49 -25.08 15.19 20.36
C TYR I 49 -26.36 15.20 21.19
N SER I 50 -27.44 14.65 20.63
CA SER I 50 -28.67 14.38 21.39
C SER I 50 -29.46 15.67 21.50
N SER I 51 -30.45 15.73 22.39
CA SER I 51 -31.38 16.86 22.36
C SER I 51 -30.69 18.09 22.99
N GLY I 52 -31.06 19.28 22.54
CA GLY I 52 -30.57 20.48 23.19
C GLY I 52 -30.38 21.66 22.29
N ASN I 53 -29.80 22.69 22.89
CA ASN I 53 -29.55 24.01 22.30
C ASN I 53 -28.05 24.28 22.38
N LYS I 54 -27.47 24.71 21.27
CA LYS I 54 -26.10 25.15 21.24
C LYS I 54 -26.12 26.53 20.60
N GLU I 55 -25.51 27.50 21.24
CA GLU I 55 -25.32 28.83 20.67
C GLU I 55 -23.88 29.01 20.12
N ASP I 56 -23.72 29.78 19.05
CA ASP I 56 -22.39 30.21 18.59
C ASP I 56 -22.51 31.47 17.74
N GLY I 57 -22.13 32.60 18.33
CA GLY I 57 -22.35 33.88 17.67
C GLY I 57 -23.81 34.03 17.31
N ARG I 58 -24.04 34.32 16.05
CA ARG I 58 -25.37 34.52 15.48
C ARG I 58 -26.19 33.23 15.26
N PHE I 59 -25.61 32.09 15.56
CA PHE I 59 -26.23 30.81 15.23
C PHE I 59 -26.73 30.07 16.49
N THR I 60 -27.89 29.43 16.39
CA THR I 60 -28.36 28.52 17.43
C THR I 60 -28.92 27.33 16.72
N ALA I 61 -28.51 26.16 17.17
CA ALA I 61 -29.01 24.93 16.62
C ALA I 61 -29.80 24.28 17.71
N GLN I 62 -30.94 23.67 17.37
CA GLN I 62 -31.68 22.91 18.42
C GLN I 62 -32.16 21.57 17.96
N VAL I 63 -32.27 20.69 18.94
CA VAL I 63 -32.72 19.34 18.70
C VAL I 63 -33.81 18.95 19.70
N ASP I 64 -34.95 18.52 19.16
CA ASP I 64 -36.04 17.98 19.95
C ASP I 64 -36.17 16.54 19.48
N LYS I 65 -35.59 15.59 20.19
CA LYS I 65 -35.57 14.22 19.66
C LYS I 65 -36.94 13.51 19.81
N SER I 66 -37.83 14.02 20.66
CA SER I 66 -39.18 13.42 20.73
C SER I 66 -40.13 13.91 19.64
N SER I 67 -39.97 15.14 19.17
CA SER I 67 -40.69 15.54 17.97
C SER I 67 -39.94 15.19 16.68
N LYS I 68 -38.69 14.73 16.80
CA LYS I 68 -37.88 14.42 15.65
C LYS I 68 -37.80 15.64 14.73
N TYR I 69 -37.41 16.75 15.32
CA TYR I 69 -37.47 18.06 14.68
C TYR I 69 -36.19 18.79 15.07
N ILE I 70 -35.46 19.35 14.11
CA ILE I 70 -34.26 20.08 14.45
C ILE I 70 -34.21 21.42 13.75
N SER I 71 -33.54 22.41 14.34
CA SER I 71 -33.56 23.71 13.74
C SER I 71 -32.30 24.47 13.91
N LEU I 72 -32.14 25.44 13.03
CA LEU I 72 -31.04 26.36 13.09
C LEU I 72 -31.60 27.75 12.93
N PHE I 73 -31.21 28.64 13.81
CA PHE I 73 -31.62 30.00 13.75
C PHE I 73 -30.39 30.82 13.50
N ILE I 74 -30.54 31.83 12.63
CA ILE I 74 -29.47 32.75 12.36
C ILE I 74 -29.99 34.13 12.64
N ARG I 75 -29.45 34.82 13.64
CA ARG I 75 -29.91 36.16 13.90
C ARG I 75 -29.17 37.15 13.04
N ASP I 76 -29.77 38.32 12.83
CA ASP I 76 -29.07 39.44 12.20
C ASP I 76 -28.37 38.97 10.96
N SER I 77 -29.16 38.49 10.02
CA SER I 77 -28.64 37.80 8.89
C SER I 77 -27.90 38.77 7.97
N GLN I 78 -26.91 38.25 7.23
CA GLN I 78 -26.03 39.08 6.41
C GLN I 78 -26.05 38.55 5.01
N PRO I 79 -25.87 39.41 3.99
CA PRO I 79 -25.66 38.98 2.59
C PRO I 79 -24.77 37.75 2.39
N SER I 80 -23.74 37.62 3.21
CA SER I 80 -22.85 36.49 3.11
C SER I 80 -23.35 35.21 3.78
N ASP I 81 -24.54 35.24 4.36
CA ASP I 81 -25.21 34.05 4.78
C ASP I 81 -25.98 33.43 3.61
N SER I 82 -26.09 34.11 2.47
CA SER I 82 -26.76 33.50 1.31
C SER I 82 -26.09 32.22 0.80
N ALA I 83 -26.82 31.10 0.76
CA ALA I 83 -26.22 29.81 0.53
C ALA I 83 -27.29 28.76 0.68
N THR I 84 -26.99 27.50 0.28
CA THR I 84 -27.90 26.45 0.68
C THR I 84 -27.47 25.82 2.00
N TYR I 85 -28.44 25.61 2.89
CA TYR I 85 -28.18 25.04 4.20
C TYR I 85 -28.67 23.58 4.20
N LEU I 86 -27.85 22.65 4.64
CA LEU I 86 -28.23 21.27 4.68
C LEU I 86 -28.09 20.80 6.09
N CYS I 87 -29.06 20.04 6.55
CA CYS I 87 -28.91 19.34 7.81
C CYS I 87 -28.47 17.93 7.48
N ALA I 88 -27.81 17.31 8.43
CA ALA I 88 -27.33 15.94 8.25
C ALA I 88 -27.38 15.22 9.56
N MET I 89 -27.51 13.91 9.50
CA MET I 89 -27.56 13.16 10.78
C MET I 89 -27.08 11.76 10.63
N ARG I 90 -26.70 11.19 11.77
CA ARG I 90 -26.40 9.80 11.83
C ARG I 90 -26.56 9.30 13.23
N GLY I 91 -26.33 7.99 13.34
CA GLY I 91 -26.31 7.28 14.55
C GLY I 91 -24.92 6.77 14.88
N ASP I 92 -24.98 5.58 15.44
CA ASP I 92 -24.05 4.97 16.35
C ASP I 92 -23.21 3.97 15.66
N SER I 93 -23.70 3.45 14.56
CA SER I 93 -23.06 2.29 14.01
C SER I 93 -22.14 2.59 12.82
N SER I 94 -22.18 3.80 12.31
CA SER I 94 -21.48 4.16 11.09
C SER I 94 -21.24 5.65 11.04
N TYR I 95 -20.11 6.07 10.45
CA TYR I 95 -19.93 7.50 10.15
C TYR I 95 -20.73 8.03 8.97
N LYS I 96 -21.54 7.18 8.33
CA LYS I 96 -22.41 7.56 7.25
C LYS I 96 -23.41 8.59 7.64
N LEU I 97 -23.39 9.73 6.96
CA LEU I 97 -24.31 10.82 7.15
C LEU I 97 -25.50 10.65 6.19
N ILE I 98 -26.71 10.95 6.68
CA ILE I 98 -27.85 11.15 5.84
C ILE I 98 -28.15 12.65 5.82
N PHE I 99 -28.22 13.21 4.61
CA PHE I 99 -28.51 14.64 4.38
C PHE I 99 -29.93 14.91 3.98
N GLY I 100 -30.43 16.06 4.43
CA GLY I 100 -31.66 16.62 3.88
C GLY I 100 -31.35 17.31 2.56
N SER I 101 -32.38 17.66 1.81
CA SER I 101 -32.21 18.16 0.46
C SER I 101 -31.69 19.55 0.39
N GLY I 102 -31.77 20.28 1.48
CA GLY I 102 -31.27 21.63 1.55
C GLY I 102 -32.30 22.71 1.37
N THR I 103 -32.06 23.87 1.95
CA THR I 103 -32.92 25.02 1.78
C THR I 103 -32.05 26.14 1.26
N ARG I 104 -32.48 26.80 0.18
CA ARG I 104 -31.78 27.97 -0.34
C ARG I 104 -32.17 29.21 0.43
N LEU I 105 -31.19 29.88 1.00
CA LEU I 105 -31.40 31.14 1.65
C LEU I 105 -30.76 32.26 0.85
N LEU I 106 -31.59 33.23 0.42
CA LEU I 106 -31.16 34.51 -0.11
C LEU I 106 -31.38 35.60 0.95
N VAL I 107 -30.32 36.26 1.40
CA VAL I 107 -30.51 37.45 2.20
C VAL I 107 -30.21 38.71 1.36
N ARG I 108 -31.26 39.50 1.17
CA ARG I 108 -31.20 40.68 0.33
C ARG I 108 -30.47 41.81 1.04
N PRO I 109 -29.45 42.37 0.39
CA PRO I 109 -28.73 43.48 1.03
C PRO I 109 -29.54 44.77 1.06
N ASP I 110 -29.37 45.55 2.12
CA ASP I 110 -30.01 46.84 2.26
C ASP I 110 -29.20 47.82 1.47
N ILE I 111 -29.84 48.56 0.58
CA ILE I 111 -29.11 49.56 -0.17
C ILE I 111 -29.44 50.94 0.37
N GLN I 112 -28.42 51.67 0.81
CA GLN I 112 -28.59 53.09 1.11
C GLN I 112 -28.84 53.77 -0.23
N ASN I 113 -29.81 54.67 -0.27
CA ASN I 113 -30.11 55.47 -1.47
C ASN I 113 -30.20 54.71 -2.80
N PRO I 114 -31.33 54.05 -3.08
CA PRO I 114 -31.60 53.58 -4.44
C PRO I 114 -31.45 54.71 -5.47
N ASP I 115 -31.04 54.35 -6.68
CA ASP I 115 -31.01 55.27 -7.82
C ASP I 115 -31.32 54.45 -9.06
N PRO I 116 -32.49 53.78 -9.06
CA PRO I 116 -32.82 52.88 -10.17
C PRO I 116 -32.59 53.54 -11.52
N ALA I 117 -31.91 52.83 -12.42
CA ALA I 117 -31.44 53.40 -13.68
C ALA I 117 -31.14 52.31 -14.70
N VAL I 118 -31.61 52.49 -15.93
CA VAL I 118 -31.45 51.48 -16.98
C VAL I 118 -30.71 52.08 -18.18
N TYR I 119 -29.52 51.51 -18.46
CA TYR I 119 -28.55 52.09 -19.39
C TYR I 119 -28.29 51.19 -20.58
N GLN I 120 -28.23 51.77 -21.78
CA GLN I 120 -27.82 51.02 -22.97
C GLN I 120 -26.29 50.92 -23.02
N LEU I 121 -25.79 49.79 -23.53
CA LEU I 121 -24.37 49.45 -23.44
C LEU I 121 -23.87 48.75 -24.70
N ARG I 122 -22.85 49.33 -25.31
CA ARG I 122 -22.40 48.89 -26.64
C ARG I 122 -21.20 47.94 -26.57
N ASP I 123 -21.12 47.04 -27.54
CA ASP I 123 -19.98 46.12 -27.68
C ASP I 123 -18.73 46.92 -27.99
N SER I 124 -17.59 46.46 -27.47
CA SER I 124 -16.26 46.99 -27.83
C SER I 124 -15.79 46.41 -29.19
N LYS I 125 -14.50 46.53 -29.51
CA LYS I 125 -13.95 46.14 -30.81
C LYS I 125 -14.76 46.81 -31.95
N SER I 126 -15.10 46.09 -33.04
CA SER I 126 -15.88 46.64 -34.16
C SER I 126 -17.24 45.92 -34.32
N SER I 127 -17.96 45.71 -33.22
CA SER I 127 -19.33 45.20 -33.22
C SER I 127 -20.28 46.28 -32.78
N ASP I 128 -21.46 46.36 -33.40
CA ASP I 128 -22.56 47.14 -32.81
C ASP I 128 -23.76 46.30 -32.31
N LYS I 129 -23.46 45.19 -31.63
CA LYS I 129 -24.44 44.45 -30.80
C LYS I 129 -24.53 45.09 -29.41
N SER I 130 -25.68 44.93 -28.75
CA SER I 130 -25.94 45.63 -27.48
C SER I 130 -26.81 44.91 -26.42
N VAL I 131 -26.69 45.44 -25.21
CA VAL I 131 -27.21 44.82 -24.00
C VAL I 131 -27.60 45.93 -22.99
N CYS I 132 -28.64 45.68 -22.19
CA CYS I 132 -29.19 46.71 -21.30
C CYS I 132 -28.97 46.37 -19.83
N LEU I 133 -28.37 47.34 -19.12
CA LEU I 133 -28.00 47.20 -17.71
C LEU I 133 -28.98 47.95 -16.84
N PHE I 134 -29.76 47.21 -16.04
CA PHE I 134 -30.66 47.79 -15.08
C PHE I 134 -29.96 47.63 -13.77
N THR I 135 -29.74 48.73 -13.07
CA THR I 135 -28.85 48.72 -11.93
C THR I 135 -29.27 49.75 -10.89
N ASP I 136 -28.62 49.68 -9.73
CA ASP I 136 -28.82 50.65 -8.63
C ASP I 136 -30.23 50.66 -8.06
N PHE I 137 -30.97 49.57 -8.28
CA PHE I 137 -32.32 49.45 -7.75
C PHE I 137 -32.27 48.76 -6.39
N ASP I 138 -33.36 48.95 -5.65
CA ASP I 138 -33.48 48.59 -4.24
C ASP I 138 -33.70 47.10 -4.12
N SER I 139 -33.46 46.53 -2.94
CA SER I 139 -33.76 45.11 -2.71
C SER I 139 -35.13 45.00 -2.03
N GLN I 140 -36.09 45.66 -2.65
CA GLN I 140 -37.49 45.28 -2.58
C GLN I 140 -37.90 44.78 -3.97
N THR I 141 -37.15 45.13 -5.02
CA THR I 141 -37.61 44.87 -6.37
C THR I 141 -37.23 43.46 -6.78
N ASN I 142 -38.06 42.90 -7.64
CA ASN I 142 -37.98 41.51 -8.01
C ASN I 142 -37.94 41.54 -9.53
N VAL I 143 -37.26 40.59 -10.16
CA VAL I 143 -37.08 40.66 -11.62
C VAL I 143 -37.49 39.37 -12.36
N SER I 144 -38.10 39.57 -13.53
CA SER I 144 -38.81 38.54 -14.22
C SER I 144 -38.27 38.33 -15.62
N GLN I 145 -38.31 37.07 -16.07
CA GLN I 145 -38.04 36.72 -17.46
C GLN I 145 -39.14 37.30 -18.34
N SER I 146 -38.76 37.98 -19.42
CA SER I 146 -39.73 38.44 -20.41
C SER I 146 -40.20 37.23 -21.23
N LYS I 147 -41.49 36.88 -21.10
CA LYS I 147 -42.06 35.64 -21.63
C LYS I 147 -42.09 35.65 -23.17
N ASP I 148 -41.75 36.81 -23.74
CA ASP I 148 -41.19 36.86 -25.10
C ASP I 148 -39.73 36.35 -25.01
N SER I 149 -39.55 35.03 -25.14
CA SER I 149 -38.25 34.42 -24.96
C SER I 149 -37.56 34.26 -26.31
N ASP I 150 -37.48 35.35 -27.06
CA ASP I 150 -36.37 35.53 -27.95
C ASP I 150 -35.44 36.61 -27.39
N VAL I 151 -35.81 37.17 -26.22
CA VAL I 151 -34.94 38.07 -25.46
C VAL I 151 -34.44 37.34 -24.22
N TYR I 152 -33.24 37.70 -23.79
CA TYR I 152 -32.57 37.03 -22.69
C TYR I 152 -32.37 37.99 -21.55
N ILE I 153 -32.73 37.55 -20.34
CA ILE I 153 -32.61 38.38 -19.14
C ILE I 153 -32.11 37.58 -17.94
N THR I 154 -31.19 38.18 -17.21
CA THR I 154 -30.57 37.58 -16.06
C THR I 154 -31.33 38.02 -14.84
N ASP I 155 -31.33 37.20 -13.80
CA ASP I 155 -31.74 37.67 -12.46
C ASP I 155 -30.73 38.67 -11.91
N LYS I 156 -31.14 39.38 -10.86
CA LYS I 156 -30.28 40.36 -10.19
C LYS I 156 -29.13 39.63 -9.52
N CYS I 157 -27.99 40.30 -9.46
CA CYS I 157 -26.83 39.82 -8.74
C CYS I 157 -26.37 41.04 -7.95
N VAL I 158 -25.70 40.86 -6.81
CA VAL I 158 -25.29 42.04 -6.05
C VAL I 158 -23.78 42.21 -5.95
N LEU I 159 -23.31 43.37 -6.41
CA LEU I 159 -21.88 43.61 -6.52
C LEU I 159 -21.31 44.54 -5.45
N ASP I 160 -20.13 44.19 -4.97
CA ASP I 160 -19.50 44.91 -3.87
C ASP I 160 -18.34 45.71 -4.43
N MET I 161 -18.37 47.02 -4.27
CA MET I 161 -17.25 47.86 -4.63
C MET I 161 -16.44 47.94 -3.35
N ARG I 162 -15.70 46.88 -3.05
CA ARG I 162 -14.98 46.74 -1.77
C ARG I 162 -14.00 47.90 -1.57
N SER I 163 -13.93 48.43 -0.35
CA SER I 163 -13.15 49.65 -0.06
C SER I 163 -13.58 50.86 -0.93
N MET I 164 -14.89 50.95 -1.18
CA MET I 164 -15.56 52.19 -1.59
C MET I 164 -16.99 52.00 -1.14
N ASP I 165 -17.18 52.00 0.19
CA ASP I 165 -18.33 51.31 0.86
C ASP I 165 -19.65 51.47 0.11
N PHE I 166 -19.76 50.71 -0.97
CA PHE I 166 -20.81 50.85 -1.94
C PHE I 166 -21.22 49.49 -2.52
N LYS I 167 -22.53 49.27 -2.58
CA LYS I 167 -23.10 48.04 -3.10
C LYS I 167 -24.19 48.47 -4.06
N SER I 168 -24.50 47.60 -5.01
CA SER I 168 -25.56 47.88 -5.95
C SER I 168 -26.00 46.61 -6.57
N ASN I 169 -27.30 46.51 -6.81
CA ASN I 169 -27.88 45.41 -7.56
C ASN I 169 -27.71 45.76 -9.00
N SER I 170 -27.75 44.74 -9.85
CA SER I 170 -27.68 44.92 -11.27
C SER I 170 -28.38 43.74 -11.90
N ALA I 171 -28.88 43.93 -13.10
CA ALA I 171 -29.43 42.85 -13.90
C ALA I 171 -29.19 43.19 -15.36
N VAL I 172 -29.32 42.19 -16.23
CA VAL I 172 -28.93 42.33 -17.62
C VAL I 172 -29.90 41.63 -18.59
N ALA I 173 -30.15 42.31 -19.73
CA ALA I 173 -30.97 41.75 -20.80
C ALA I 173 -30.38 42.04 -22.17
N TRP I 174 -30.69 41.18 -23.13
CA TRP I 174 -30.28 41.38 -24.53
C TRP I 174 -31.10 40.53 -25.50
N SER I 175 -30.94 40.85 -26.78
CA SER I 175 -31.52 40.12 -27.89
C SER I 175 -30.85 40.74 -29.11
N ASN I 176 -30.50 39.92 -30.10
CA ASN I 176 -29.61 40.37 -31.17
C ASN I 176 -30.44 40.89 -32.34
N LYS I 177 -31.17 41.98 -32.09
CA LYS I 177 -32.26 42.43 -32.93
C LYS I 177 -32.34 43.96 -33.06
N SER I 178 -32.78 44.43 -34.23
CA SER I 178 -33.39 45.76 -34.35
C SER I 178 -34.75 45.68 -33.66
N ASP I 179 -35.20 46.80 -33.07
CA ASP I 179 -36.47 46.90 -32.33
C ASP I 179 -36.28 46.61 -30.84
N PHE I 180 -35.31 45.75 -30.52
CA PHE I 180 -34.88 45.60 -29.15
C PHE I 180 -34.25 46.92 -28.75
N ALA I 181 -35.06 47.78 -28.14
CA ALA I 181 -34.58 49.01 -27.53
C ALA I 181 -34.70 48.86 -26.01
N CYS I 182 -33.73 49.43 -25.29
CA CYS I 182 -33.55 49.16 -23.87
C CYS I 182 -34.64 49.74 -22.99
N ALA I 183 -35.36 50.74 -23.49
CA ALA I 183 -36.66 51.09 -22.90
C ALA I 183 -37.62 49.90 -22.96
N ASN I 184 -38.39 49.71 -21.89
CA ASN I 184 -39.45 48.67 -21.82
C ASN I 184 -38.98 47.21 -21.84
N ALA I 185 -37.66 46.98 -21.87
CA ALA I 185 -37.12 45.62 -21.93
C ALA I 185 -37.35 44.84 -20.63
N PHE I 186 -37.62 45.54 -19.52
CA PHE I 186 -37.89 44.90 -18.23
C PHE I 186 -39.37 44.88 -17.96
N ASN I 187 -40.07 44.17 -18.85
CA ASN I 187 -41.52 44.35 -19.01
C ASN I 187 -42.35 43.70 -17.89
N ASN I 188 -42.13 42.42 -17.71
CA ASN I 188 -42.85 41.64 -16.70
C ASN I 188 -42.49 42.09 -15.29
N SER I 189 -41.32 42.69 -15.15
CA SER I 189 -40.80 43.11 -13.86
C SER I 189 -41.59 44.28 -13.28
N ILE I 190 -41.67 44.33 -11.95
CA ILE I 190 -42.28 45.43 -11.19
C ILE I 190 -41.18 46.39 -10.76
N ILE I 191 -41.37 47.68 -11.04
CA ILE I 191 -40.28 48.67 -11.02
C ILE I 191 -40.56 49.86 -10.09
N PRO I 192 -39.53 50.35 -9.36
CA PRO I 192 -39.71 51.67 -8.75
C PRO I 192 -39.48 52.72 -9.83
N GLU I 193 -40.39 53.69 -9.99
CA GLU I 193 -40.35 54.55 -11.19
C GLU I 193 -39.59 55.86 -11.03
N ASP I 194 -38.27 55.72 -11.05
CA ASP I 194 -37.31 56.82 -11.13
C ASP I 194 -36.12 56.32 -11.94
N THR I 195 -36.46 55.61 -13.03
CA THR I 195 -35.48 54.84 -13.79
C THR I 195 -34.96 55.70 -14.91
N PHE I 196 -33.75 56.24 -14.75
CA PHE I 196 -33.27 57.26 -15.68
C PHE I 196 -32.95 56.70 -17.07
N PHE I 197 -33.97 56.58 -17.91
CA PHE I 197 -33.80 56.26 -19.33
C PHE I 197 -33.35 57.55 -20.01
N PRO I 198 -32.03 57.72 -20.20
CA PRO I 198 -31.59 59.01 -20.74
C PRO I 198 -31.90 59.13 -22.24
N SER I 199 -31.61 60.27 -22.85
CA SER I 199 -31.98 60.46 -24.27
C SER I 199 -30.77 60.70 -25.19
N PRO I 200 -30.22 59.62 -25.81
CA PRO I 200 -29.13 59.72 -26.81
C PRO I 200 -29.45 60.63 -28.00
N ASP J 1 -0.09 22.39 5.43
CA ASP J 1 -0.84 23.46 4.69
C ASP J 1 -1.81 22.91 3.59
N ALA J 2 -1.57 21.73 3.03
CA ALA J 2 -2.43 21.28 1.93
C ALA J 2 -3.61 20.52 2.43
N GLY J 3 -4.78 20.94 1.95
CA GLY J 3 -6.00 20.17 2.11
C GLY J 3 -6.11 18.93 1.19
N VAL J 4 -7.33 18.45 1.10
CA VAL J 4 -7.69 17.33 0.32
C VAL J 4 -7.63 17.73 -1.14
N ILE J 5 -6.95 16.91 -1.95
CA ILE J 5 -6.68 17.24 -3.36
C ILE J 5 -7.45 16.25 -4.18
N GLN J 6 -8.35 16.73 -5.00
CA GLN J 6 -9.16 15.89 -5.81
C GLN J 6 -8.83 16.23 -7.24
N SER J 7 -8.94 15.22 -8.12
CA SER J 7 -8.62 15.34 -9.51
C SER J 7 -9.52 14.37 -10.35
N PRO J 8 -9.95 14.76 -11.54
CA PRO J 8 -9.77 16.10 -12.08
C PRO J 8 -10.83 17.05 -11.51
N ARG J 9 -10.64 18.33 -11.68
CA ARG J 9 -11.59 19.29 -11.19
C ARG J 9 -12.88 19.22 -12.02
N HIS J 10 -12.75 19.06 -13.34
CA HIS J 10 -13.88 18.94 -14.26
C HIS J 10 -13.68 17.76 -15.19
N GLU J 11 -14.76 17.08 -15.55
CA GLU J 11 -14.75 16.02 -16.51
C GLU J 11 -15.94 16.13 -17.39
N VAL J 12 -15.73 16.26 -18.69
CA VAL J 12 -16.81 16.02 -19.60
C VAL J 12 -16.49 14.91 -20.61
N THR J 13 -17.36 13.91 -20.62
CA THR J 13 -17.07 12.65 -21.23
C THR J 13 -18.33 12.06 -21.89
N GLU J 14 -18.12 11.25 -22.92
CA GLU J 14 -19.20 10.54 -23.60
C GLU J 14 -19.58 9.29 -22.80
N MET J 15 -20.86 8.93 -22.79
CA MET J 15 -21.29 7.69 -22.12
C MET J 15 -20.60 6.49 -22.74
N GLY J 16 -20.47 5.41 -21.98
CA GLY J 16 -19.70 4.25 -22.41
C GLY J 16 -18.27 4.23 -21.89
N GLN J 17 -17.67 5.41 -21.69
CA GLN J 17 -16.31 5.51 -21.21
C GLN J 17 -16.18 5.10 -19.77
N GLN J 18 -14.97 4.67 -19.41
CA GLN J 18 -14.56 4.58 -18.03
C GLN J 18 -14.20 5.98 -17.54
N VAL J 19 -14.57 6.26 -16.29
CA VAL J 19 -14.30 7.52 -15.62
C VAL J 19 -13.60 7.24 -14.32
N THR J 20 -12.48 7.90 -14.10
CA THR J 20 -11.74 7.70 -12.88
C THR J 20 -11.68 8.96 -12.07
N LEU J 21 -12.06 8.92 -10.82
CA LEU J 21 -12.01 10.13 -9.98
C LEU J 21 -10.99 9.85 -8.93
N ARG J 22 -10.14 10.83 -8.62
CA ARG J 22 -9.05 10.61 -7.68
C ARG J 22 -9.06 11.56 -6.49
N CYS J 23 -8.53 11.08 -5.38
CA CYS J 23 -8.51 11.83 -4.15
C CYS J 23 -7.24 11.54 -3.38
N LYS J 24 -6.57 12.58 -2.95
CA LYS J 24 -5.45 12.50 -2.01
C LYS J 24 -5.93 13.11 -0.69
N PRO J 25 -6.05 12.30 0.35
CA PRO J 25 -6.42 12.88 1.60
C PRO J 25 -5.29 13.71 2.20
N ILE J 26 -5.58 14.39 3.30
CA ILE J 26 -4.58 15.16 4.01
C ILE J 26 -3.68 14.17 4.74
N SER J 27 -2.38 14.38 4.71
CA SER J 27 -1.47 13.41 5.29
C SER J 27 -1.68 13.27 6.75
N GLY J 28 -1.64 12.03 7.24
CA GLY J 28 -1.95 11.73 8.63
C GLY J 28 -3.41 11.33 8.81
N HIS J 29 -4.31 11.80 7.97
CA HIS J 29 -5.69 11.38 8.16
C HIS J 29 -5.84 9.94 7.75
N ASP J 30 -6.68 9.22 8.44
CA ASP J 30 -6.83 7.80 8.17
C ASP J 30 -8.26 7.42 7.90
N TYR J 31 -9.16 8.38 7.70
CA TYR J 31 -10.55 8.13 7.25
C TYR J 31 -10.75 8.88 5.95
N LEU J 32 -11.39 8.20 4.99
CA LEU J 32 -11.65 8.81 3.68
C LEU J 32 -13.05 8.52 3.21
N PHE J 33 -13.80 9.57 2.88
CA PHE J 33 -15.19 9.49 2.49
C PHE J 33 -15.33 9.98 1.04
N TRP J 34 -16.16 9.30 0.27
CA TRP J 34 -16.54 9.74 -1.06
C TRP J 34 -18.03 10.03 -1.03
N TYR J 35 -18.39 11.22 -1.53
CA TYR J 35 -19.79 11.66 -1.63
C TYR J 35 -20.18 12.06 -3.03
N ARG J 36 -21.48 12.17 -3.22
CA ARG J 36 -22.01 12.56 -4.52
C ARG J 36 -23.18 13.48 -4.25
N GLN J 37 -23.29 14.54 -5.03
CA GLN J 37 -24.39 15.49 -4.96
C GLN J 37 -24.94 15.79 -6.35
N THR J 38 -26.22 15.58 -6.52
CA THR J 38 -26.88 15.86 -7.79
C THR J 38 -27.58 17.20 -7.60
N MET J 39 -27.53 18.05 -8.63
CA MET J 39 -27.85 19.48 -8.49
C MET J 39 -29.28 19.64 -8.02
N MET J 40 -30.08 18.65 -8.40
CA MET J 40 -31.23 18.22 -7.63
C MET J 40 -30.75 17.81 -6.22
N ARG J 41 -31.04 18.65 -5.20
CA ARG J 41 -30.85 18.35 -3.73
C ARG J 41 -29.39 18.12 -3.07
N GLY J 42 -29.27 17.11 -2.19
CA GLY J 42 -28.16 16.99 -1.25
C GLY J 42 -27.10 15.92 -1.54
N LEU J 43 -26.13 15.91 -0.63
CA LEU J 43 -25.09 14.95 -0.62
C LEU J 43 -25.67 13.59 -0.23
N GLU J 44 -24.96 12.59 -0.70
CA GLU J 44 -25.13 11.24 -0.27
C GLU J 44 -23.78 10.65 -0.20
N LEU J 45 -23.53 9.91 0.88
CA LEU J 45 -22.30 9.12 1.02
C LEU J 45 -22.33 7.93 0.06
N LEU J 46 -21.25 7.73 -0.68
CA LEU J 46 -21.05 6.50 -1.48
C LEU J 46 -20.37 5.43 -0.63
N ILE J 47 -19.25 5.80 -0.02
CA ILE J 47 -18.46 4.87 0.73
C ILE J 47 -17.51 5.63 1.63
N TYR J 48 -17.09 5.00 2.73
CA TYR J 48 -15.90 5.50 3.41
C TYR J 48 -14.98 4.40 3.79
N PHE J 49 -13.73 4.78 4.03
CA PHE J 49 -12.66 3.89 4.35
C PHE J 49 -12.04 4.30 5.66
N ASN J 50 -11.48 3.31 6.35
CA ASN J 50 -10.63 3.55 7.50
C ASN J 50 -9.42 2.67 7.37
N ASN J 51 -8.26 3.25 7.56
CA ASN J 51 -7.01 2.58 7.30
C ASN J 51 -7.00 1.81 5.99
N ASN J 52 -7.55 2.44 4.95
CA ASN J 52 -7.60 1.91 3.61
C ASN J 52 -8.60 0.80 3.38
N VAL J 53 -9.33 0.41 4.43
CA VAL J 53 -10.28 -0.66 4.35
C VAL J 53 -11.68 -0.07 4.30
N PRO J 54 -12.52 -0.53 3.35
CA PRO J 54 -13.87 -0.03 3.23
C PRO J 54 -14.68 -0.49 4.40
N ILE J 55 -15.40 0.44 5.03
CA ILE J 55 -16.18 0.12 6.19
C ILE J 55 -17.67 0.11 5.88
N ASP J 56 -18.14 1.11 5.17
CA ASP J 56 -19.56 1.21 4.85
C ASP J 56 -19.72 1.61 3.42
N ASP J 57 -20.33 0.74 2.64
CA ASP J 57 -20.52 0.94 1.24
C ASP J 57 -21.98 0.79 0.85
N SER J 58 -22.87 0.82 1.83
CA SER J 58 -24.32 0.78 1.59
C SER J 58 -24.85 1.77 0.56
N GLY J 59 -24.19 2.93 0.43
CA GLY J 59 -24.65 3.96 -0.49
C GLY J 59 -24.04 3.86 -1.86
N MET J 60 -23.20 2.85 -2.03
CA MET J 60 -22.62 2.59 -3.31
C MET J 60 -23.67 2.01 -4.26
N PRO J 61 -23.80 2.56 -5.48
CA PRO J 61 -24.68 1.98 -6.50
C PRO J 61 -24.38 0.52 -6.68
N GLU J 62 -25.36 -0.30 -6.99
CA GLU J 62 -25.00 -1.72 -7.02
C GLU J 62 -24.23 -2.16 -8.24
N ASP J 63 -24.13 -1.36 -9.29
CA ASP J 63 -23.64 -1.88 -10.53
C ASP J 63 -22.26 -1.41 -11.09
N ARG J 64 -22.07 -0.14 -11.41
CA ARG J 64 -20.92 0.24 -12.31
C ARG J 64 -19.82 1.06 -11.56
N PHE J 65 -19.86 1.01 -10.24
CA PHE J 65 -19.09 1.86 -9.41
C PHE J 65 -18.13 1.00 -8.60
N SER J 66 -16.93 1.50 -8.44
CA SER J 66 -15.91 0.75 -7.76
C SER J 66 -14.92 1.73 -7.06
N ALA J 67 -14.69 1.54 -5.77
CA ALA J 67 -13.86 2.47 -5.00
C ALA J 67 -12.74 1.69 -4.38
N LYS J 68 -11.54 2.26 -4.41
CA LYS J 68 -10.39 1.57 -3.86
C LYS J 68 -9.53 2.53 -3.14
N MET J 69 -8.73 2.00 -2.24
CA MET J 69 -7.73 2.79 -1.55
C MET J 69 -6.46 1.97 -1.42
N PRO J 70 -5.64 1.95 -2.47
CA PRO J 70 -4.36 1.18 -2.43
C PRO J 70 -3.34 1.61 -1.34
N ASN J 71 -3.36 2.86 -0.91
CA ASN J 71 -2.47 3.25 0.20
C ASN J 71 -3.10 4.40 0.88
N ALA J 72 -2.49 4.85 1.97
CA ALA J 72 -3.14 5.87 2.81
C ALA J 72 -3.22 7.22 2.04
N SER J 73 -2.40 7.42 1.01
CA SER J 73 -2.38 8.71 0.35
C SER J 73 -3.26 8.81 -0.87
N PHE J 74 -4.09 7.82 -1.16
CA PHE J 74 -4.70 7.82 -2.47
C PHE J 74 -5.93 6.93 -2.57
N SER J 75 -7.05 7.49 -3.02
CA SER J 75 -8.21 6.67 -3.33
C SER J 75 -8.71 6.97 -4.69
N THR J 76 -9.30 5.97 -5.34
CA THR J 76 -9.97 6.18 -6.60
C THR J 76 -11.39 5.75 -6.51
N LEU J 77 -12.22 6.40 -7.30
CA LEU J 77 -13.54 5.91 -7.52
C LEU J 77 -13.62 5.75 -9.05
N LYS J 78 -14.07 4.59 -9.51
CA LYS J 78 -14.19 4.29 -10.94
C LYS J 78 -15.63 3.97 -11.32
N ILE J 79 -15.99 4.50 -12.49
CA ILE J 79 -17.26 4.24 -13.09
C ILE J 79 -16.97 3.65 -14.44
N GLN J 80 -17.47 2.43 -14.68
CA GLN J 80 -17.29 1.75 -15.97
C GLN J 80 -18.46 0.82 -16.20
N PRO J 81 -19.20 0.94 -17.31
CA PRO J 81 -19.16 2.12 -18.20
C PRO J 81 -20.03 3.27 -17.65
N SER J 82 -19.66 4.51 -17.97
CA SER J 82 -20.38 5.68 -17.45
C SER J 82 -21.69 5.88 -18.18
N GLU J 83 -22.66 6.49 -17.53
CA GLU J 83 -23.95 6.82 -18.15
C GLU J 83 -24.30 8.24 -17.77
N PRO J 84 -25.17 8.89 -18.53
CA PRO J 84 -25.52 10.26 -18.19
C PRO J 84 -26.03 10.49 -16.78
N ARG J 85 -26.78 9.54 -16.24
CA ARG J 85 -27.29 9.71 -14.90
C ARG J 85 -26.19 9.79 -13.88
N ASP J 86 -24.94 9.43 -14.22
CA ASP J 86 -23.85 9.58 -13.24
C ASP J 86 -23.35 11.00 -13.11
N SER J 87 -23.87 11.92 -13.91
CA SER J 87 -23.46 13.31 -13.79
C SER J 87 -23.73 13.86 -12.40
N ALA J 88 -22.76 14.55 -11.84
CA ALA J 88 -22.86 14.99 -10.48
C ALA J 88 -21.60 15.69 -10.11
N VAL J 89 -21.56 16.29 -8.93
CA VAL J 89 -20.30 16.67 -8.27
C VAL J 89 -19.91 15.56 -7.29
N TYR J 90 -18.68 15.12 -7.36
CA TYR J 90 -18.22 14.07 -6.47
C TYR J 90 -17.22 14.73 -5.57
N PHE J 91 -17.45 14.63 -4.27
CA PHE J 91 -16.60 15.21 -3.25
C PHE J 91 -15.85 14.09 -2.54
N CYS J 92 -14.67 14.38 -2.09
CA CYS J 92 -13.94 13.46 -1.29
C CYS J 92 -13.66 14.20 0.00
N ALA J 93 -13.63 13.50 1.12
CA ALA J 93 -13.29 14.14 2.40
C ALA J 93 -12.42 13.23 3.21
N SER J 94 -11.63 13.81 4.11
CA SER J 94 -10.82 12.98 4.98
C SER J 94 -10.89 13.49 6.41
N SER J 95 -10.62 12.59 7.35
CA SER J 95 -10.66 13.00 8.73
C SER J 95 -9.90 12.07 9.64
N LEU J 96 -9.94 12.41 10.92
CA LEU J 96 -9.38 11.66 12.03
C LEU J 96 -10.47 11.39 13.06
N TRP J 97 -10.25 10.41 13.90
CA TRP J 97 -11.26 10.00 14.88
C TRP J 97 -11.74 11.19 15.76
N GLU J 98 -10.80 11.98 16.24
CA GLU J 98 -11.11 13.14 17.11
C GLU J 98 -11.86 14.23 16.40
N LYS J 99 -11.68 14.38 15.10
CA LYS J 99 -12.42 15.37 14.40
C LYS J 99 -13.78 14.77 14.09
N LEU J 100 -13.82 13.46 13.95
CA LEU J 100 -15.08 12.86 13.63
C LEU J 100 -15.95 12.86 14.85
N ALA J 101 -15.39 12.89 16.04
CA ALA J 101 -16.22 12.90 17.25
C ALA J 101 -16.91 14.23 17.38
N LYS J 102 -16.41 15.26 16.70
CA LYS J 102 -17.06 16.59 16.64
C LYS J 102 -17.70 16.78 15.27
N ASN J 103 -17.83 15.67 14.51
CA ASN J 103 -18.47 15.65 13.21
C ASN J 103 -17.84 16.64 12.24
N ILE J 104 -16.53 16.78 12.37
CA ILE J 104 -15.67 17.53 11.44
C ILE J 104 -15.01 16.58 10.44
N GLN J 105 -14.88 17.08 9.23
CA GLN J 105 -14.48 16.34 8.05
C GLN J 105 -13.84 17.39 7.13
N TYR J 106 -12.78 17.08 6.39
CA TYR J 106 -12.19 18.07 5.45
C TYR J 106 -12.46 17.70 4.01
N PHE J 107 -13.04 18.65 3.28
CA PHE J 107 -13.60 18.38 1.94
C PHE J 107 -12.67 18.83 0.90
N GLY J 108 -12.57 18.00 -0.15
CA GLY J 108 -11.92 18.42 -1.38
C GLY J 108 -12.79 19.45 -2.05
N ALA J 109 -12.24 20.10 -3.05
CA ALA J 109 -13.00 21.05 -3.90
C ALA J 109 -14.04 20.32 -4.83
N GLY J 110 -14.02 19.01 -4.88
CA GLY J 110 -14.98 18.29 -5.73
C GLY J 110 -14.54 18.13 -7.19
N THR J 111 -15.15 17.17 -7.87
CA THR J 111 -14.96 16.95 -9.29
C THR J 111 -16.35 17.16 -9.83
N ARG J 112 -16.48 18.04 -10.82
CA ARG J 112 -17.70 18.18 -11.58
C ARG J 112 -17.71 17.27 -12.84
N LEU J 113 -18.63 16.29 -12.88
CA LEU J 113 -18.69 15.31 -13.93
C LEU J 113 -19.93 15.45 -14.75
N SER J 114 -19.74 15.66 -16.05
CA SER J 114 -20.83 15.59 -17.02
C SER J 114 -20.59 14.43 -17.99
N VAL J 115 -21.45 13.43 -17.91
CA VAL J 115 -21.46 12.31 -18.81
C VAL J 115 -22.60 12.54 -19.78
N LEU J 116 -22.23 12.71 -21.04
CA LEU J 116 -23.10 13.15 -22.11
C LEU J 116 -23.47 11.99 -23.05
N GLU J 117 -24.68 12.07 -23.59
CA GLU J 117 -25.14 11.13 -24.59
C GLU J 117 -24.36 11.23 -25.88
N ASP J 118 -24.03 12.47 -26.27
CA ASP J 118 -23.32 12.74 -27.51
C ASP J 118 -22.49 14.01 -27.43
N LEU J 119 -21.25 13.91 -27.85
CA LEU J 119 -20.35 15.05 -27.87
C LEU J 119 -20.70 16.10 -28.95
N LYS J 120 -21.56 15.75 -29.90
CA LYS J 120 -22.00 16.72 -30.89
C LYS J 120 -22.69 17.91 -30.25
N ASN J 121 -23.13 17.75 -29.02
CA ASN J 121 -23.91 18.78 -28.34
C ASN J 121 -23.02 19.81 -27.60
N VAL J 122 -21.73 19.53 -27.55
CA VAL J 122 -20.76 20.32 -26.82
C VAL J 122 -20.32 21.55 -27.61
N PHE J 123 -20.47 22.74 -27.04
CA PHE J 123 -19.98 23.96 -27.70
C PHE J 123 -19.24 24.83 -26.72
N PRO J 124 -18.22 25.52 -27.19
CA PRO J 124 -17.61 26.49 -26.29
C PRO J 124 -18.42 27.80 -26.30
N PRO J 125 -18.18 28.67 -25.31
CA PRO J 125 -18.82 29.97 -25.32
C PRO J 125 -18.25 30.96 -26.33
N GLU J 126 -19.13 31.84 -26.83
CA GLU J 126 -18.65 33.09 -27.44
C GLU J 126 -18.72 34.11 -26.32
N VAL J 127 -17.81 35.05 -26.35
CA VAL J 127 -17.68 36.00 -25.29
C VAL J 127 -17.56 37.42 -25.82
N ALA J 128 -18.48 38.27 -25.41
CA ALA J 128 -18.46 39.67 -25.77
C ALA J 128 -18.41 40.53 -24.50
N VAL J 129 -17.68 41.63 -24.57
CA VAL J 129 -17.70 42.64 -23.53
C VAL J 129 -18.45 43.85 -24.03
N PHE J 130 -19.06 44.57 -23.10
CA PHE J 130 -19.77 45.78 -23.43
C PHE J 130 -19.27 46.91 -22.54
N GLU J 131 -18.95 48.06 -23.18
CA GLU J 131 -18.31 49.19 -22.51
C GLU J 131 -19.33 50.00 -21.71
N PRO J 132 -18.86 50.82 -20.75
CA PRO J 132 -19.76 51.63 -19.92
C PRO J 132 -20.53 52.71 -20.66
N SER J 133 -21.78 52.88 -20.28
CA SER J 133 -22.62 53.95 -20.77
C SER J 133 -22.12 55.30 -20.25
N GLU J 134 -22.19 56.34 -21.10
CA GLU J 134 -21.78 57.68 -20.72
C GLU J 134 -22.80 58.22 -19.74
N ALA J 135 -24.09 57.97 -20.01
CA ALA J 135 -25.17 58.37 -19.10
C ALA J 135 -24.79 58.01 -17.66
N GLU J 136 -24.43 56.73 -17.47
CA GLU J 136 -23.97 56.17 -16.19
C GLU J 136 -22.79 56.91 -15.59
N ILE J 137 -21.77 57.20 -16.39
CA ILE J 137 -20.55 57.93 -15.93
C ILE J 137 -20.84 59.35 -15.37
N SER J 138 -21.74 60.09 -16.00
CA SER J 138 -22.06 61.43 -15.55
C SER J 138 -23.02 61.43 -14.35
N HIS J 139 -24.07 60.59 -14.40
CA HIS J 139 -25.10 60.55 -13.35
C HIS J 139 -24.66 59.89 -12.02
N THR J 140 -23.72 58.94 -12.11
CA THR J 140 -23.22 58.17 -10.96
C THR J 140 -21.72 58.31 -10.65
N GLN J 141 -20.92 58.79 -11.59
CA GLN J 141 -19.45 58.76 -11.50
C GLN J 141 -18.89 57.34 -11.37
N LYS J 142 -19.55 56.40 -12.03
CA LYS J 142 -19.17 55.00 -11.98
C LYS J 142 -19.39 54.35 -13.35
N ALA J 143 -18.72 53.24 -13.58
CA ALA J 143 -18.65 52.64 -14.90
C ALA J 143 -18.86 51.16 -14.78
N THR J 144 -19.88 50.64 -15.47
CA THR J 144 -20.15 49.19 -15.48
C THR J 144 -19.76 48.56 -16.79
N LEU J 145 -18.84 47.59 -16.74
CA LEU J 145 -18.52 46.74 -17.86
C LEU J 145 -19.35 45.51 -17.62
N VAL J 146 -20.01 45.02 -18.67
CA VAL J 146 -20.65 43.73 -18.59
C VAL J 146 -20.03 42.83 -19.64
N CYS J 147 -19.89 41.59 -19.23
CA CYS J 147 -19.34 40.54 -20.04
C CYS J 147 -20.38 39.49 -20.24
N LEU J 148 -20.55 39.06 -21.47
CA LEU J 148 -21.50 38.02 -21.81
C LEU J 148 -20.77 36.82 -22.37
N ALA J 149 -21.13 35.65 -21.87
CA ALA J 149 -20.66 34.39 -22.37
C ALA J 149 -21.88 33.66 -22.87
N THR J 150 -21.89 33.36 -24.15
CA THR J 150 -23.07 32.83 -24.80
C THR J 150 -22.76 31.55 -25.57
N GLY J 151 -23.73 30.65 -25.60
CA GLY J 151 -23.72 29.51 -26.50
C GLY J 151 -22.94 28.28 -26.06
N PHE J 152 -22.72 28.09 -24.77
CA PHE J 152 -21.90 26.98 -24.35
C PHE J 152 -22.66 25.83 -23.78
N TYR J 153 -22.07 24.66 -23.95
CA TYR J 153 -22.62 23.43 -23.43
C TYR J 153 -21.48 22.43 -23.34
N PRO J 154 -21.39 21.67 -22.26
CA PRO J 154 -22.25 21.76 -21.08
C PRO J 154 -21.91 22.98 -20.21
N ASP J 155 -22.39 22.97 -18.98
CA ASP J 155 -22.33 24.03 -17.98
C ASP J 155 -21.02 24.09 -17.15
N HIS J 156 -19.86 24.16 -17.80
CA HIS J 156 -18.60 24.12 -17.07
C HIS J 156 -17.77 25.29 -17.46
N VAL J 157 -17.89 26.34 -16.69
CA VAL J 157 -17.33 27.61 -17.05
C VAL J 157 -16.91 28.37 -15.80
N GLU J 158 -15.74 28.97 -15.86
CA GLU J 158 -15.17 29.84 -14.79
C GLU J 158 -14.83 31.15 -15.49
N LEU J 159 -15.55 32.18 -15.12
CA LEU J 159 -15.41 33.53 -15.60
C LEU J 159 -14.55 34.34 -14.61
N SER J 160 -13.71 35.22 -15.12
CA SER J 160 -12.85 36.02 -14.26
C SER J 160 -12.50 37.31 -14.98
N TRP J 161 -12.44 38.41 -14.23
CA TRP J 161 -12.00 39.70 -14.77
C TRP J 161 -10.51 39.91 -14.52
N TRP J 162 -9.82 40.44 -15.52
CA TRP J 162 -8.42 40.83 -15.41
C TRP J 162 -8.30 42.34 -15.78
N VAL J 163 -7.59 43.09 -14.96
CA VAL J 163 -7.28 44.47 -15.29
C VAL J 163 -5.77 44.60 -15.16
N ASN J 164 -5.21 45.19 -16.20
CA ASN J 164 -3.76 45.28 -16.42
C ASN J 164 -2.97 44.04 -16.03
N GLY J 165 -3.45 42.86 -16.46
CA GLY J 165 -2.78 41.55 -16.19
C GLY J 165 -2.88 40.94 -14.78
N LYS J 166 -3.65 41.57 -13.89
CA LYS J 166 -3.93 41.02 -12.55
C LYS J 166 -5.40 40.63 -12.39
N GLU J 167 -5.65 39.44 -11.85
CA GLU J 167 -7.03 39.04 -11.56
C GLU J 167 -7.64 39.99 -10.52
N VAL J 168 -8.92 40.29 -10.68
CA VAL J 168 -9.60 41.32 -9.89
C VAL J 168 -10.93 40.81 -9.30
N HIS J 169 -11.19 41.15 -8.04
CA HIS J 169 -12.41 40.71 -7.32
C HIS J 169 -13.35 41.84 -6.89
N SER J 170 -12.80 42.97 -6.46
CA SER J 170 -13.65 44.08 -6.04
C SER J 170 -14.40 44.63 -7.24
N GLY J 171 -15.72 44.77 -7.09
CA GLY J 171 -16.57 45.31 -8.15
C GLY J 171 -17.21 44.26 -9.06
N VAL J 172 -16.93 42.98 -8.81
CA VAL J 172 -17.43 41.96 -9.71
C VAL J 172 -18.65 41.25 -9.17
N CYS J 173 -19.45 40.83 -10.14
CA CYS J 173 -20.73 40.23 -9.93
C CYS J 173 -20.93 39.31 -11.07
N THR J 174 -20.82 38.02 -10.79
CA THR J 174 -21.06 36.99 -11.78
C THR J 174 -22.34 36.27 -11.39
N ASP J 175 -23.15 35.91 -12.36
CA ASP J 175 -24.34 35.15 -12.07
C ASP J 175 -23.95 33.84 -11.38
N PRO J 176 -24.63 33.50 -10.27
CA PRO J 176 -24.31 32.22 -9.64
C PRO J 176 -24.68 31.02 -10.54
N GLN J 177 -25.68 31.22 -11.40
CA GLN J 177 -26.20 30.16 -12.25
C GLN J 177 -26.31 30.65 -13.70
N PRO J 178 -26.01 29.77 -14.66
CA PRO J 178 -26.12 30.09 -16.08
C PRO J 178 -27.54 30.01 -16.62
N LEU J 179 -27.87 30.88 -17.56
CA LEU J 179 -29.20 30.95 -18.18
C LEU J 179 -29.24 29.93 -19.32
N LYS J 180 -30.42 29.38 -19.63
CA LYS J 180 -30.54 28.57 -20.83
C LYS J 180 -31.14 29.39 -21.96
N GLU J 181 -30.57 29.24 -23.15
CA GLU J 181 -31.20 29.69 -24.40
C GLU J 181 -32.10 28.53 -24.78
N GLN J 182 -33.20 28.75 -25.44
CA GLN J 182 -34.11 27.64 -25.69
C GLN J 182 -34.39 26.94 -24.35
N PRO J 183 -34.91 27.70 -23.36
CA PRO J 183 -35.05 27.10 -22.02
C PRO J 183 -36.04 25.91 -21.96
N ALA J 184 -36.74 25.65 -23.06
CA ALA J 184 -37.56 24.43 -23.24
C ALA J 184 -36.71 23.18 -23.41
N LEU J 185 -35.63 23.26 -24.17
CA LEU J 185 -34.77 22.09 -24.39
C LEU J 185 -34.06 21.68 -23.10
N ASN J 186 -34.15 20.40 -22.76
CA ASN J 186 -33.46 19.85 -21.58
C ASN J 186 -31.98 20.07 -21.70
N ASP J 187 -31.43 19.60 -22.82
CA ASP J 187 -30.01 19.74 -23.12
C ASP J 187 -29.75 21.01 -23.95
N SER J 188 -30.17 22.15 -23.40
CA SER J 188 -30.03 23.46 -24.06
C SER J 188 -28.62 24.06 -23.88
N ARG J 189 -28.22 24.94 -24.79
CA ARG J 189 -26.97 25.64 -24.61
C ARG J 189 -27.20 26.74 -23.56
N TYR J 190 -26.12 27.37 -23.06
CA TYR J 190 -26.21 28.24 -21.88
C TYR J 190 -25.66 29.63 -22.08
N ALA J 191 -26.02 30.53 -21.15
CA ALA J 191 -25.53 31.91 -21.15
C ALA J 191 -25.19 32.37 -19.75
N LEU J 192 -24.20 33.26 -19.66
CA LEU J 192 -23.72 33.75 -18.38
C LEU J 192 -23.28 35.20 -18.49
N SER J 193 -23.62 36.02 -17.49
CA SER J 193 -23.14 37.40 -17.43
C SER J 193 -22.37 37.68 -16.15
N SER J 194 -21.60 38.76 -16.22
CA SER J 194 -20.78 39.23 -15.12
C SER J 194 -20.65 40.75 -15.29
N ARG J 195 -20.49 41.47 -14.19
CA ARG J 195 -20.37 42.92 -14.21
C ARG J 195 -19.05 43.28 -13.58
N LEU J 196 -18.49 44.40 -14.00
CA LEU J 196 -17.35 44.96 -13.31
C LEU J 196 -17.52 46.49 -13.28
N ARG J 197 -17.62 47.05 -12.09
CA ARG J 197 -17.69 48.50 -11.91
C ARG J 197 -16.49 49.04 -11.20
N VAL J 198 -16.10 50.22 -11.68
CA VAL J 198 -14.92 50.92 -11.27
C VAL J 198 -15.31 52.36 -11.21
N SER J 199 -14.51 53.16 -10.53
CA SER J 199 -14.74 54.59 -10.54
C SER J 199 -14.70 55.09 -12.00
N ALA J 200 -15.51 56.11 -12.30
CA ALA J 200 -15.54 56.71 -13.63
C ALA J 200 -14.14 57.16 -14.09
N THR J 201 -13.33 57.67 -13.15
CA THR J 201 -11.92 58.05 -13.40
C THR J 201 -11.00 56.89 -13.78
N PHE J 202 -11.39 55.68 -13.41
CA PHE J 202 -10.60 54.54 -13.71
C PHE J 202 -10.85 54.15 -15.14
N TRP J 203 -12.12 54.14 -15.55
CA TRP J 203 -12.41 53.77 -16.92
C TRP J 203 -11.90 54.78 -17.92
N GLN J 204 -11.80 56.04 -17.50
CA GLN J 204 -11.32 57.11 -18.36
C GLN J 204 -9.82 57.12 -18.58
N ASP J 205 -9.06 56.50 -17.69
CA ASP J 205 -7.64 56.36 -17.96
C ASP J 205 -7.46 55.46 -19.18
N PRO J 206 -6.82 55.97 -20.26
CA PRO J 206 -6.61 55.12 -21.44
C PRO J 206 -5.54 54.03 -21.23
N ARG J 207 -4.77 54.14 -20.16
CA ARG J 207 -3.78 53.09 -19.80
C ARG J 207 -4.42 51.84 -19.24
N ASN J 208 -5.75 51.79 -19.16
CA ASN J 208 -6.41 50.77 -18.38
C ASN J 208 -6.88 49.59 -19.23
N HIS J 209 -6.32 48.42 -18.93
CA HIS J 209 -6.63 47.20 -19.65
C HIS J 209 -7.67 46.31 -18.87
N PHE J 210 -8.79 46.03 -19.56
CA PHE J 210 -9.94 45.31 -19.04
C PHE J 210 -10.08 44.04 -19.81
N ARG J 211 -10.17 42.91 -19.11
CA ARG J 211 -10.39 41.63 -19.76
C ARG J 211 -11.33 40.68 -19.03
N CYS J 212 -12.41 40.33 -19.71
CA CYS J 212 -13.30 39.25 -19.30
C CYS J 212 -12.83 37.90 -19.85
N GLN J 213 -12.50 36.97 -18.96
CA GLN J 213 -11.87 35.69 -19.33
C GLN J 213 -12.71 34.50 -18.90
N VAL J 214 -12.97 33.59 -19.85
CA VAL J 214 -13.73 32.42 -19.52
C VAL J 214 -13.06 31.12 -19.78
N GLN J 215 -12.89 30.34 -18.72
CA GLN J 215 -12.37 28.96 -18.84
C GLN J 215 -13.54 28.03 -19.08
N PHE J 216 -13.54 27.35 -20.22
CA PHE J 216 -14.55 26.35 -20.60
C PHE J 216 -13.89 24.99 -20.51
N TYR J 217 -14.58 24.03 -19.90
CA TYR J 217 -14.14 22.63 -19.90
C TYR J 217 -14.98 21.79 -20.86
N GLY J 218 -14.30 21.10 -21.75
CA GLY J 218 -14.93 20.35 -22.84
C GLY J 218 -14.13 19.10 -23.20
N LEU J 219 -13.95 18.88 -24.50
CA LEU J 219 -13.23 17.71 -24.95
C LEU J 219 -11.72 17.76 -24.65
N SER J 220 -11.15 16.60 -24.38
CA SER J 220 -9.74 16.42 -24.14
C SER J 220 -9.20 15.88 -25.47
N GLU J 221 -7.90 15.58 -25.54
CA GLU J 221 -7.31 15.05 -26.79
C GLU J 221 -7.57 13.58 -27.01
N ASN J 222 -7.98 12.87 -25.96
CA ASN J 222 -8.40 11.48 -26.10
C ASN J 222 -9.65 11.32 -26.95
N ASP J 223 -10.56 12.30 -26.85
CA ASP J 223 -11.88 12.23 -27.51
C ASP J 223 -11.77 12.33 -29.04
N GLU J 224 -12.39 11.39 -29.74
CA GLU J 224 -12.43 11.45 -31.21
C GLU J 224 -13.44 12.53 -31.66
N TRP J 225 -13.11 13.24 -32.74
CA TRP J 225 -13.98 14.27 -33.27
C TRP J 225 -13.91 14.23 -34.78
N THR J 226 -15.06 14.21 -35.44
CA THR J 226 -15.12 14.17 -36.91
C THR J 226 -16.07 15.21 -37.51
N GLN J 227 -16.61 16.10 -36.71
CA GLN J 227 -17.54 17.09 -37.23
C GLN J 227 -16.84 18.15 -38.05
N ASP J 228 -17.59 18.72 -38.99
CA ASP J 228 -17.24 19.97 -39.68
C ASP J 228 -16.53 21.05 -38.84
N ARG J 229 -17.09 21.37 -37.69
CA ARG J 229 -16.65 22.51 -36.90
C ARG J 229 -15.52 22.14 -35.95
N ALA J 230 -14.84 23.15 -35.43
CA ALA J 230 -13.69 22.98 -34.57
C ALA J 230 -14.03 22.10 -33.41
N LYS J 231 -13.13 21.20 -33.06
CA LYS J 231 -13.31 20.39 -31.88
C LYS J 231 -13.46 21.29 -30.64
N PRO J 232 -14.60 21.17 -29.90
CA PRO J 232 -14.84 22.02 -28.73
C PRO J 232 -14.05 21.58 -27.50
N VAL J 233 -12.74 21.72 -27.62
CA VAL J 233 -11.84 21.36 -26.57
C VAL J 233 -11.96 22.31 -25.38
N THR J 234 -11.56 21.83 -24.22
CA THR J 234 -11.26 22.68 -23.06
C THR J 234 -10.44 23.85 -23.50
N GLN J 235 -10.89 25.04 -23.19
CA GLN J 235 -10.22 26.23 -23.71
C GLN J 235 -10.62 27.46 -22.94
N ILE J 236 -9.75 28.47 -22.99
CA ILE J 236 -10.03 29.82 -22.53
C ILE J 236 -10.41 30.72 -23.69
N VAL J 237 -11.57 31.37 -23.59
CA VAL J 237 -11.94 32.41 -24.56
C VAL J 237 -12.18 33.73 -23.85
N SER J 238 -11.74 34.84 -24.45
CA SER J 238 -11.79 36.16 -23.79
C SER J 238 -12.07 37.31 -24.77
N ALA J 239 -12.56 38.39 -24.19
CA ALA J 239 -12.93 39.59 -24.87
C ALA J 239 -12.38 40.68 -23.98
N GLU J 240 -12.20 41.89 -24.52
CA GLU J 240 -11.45 42.91 -23.82
C GLU J 240 -11.84 44.35 -24.17
N ALA J 241 -11.32 45.30 -23.40
CA ALA J 241 -11.62 46.71 -23.64
C ALA J 241 -10.62 47.66 -22.98
N TRP J 242 -10.55 48.86 -23.54
CA TRP J 242 -9.63 49.91 -23.13
C TRP J 242 -10.40 51.11 -22.61
N GLY J 243 -9.80 51.80 -21.64
CA GLY J 243 -10.33 53.02 -21.09
C GLY J 243 -10.10 54.15 -22.06
N ARG J 244 -10.75 55.28 -21.82
CA ARG J 244 -10.83 56.37 -22.77
C ARG J 244 -11.31 57.60 -22.06
N ALA J 245 -10.72 58.76 -22.33
CA ALA J 245 -11.14 60.00 -21.67
C ALA J 245 -12.49 60.51 -22.16
N ASP J 246 -12.80 60.32 -23.46
CA ASP J 246 -14.15 60.59 -23.98
C ASP J 246 -14.61 59.46 -24.91
#